data_3R3Q
# 
_entry.id   3R3Q 
# 
_audit_conform.dict_name       mmcif_pdbx.dic 
_audit_conform.dict_version    5.379 
_audit_conform.dict_location   http://mmcif.pdb.org/dictionaries/ascii/mmcif_pdbx.dic 
# 
loop_
_database_2.database_id 
_database_2.database_code 
_database_2.pdbx_database_accession 
_database_2.pdbx_DOI 
PDB   3R3Q         pdb_00003r3q 10.2210/pdb3r3q/pdb 
RCSB  RCSB064450   ?            ?                   
WWPDB D_1000064450 ?            ?                   
# 
_pdbx_database_related.db_name        PDB 
_pdbx_database_related.db_id          3R42 
_pdbx_database_related.details        'vps23 UEV domain bound to vps27 peptide' 
_pdbx_database_related.content_type   unspecified 
# 
_pdbx_database_status.status_code                     REL 
_pdbx_database_status.entry_id                        3R3Q 
_pdbx_database_status.recvd_initial_deposition_date   2011-03-16 
_pdbx_database_status.deposit_site                    RCSB 
_pdbx_database_status.process_site                    RCSB 
_pdbx_database_status.status_code_sf                  REL 
_pdbx_database_status.status_code_mr                  ? 
_pdbx_database_status.SG_entry                        ? 
_pdbx_database_status.status_code_cs                  ? 
_pdbx_database_status.pdb_format_compatible           Y 
_pdbx_database_status.status_code_nmr_data            ? 
_pdbx_database_status.methods_development_category    ? 
# 
loop_
_audit_author.name 
_audit_author.pdbx_ordinal 
'Ren, X.'      1 
'Hurley, J.H.' 2 
# 
_citation.id                        primary 
_citation.title                     'Structural basis for endosomal recruitment of ESCRT-I by ESCRT-0 in yeast.' 
_citation.journal_abbrev            'Embo J.' 
_citation.journal_volume            30 
_citation.page_first                2130 
_citation.page_last                 2139 
_citation.year                      2011 
_citation.journal_id_ASTM           EMJODG 
_citation.country                   UK 
_citation.journal_id_ISSN           0261-4189 
_citation.journal_id_CSD            0897 
_citation.book_publisher            ? 
_citation.pdbx_database_id_PubMed   21505419 
_citation.pdbx_database_id_DOI      10.1038/emboj.2011.122 
# 
loop_
_citation_author.citation_id 
_citation_author.name 
_citation_author.ordinal 
_citation_author.identifier_ORCID 
primary 'Ren, X.'      1 ? 
primary 'Hurley, J.H.' 2 ? 
# 
_cell.entry_id           3R3Q 
_cell.length_a           36.059 
_cell.length_b           47.139 
_cell.length_c           92.946 
_cell.angle_alpha        90.00 
_cell.angle_beta         90.00 
_cell.angle_gamma        90.00 
_cell.Z_PDB              4 
_cell.pdbx_unique_axis   ? 
_cell.length_a_esd       ? 
_cell.length_b_esd       ? 
_cell.length_c_esd       ? 
_cell.angle_alpha_esd    ? 
_cell.angle_beta_esd     ? 
_cell.angle_gamma_esd    ? 
# 
_symmetry.entry_id                         3R3Q 
_symmetry.space_group_name_H-M             'P 21 21 21' 
_symmetry.pdbx_full_space_group_name_H-M   ? 
_symmetry.cell_setting                     ? 
_symmetry.Int_Tables_number                19 
_symmetry.space_group_name_Hall            ? 
# 
loop_
_entity.id 
_entity.type 
_entity.src_method 
_entity.pdbx_description 
_entity.formula_weight 
_entity.pdbx_number_of_molecules 
_entity.pdbx_ec 
_entity.pdbx_mutation 
_entity.pdbx_fragment 
_entity.details 
1 polymer     man 'Suppressor protein STP22 of temperature-sensitive alpha-factor receptor and arginine permease' 18009.535 1   ? 
C133A 'N-terminal UEV domain (UNP residues 1-160)' ? 
2 non-polymer syn 'ZINC ION'                                                                                      65.409    9   ? 
?     ?                                            ? 
3 non-polymer syn 'CHLORIDE ION'                                                                                  35.453    1   ? 
?     ?                                            ? 
4 non-polymer syn IMIDAZOLE                                                                                       69.085    7   ? 
?     ?                                            ? 
5 non-polymer syn 'ACETATE ION'                                                                                   59.044    4   ? 
?     ?                                            ? 
6 water       nat water                                                                                           18.015    122 ? 
?     ?                                            ? 
# 
_entity_name_com.entity_id   1 
_entity_name_com.name        'ESCRT-I complex subunit VPS23, Vacuolar protein sorting-associated protein 23' 
# 
_entity_poly.entity_id                      1 
_entity_poly.type                           'polypeptide(L)' 
_entity_poly.nstd_linkage                   no 
_entity_poly.nstd_monomer                   no 
_entity_poly.pdbx_seq_one_letter_code       
;GAMSANGKISVPEAVVNWLFKVIQPIYNDGRTTFHDSLALLDNFHSLRPRTRVFTHSDGTPQLLLSIYGTISTGEDGSSP
HSIPVIMWVPSMYPVKPPFISINLENFDMNTISSSLPIQEYIDSNGWIALPILHAWDPAAMNLIMVVQELMSLLHEPPQD
QA
;
_entity_poly.pdbx_seq_one_letter_code_can   
;GAMSANGKISVPEAVVNWLFKVIQPIYNDGRTTFHDSLALLDNFHSLRPRTRVFTHSDGTPQLLLSIYGTISTGEDGSSP
HSIPVIMWVPSMYPVKPPFISINLENFDMNTISSSLPIQEYIDSNGWIALPILHAWDPAAMNLIMVVQELMSLLHEPPQD
QA
;
_entity_poly.pdbx_strand_id                 A 
_entity_poly.pdbx_target_identifier         ? 
# 
loop_
_entity_poly_seq.entity_id 
_entity_poly_seq.num 
_entity_poly_seq.mon_id 
_entity_poly_seq.hetero 
1 1   GLY n 
1 2   ALA n 
1 3   MET n 
1 4   SER n 
1 5   ALA n 
1 6   ASN n 
1 7   GLY n 
1 8   LYS n 
1 9   ILE n 
1 10  SER n 
1 11  VAL n 
1 12  PRO n 
1 13  GLU n 
1 14  ALA n 
1 15  VAL n 
1 16  VAL n 
1 17  ASN n 
1 18  TRP n 
1 19  LEU n 
1 20  PHE n 
1 21  LYS n 
1 22  VAL n 
1 23  ILE n 
1 24  GLN n 
1 25  PRO n 
1 26  ILE n 
1 27  TYR n 
1 28  ASN n 
1 29  ASP n 
1 30  GLY n 
1 31  ARG n 
1 32  THR n 
1 33  THR n 
1 34  PHE n 
1 35  HIS n 
1 36  ASP n 
1 37  SER n 
1 38  LEU n 
1 39  ALA n 
1 40  LEU n 
1 41  LEU n 
1 42  ASP n 
1 43  ASN n 
1 44  PHE n 
1 45  HIS n 
1 46  SER n 
1 47  LEU n 
1 48  ARG n 
1 49  PRO n 
1 50  ARG n 
1 51  THR n 
1 52  ARG n 
1 53  VAL n 
1 54  PHE n 
1 55  THR n 
1 56  HIS n 
1 57  SER n 
1 58  ASP n 
1 59  GLY n 
1 60  THR n 
1 61  PRO n 
1 62  GLN n 
1 63  LEU n 
1 64  LEU n 
1 65  LEU n 
1 66  SER n 
1 67  ILE n 
1 68  TYR n 
1 69  GLY n 
1 70  THR n 
1 71  ILE n 
1 72  SER n 
1 73  THR n 
1 74  GLY n 
1 75  GLU n 
1 76  ASP n 
1 77  GLY n 
1 78  SER n 
1 79  SER n 
1 80  PRO n 
1 81  HIS n 
1 82  SER n 
1 83  ILE n 
1 84  PRO n 
1 85  VAL n 
1 86  ILE n 
1 87  MET n 
1 88  TRP n 
1 89  VAL n 
1 90  PRO n 
1 91  SER n 
1 92  MET n 
1 93  TYR n 
1 94  PRO n 
1 95  VAL n 
1 96  LYS n 
1 97  PRO n 
1 98  PRO n 
1 99  PHE n 
1 100 ILE n 
1 101 SER n 
1 102 ILE n 
1 103 ASN n 
1 104 LEU n 
1 105 GLU n 
1 106 ASN n 
1 107 PHE n 
1 108 ASP n 
1 109 MET n 
1 110 ASN n 
1 111 THR n 
1 112 ILE n 
1 113 SER n 
1 114 SER n 
1 115 SER n 
1 116 LEU n 
1 117 PRO n 
1 118 ILE n 
1 119 GLN n 
1 120 GLU n 
1 121 TYR n 
1 122 ILE n 
1 123 ASP n 
1 124 SER n 
1 125 ASN n 
1 126 GLY n 
1 127 TRP n 
1 128 ILE n 
1 129 ALA n 
1 130 LEU n 
1 131 PRO n 
1 132 ILE n 
1 133 LEU n 
1 134 HIS n 
1 135 ALA n 
1 136 TRP n 
1 137 ASP n 
1 138 PRO n 
1 139 ALA n 
1 140 ALA n 
1 141 MET n 
1 142 ASN n 
1 143 LEU n 
1 144 ILE n 
1 145 MET n 
1 146 VAL n 
1 147 VAL n 
1 148 GLN n 
1 149 GLU n 
1 150 LEU n 
1 151 MET n 
1 152 SER n 
1 153 LEU n 
1 154 LEU n 
1 155 HIS n 
1 156 GLU n 
1 157 PRO n 
1 158 PRO n 
1 159 GLN n 
1 160 ASP n 
1 161 GLN n 
1 162 ALA n 
# 
_entity_src_gen.entity_id                          1 
_entity_src_gen.pdbx_src_id                        1 
_entity_src_gen.pdbx_alt_source_flag               sample 
_entity_src_gen.pdbx_seq_type                      ? 
_entity_src_gen.pdbx_beg_seq_num                   ? 
_entity_src_gen.pdbx_end_seq_num                   ? 
_entity_src_gen.gene_src_common_name               yeast 
_entity_src_gen.gene_src_genus                     ? 
_entity_src_gen.pdbx_gene_src_gene                 'STP22, VPS23, YCL008C, YCL8C' 
_entity_src_gen.gene_src_species                   ? 
_entity_src_gen.gene_src_strain                    ? 
_entity_src_gen.gene_src_tissue                    ? 
_entity_src_gen.gene_src_tissue_fraction           ? 
_entity_src_gen.gene_src_details                   ? 
_entity_src_gen.pdbx_gene_src_fragment             ? 
_entity_src_gen.pdbx_gene_src_scientific_name      'Saccharomyces cerevisiae' 
_entity_src_gen.pdbx_gene_src_ncbi_taxonomy_id     4932 
_entity_src_gen.pdbx_gene_src_variant              ? 
_entity_src_gen.pdbx_gene_src_cell_line            ? 
_entity_src_gen.pdbx_gene_src_atcc                 ? 
_entity_src_gen.pdbx_gene_src_organ                ? 
_entity_src_gen.pdbx_gene_src_organelle            ? 
_entity_src_gen.pdbx_gene_src_cell                 ? 
_entity_src_gen.pdbx_gene_src_cellular_location    ? 
_entity_src_gen.host_org_common_name               ? 
_entity_src_gen.pdbx_host_org_scientific_name      'Escherichia coli' 
_entity_src_gen.pdbx_host_org_ncbi_taxonomy_id     469008 
_entity_src_gen.host_org_genus                     ? 
_entity_src_gen.pdbx_host_org_gene                 ? 
_entity_src_gen.pdbx_host_org_organ                ? 
_entity_src_gen.host_org_species                   ? 
_entity_src_gen.pdbx_host_org_tissue               ? 
_entity_src_gen.pdbx_host_org_tissue_fraction      ? 
_entity_src_gen.pdbx_host_org_strain               'BL21(DE3)' 
_entity_src_gen.pdbx_host_org_variant              ? 
_entity_src_gen.pdbx_host_org_cell_line            ? 
_entity_src_gen.pdbx_host_org_atcc                 ? 
_entity_src_gen.pdbx_host_org_culture_collection   ? 
_entity_src_gen.pdbx_host_org_cell                 ? 
_entity_src_gen.pdbx_host_org_organelle            ? 
_entity_src_gen.pdbx_host_org_cellular_location    ? 
_entity_src_gen.pdbx_host_org_vector_type          plasmid 
_entity_src_gen.pdbx_host_org_vector               ? 
_entity_src_gen.host_org_details                   ? 
_entity_src_gen.expression_system_id               ? 
_entity_src_gen.plasmid_name                       pGST2 
_entity_src_gen.plasmid_details                    ? 
_entity_src_gen.pdbx_description                   ? 
# 
_struct_ref.id                         1 
_struct_ref.db_name                    UNP 
_struct_ref.db_code                    STP22_YEAST 
_struct_ref.pdbx_db_accession          P25604 
_struct_ref.entity_id                  1 
_struct_ref.pdbx_seq_one_letter_code   
;MSANGKISVPEAVVNWLFKVIQPIYNDGRTTFHDSLALLDNFHSLRPRTRVFTHSDGTPQLLLSIYGTISTGEDGSSPHS
IPVIMWVPSMYPVKPPFISINLENFDMNTISSSLPIQEYIDSNGWIALPILHCWDPAAMNLIMVVQELMSLLHEPPQDQA

;
_struct_ref.pdbx_align_begin           1 
_struct_ref.pdbx_db_isoform            ? 
# 
_struct_ref_seq.align_id                      1 
_struct_ref_seq.ref_id                        1 
_struct_ref_seq.pdbx_PDB_id_code              3R3Q 
_struct_ref_seq.pdbx_strand_id                A 
_struct_ref_seq.seq_align_beg                 3 
_struct_ref_seq.pdbx_seq_align_beg_ins_code   ? 
_struct_ref_seq.seq_align_end                 162 
_struct_ref_seq.pdbx_seq_align_end_ins_code   ? 
_struct_ref_seq.pdbx_db_accession             P25604 
_struct_ref_seq.db_align_beg                  1 
_struct_ref_seq.pdbx_db_align_beg_ins_code    ? 
_struct_ref_seq.db_align_end                  160 
_struct_ref_seq.pdbx_db_align_end_ins_code    ? 
_struct_ref_seq.pdbx_auth_seq_align_beg       1 
_struct_ref_seq.pdbx_auth_seq_align_end       160 
# 
loop_
_struct_ref_seq_dif.align_id 
_struct_ref_seq_dif.pdbx_pdb_id_code 
_struct_ref_seq_dif.mon_id 
_struct_ref_seq_dif.pdbx_pdb_strand_id 
_struct_ref_seq_dif.seq_num 
_struct_ref_seq_dif.pdbx_pdb_ins_code 
_struct_ref_seq_dif.pdbx_seq_db_name 
_struct_ref_seq_dif.pdbx_seq_db_accession_code 
_struct_ref_seq_dif.db_mon_id 
_struct_ref_seq_dif.pdbx_seq_db_seq_num 
_struct_ref_seq_dif.details 
_struct_ref_seq_dif.pdbx_auth_seq_num 
_struct_ref_seq_dif.pdbx_ordinal 
1 3R3Q GLY A 1   ? UNP P25604 ?   ?   'expression tag'      -1  1 
1 3R3Q ALA A 2   ? UNP P25604 ?   ?   'expression tag'      0   2 
1 3R3Q ALA A 135 ? UNP P25604 CYS 133 'engineered mutation' 133 3 
# 
loop_
_chem_comp.id 
_chem_comp.type 
_chem_comp.mon_nstd_flag 
_chem_comp.name 
_chem_comp.pdbx_synonyms 
_chem_comp.formula 
_chem_comp.formula_weight 
ACT non-polymer         . 'ACETATE ION'   ? 'C2 H3 O2 -1'    59.044  
ALA 'L-peptide linking' y ALANINE         ? 'C3 H7 N O2'     89.093  
ARG 'L-peptide linking' y ARGININE        ? 'C6 H15 N4 O2 1' 175.209 
ASN 'L-peptide linking' y ASPARAGINE      ? 'C4 H8 N2 O3'    132.118 
ASP 'L-peptide linking' y 'ASPARTIC ACID' ? 'C4 H7 N O4'     133.103 
CL  non-polymer         . 'CHLORIDE ION'  ? 'Cl -1'          35.453  
CYS 'L-peptide linking' y CYSTEINE        ? 'C3 H7 N O2 S'   121.158 
GLN 'L-peptide linking' y GLUTAMINE       ? 'C5 H10 N2 O3'   146.144 
GLU 'L-peptide linking' y 'GLUTAMIC ACID' ? 'C5 H9 N O4'     147.129 
GLY 'peptide linking'   y GLYCINE         ? 'C2 H5 N O2'     75.067  
HIS 'L-peptide linking' y HISTIDINE       ? 'C6 H10 N3 O2 1' 156.162 
HOH non-polymer         . WATER           ? 'H2 O'           18.015  
ILE 'L-peptide linking' y ISOLEUCINE      ? 'C6 H13 N O2'    131.173 
IMD non-polymer         . IMIDAZOLE       ? 'C3 H5 N2 1'     69.085  
LEU 'L-peptide linking' y LEUCINE         ? 'C6 H13 N O2'    131.173 
LYS 'L-peptide linking' y LYSINE          ? 'C6 H15 N2 O2 1' 147.195 
MET 'L-peptide linking' y METHIONINE      ? 'C5 H11 N O2 S'  149.211 
PHE 'L-peptide linking' y PHENYLALANINE   ? 'C9 H11 N O2'    165.189 
PRO 'L-peptide linking' y PROLINE         ? 'C5 H9 N O2'     115.130 
SER 'L-peptide linking' y SERINE          ? 'C3 H7 N O3'     105.093 
THR 'L-peptide linking' y THREONINE       ? 'C4 H9 N O3'     119.119 
TRP 'L-peptide linking' y TRYPTOPHAN      ? 'C11 H12 N2 O2'  204.225 
TYR 'L-peptide linking' y TYROSINE        ? 'C9 H11 N O3'    181.189 
VAL 'L-peptide linking' y VALINE          ? 'C5 H11 N O2'    117.146 
ZN  non-polymer         . 'ZINC ION'      ? 'Zn 2'           65.409  
# 
_exptl.entry_id          3R3Q 
_exptl.method            'X-RAY DIFFRACTION' 
_exptl.crystals_number   1 
# 
_exptl_crystal.id                    1 
_exptl_crystal.density_meas          ? 
_exptl_crystal.density_Matthews      2.19 
_exptl_crystal.density_percent_sol   43.92 
_exptl_crystal.description           ? 
_exptl_crystal.F_000                 ? 
_exptl_crystal.preparation           ? 
# 
_exptl_crystal_grow.crystal_id      1 
_exptl_crystal_grow.method          'VAPOR DIFFUSION, HANGING DROP' 
_exptl_crystal_grow.temp            288 
_exptl_crystal_grow.temp_details    ? 
_exptl_crystal_grow.pH              8.0 
_exptl_crystal_grow.pdbx_details    
'0.2 M zinc acetate, 0.1 M imidazole, 25% 1,2-propanediol, 10% glycerol, pH 8.0, VAPOR DIFFUSION, HANGING DROP, temperature 288K' 
_exptl_crystal_grow.pdbx_pH_range   ? 
# 
_diffrn.id                     1 
_diffrn.ambient_temp           100 
_diffrn.ambient_temp_details   ? 
_diffrn.crystal_id             1 
# 
_diffrn_detector.diffrn_id              1 
_diffrn_detector.detector               CCD 
_diffrn_detector.type                   'MARMOSAIC 300 mm CCD' 
_diffrn_detector.pdbx_collection_date   2011-02-10 
_diffrn_detector.details                mirrors 
# 
_diffrn_radiation.diffrn_id                        1 
_diffrn_radiation.wavelength_id                    1 
_diffrn_radiation.pdbx_monochromatic_or_laue_m_l   M 
_diffrn_radiation.monochromator                    'Si 111 CHANNEL' 
_diffrn_radiation.pdbx_diffrn_protocol             'SINGLE WAVELENGTH' 
_diffrn_radiation.pdbx_scattering_type             x-ray 
# 
_diffrn_radiation_wavelength.id           1 
_diffrn_radiation_wavelength.wavelength   1.000 
_diffrn_radiation_wavelength.wt           1.0 
# 
_diffrn_source.diffrn_id                   1 
_diffrn_source.source                      SYNCHROTRON 
_diffrn_source.type                        'APS BEAMLINE 22-ID' 
_diffrn_source.pdbx_synchrotron_site       APS 
_diffrn_source.pdbx_synchrotron_beamline   22-ID 
_diffrn_source.pdbx_wavelength             1.000 
_diffrn_source.pdbx_wavelength_list        ? 
# 
_reflns.entry_id                     3R3Q 
_reflns.observed_criterion_sigma_I   2.0 
_reflns.observed_criterion_sigma_F   2.0 
_reflns.d_resolution_low             50.0 
_reflns.d_resolution_high            1.45 
_reflns.number_obs                   27632 
_reflns.number_all                   28882 
_reflns.percent_possible_obs         99.9 
_reflns.pdbx_Rmerge_I_obs            0.118 
_reflns.pdbx_Rsym_value              ? 
_reflns.pdbx_netI_over_sigmaI        22.2 
_reflns.B_iso_Wilson_estimate        10.11 
_reflns.pdbx_redundancy              13 
_reflns.R_free_details               ? 
_reflns.limit_h_max                  ? 
_reflns.limit_h_min                  ? 
_reflns.limit_k_max                  ? 
_reflns.limit_k_min                  ? 
_reflns.limit_l_max                  ? 
_reflns.limit_l_min                  ? 
_reflns.observed_criterion_F_max     ? 
_reflns.observed_criterion_F_min     ? 
_reflns.pdbx_chi_squared             ? 
_reflns.pdbx_scaling_rejects         ? 
_reflns.pdbx_ordinal                 1 
_reflns.pdbx_diffrn_id               1 
# 
_reflns_shell.d_res_high             1.45 
_reflns_shell.d_res_low              1.48 
_reflns_shell.percent_possible_all   98.9 
_reflns_shell.Rmerge_I_obs           0.689 
_reflns_shell.pdbx_Rsym_value        ? 
_reflns_shell.meanI_over_sigI_obs    2.6 
_reflns_shell.pdbx_redundancy        6.4 
_reflns_shell.percent_possible_obs   ? 
_reflns_shell.number_unique_all      1389 
_reflns_shell.number_measured_all    ? 
_reflns_shell.number_measured_obs    ? 
_reflns_shell.number_unique_obs      ? 
_reflns_shell.pdbx_chi_squared       ? 
_reflns_shell.pdbx_ordinal           1 
_reflns_shell.pdbx_diffrn_id         1 
# 
_refine.entry_id                                 3R3Q 
_refine.ls_number_reflns_obs                     27632 
_refine.ls_number_reflns_all                     ? 
_refine.pdbx_ls_sigma_I                          ? 
_refine.pdbx_ls_sigma_F                          0.14 
_refine.pdbx_data_cutoff_high_absF               ? 
_refine.pdbx_data_cutoff_low_absF                ? 
_refine.pdbx_data_cutoff_high_rms_absF           ? 
_refine.ls_d_res_low                             33.618 
_refine.ls_d_res_high                            1.450 
_refine.ls_percent_reflns_obs                    95.75 
_refine.ls_R_factor_obs                          0.1652 
_refine.ls_R_factor_all                          ? 
_refine.ls_R_factor_R_work                       0.1642 
_refine.ls_R_factor_R_free                       0.1839 
_refine.ls_R_factor_R_free_error                 ? 
_refine.ls_R_factor_R_free_error_details         ? 
_refine.ls_percent_reflns_R_free                 5.06 
_refine.ls_number_reflns_R_free                  1399 
_refine.ls_number_parameters                     ? 
_refine.ls_number_restraints                     ? 
_refine.occupancy_min                            ? 
_refine.occupancy_max                            ? 
_refine.correlation_coeff_Fo_to_Fc               ? 
_refine.correlation_coeff_Fo_to_Fc_free          ? 
_refine.B_iso_mean                               ? 
_refine.aniso_B[1][1]                            -2.6062 
_refine.aniso_B[2][2]                            2.0260 
_refine.aniso_B[3][3]                            0.5802 
_refine.aniso_B[1][2]                            0.0000 
_refine.aniso_B[1][3]                            0.0000 
_refine.aniso_B[2][3]                            0.0000 
_refine.solvent_model_details                    'FLAT BULK SOLVENT MODEL' 
_refine.solvent_model_param_ksol                 0.400 
_refine.solvent_model_param_bsol                 60.448 
_refine.pdbx_solvent_vdw_probe_radii             1.11 
_refine.pdbx_solvent_ion_probe_radii             ? 
_refine.pdbx_solvent_shrinkage_radii             0.90 
_refine.pdbx_ls_cross_valid_method               ? 
_refine.details                                  ? 
_refine.pdbx_starting_model                      'PDB ENTRY 1UZX' 
_refine.pdbx_method_to_determine_struct          'MOLECULAR REPLACEMENT' 
_refine.pdbx_isotropic_thermal_model             ? 
_refine.pdbx_stereochemistry_target_values       ML 
_refine.pdbx_stereochem_target_val_spec_case     ? 
_refine.pdbx_R_Free_selection_details            RANDOM 
_refine.pdbx_overall_ESU_R_Free                  ? 
_refine.overall_SU_ML                            0.14 
_refine.overall_SU_B                             ? 
_refine.overall_SU_R_Cruickshank_DPI             ? 
_refine.ls_redundancy_reflns_obs                 ? 
_refine.B_iso_min                                ? 
_refine.B_iso_max                                ? 
_refine.overall_SU_R_free                        ? 
_refine.ls_wR_factor_R_free                      ? 
_refine.ls_wR_factor_R_work                      ? 
_refine.overall_FOM_free_R_set                   ? 
_refine.overall_FOM_work_R_set                   ? 
_refine.pdbx_overall_phase_error                 15.43 
_refine.pdbx_refine_id                           'X-RAY DIFFRACTION' 
_refine.pdbx_overall_ESU_R                       ? 
_refine.pdbx_diffrn_id                           1 
_refine.pdbx_TLS_residual_ADP_flag               ? 
_refine.pdbx_overall_SU_R_free_Cruickshank_DPI   ? 
_refine.pdbx_overall_SU_R_Blow_DPI               ? 
_refine.pdbx_overall_SU_R_free_Blow_DPI          ? 
# 
_refine_hist.pdbx_refine_id                   'X-RAY DIFFRACTION' 
_refine_hist.cycle_id                         LAST 
_refine_hist.pdbx_number_atoms_protein        1210 
_refine_hist.pdbx_number_atoms_nucleic_acid   0 
_refine_hist.pdbx_number_atoms_ligand         61 
_refine_hist.number_atoms_solvent             122 
_refine_hist.number_atoms_total               1393 
_refine_hist.d_res_high                       1.450 
_refine_hist.d_res_low                        33.618 
# 
loop_
_refine_ls_restr.type 
_refine_ls_restr.dev_ideal 
_refine_ls_restr.dev_ideal_target 
_refine_ls_restr.weight 
_refine_ls_restr.number 
_refine_ls_restr.pdbx_restraint_function 
_refine_ls_restr.pdbx_refine_id 
f_bond_d           0.006  ? ? 1332 ? 'X-RAY DIFFRACTION' 
f_angle_d          1.091  ? ? 1815 ? 'X-RAY DIFFRACTION' 
f_dihedral_angle_d 12.688 ? ? 464  ? 'X-RAY DIFFRACTION' 
f_chiral_restr     0.071  ? ? 202  ? 'X-RAY DIFFRACTION' 
f_plane_restr      0.007  ? ? 239  ? 'X-RAY DIFFRACTION' 
# 
loop_
_refine_ls_shell.pdbx_total_number_of_bins_used 
_refine_ls_shell.d_res_high 
_refine_ls_shell.d_res_low 
_refine_ls_shell.number_reflns_R_work 
_refine_ls_shell.R_factor_R_work 
_refine_ls_shell.percent_reflns_obs 
_refine_ls_shell.R_factor_R_free 
_refine_ls_shell.R_factor_R_free_error 
_refine_ls_shell.percent_reflns_R_free 
_refine_ls_shell.number_reflns_R_free 
_refine_ls_shell.number_reflns_all 
_refine_ls_shell.R_factor_all 
_refine_ls_shell.number_reflns_obs 
_refine_ls_shell.redundancy_reflns_obs 
_refine_ls_shell.pdbx_refine_id 
. 1.4500 1.5018  2333 0.1989 87.00  0.2258 . . 131 . . . . 'X-RAY DIFFRACTION' 
. 1.5018 1.5620  2466 0.1788 91.00  0.1883 . . 132 . . . . 'X-RAY DIFFRACTION' 
. 1.5620 1.6331  2550 0.1524 94.00  0.1852 . . 127 . . . . 'X-RAY DIFFRACTION' 
. 1.6331 1.7192  2530 0.1454 94.00  0.1686 . . 131 . . . . 'X-RAY DIFFRACTION' 
. 1.7192 1.8269  2606 0.1378 96.00  0.1469 . . 137 . . . . 'X-RAY DIFFRACTION' 
. 1.8269 1.9679  2668 0.1350 97.00  0.1644 . . 130 . . . . 'X-RAY DIFFRACTION' 
. 1.9679 2.1659  2689 0.1405 98.00  0.1582 . . 133 . . . . 'X-RAY DIFFRACTION' 
. 2.1659 2.4792  2740 0.1565 99.00  0.1943 . . 140 . . . . 'X-RAY DIFFRACTION' 
. 2.4792 3.1232  2749 0.1679 100.00 0.1828 . . 167 . . . . 'X-RAY DIFFRACTION' 
. 3.1232 33.6268 2902 0.1845 100.00 0.1946 . . 171 . . . . 'X-RAY DIFFRACTION' 
# 
_struct.entry_id                  3R3Q 
_struct.title                     'Crystal structure of the yeast Vps23 UEV domain' 
_struct.pdbx_model_details        ? 
_struct.pdbx_CASP_flag            ? 
_struct.pdbx_model_type_details   ? 
# 
_struct_keywords.entry_id        3R3Q 
_struct_keywords.pdbx_keywords   'PROTEIN TRANSPORT' 
_struct_keywords.text            'endosomal sorting, ESCRT-I, PROTEIN TRANSPORT' 
# 
loop_
_struct_asym.id 
_struct_asym.pdbx_blank_PDB_chainid_flag 
_struct_asym.pdbx_modified 
_struct_asym.entity_id 
_struct_asym.details 
A N N 1 ? 
B N N 2 ? 
C N N 2 ? 
D N N 2 ? 
E N N 2 ? 
F N N 2 ? 
G N N 2 ? 
H N N 2 ? 
I N N 2 ? 
J N N 2 ? 
K N N 3 ? 
L N N 4 ? 
M N N 4 ? 
N N N 4 ? 
O N N 4 ? 
P N N 4 ? 
Q N N 5 ? 
R N N 5 ? 
S N N 5 ? 
T N N 4 ? 
U N N 4 ? 
V N N 5 ? 
W N N 6 ? 
# 
_struct_biol.id        1 
_struct_biol.details   ? 
# 
loop_
_struct_conf.conf_type_id 
_struct_conf.id 
_struct_conf.pdbx_PDB_helix_id 
_struct_conf.beg_label_comp_id 
_struct_conf.beg_label_asym_id 
_struct_conf.beg_label_seq_id 
_struct_conf.pdbx_beg_PDB_ins_code 
_struct_conf.end_label_comp_id 
_struct_conf.end_label_asym_id 
_struct_conf.end_label_seq_id 
_struct_conf.pdbx_end_PDB_ins_code 
_struct_conf.beg_auth_comp_id 
_struct_conf.beg_auth_asym_id 
_struct_conf.beg_auth_seq_id 
_struct_conf.end_auth_comp_id 
_struct_conf.end_auth_asym_id 
_struct_conf.end_auth_seq_id 
_struct_conf.pdbx_PDB_helix_class 
_struct_conf.details 
_struct_conf.pdbx_PDB_helix_length 
HELX_P HELX_P1 1 PRO A 12  ? GLN A 24  ? PRO A 10  GLN A 22  1 ? 13 
HELX_P HELX_P2 2 ASP A 29  ? PHE A 44  ? ASP A 27  PHE A 42  1 ? 16 
HELX_P HELX_P3 3 LEU A 104 ? PHE A 107 ? LEU A 102 PHE A 105 5 ? 4  
HELX_P HELX_P4 4 PRO A 117 ? ILE A 122 ? PRO A 115 ILE A 120 1 ? 6  
HELX_P HELX_P5 5 LEU A 130 ? ALA A 135 ? LEU A 128 ALA A 133 5 ? 6  
HELX_P HELX_P6 6 ASP A 137 ? MET A 141 ? ASP A 135 MET A 139 5 ? 5  
HELX_P HELX_P7 7 ASN A 142 ? LEU A 153 ? ASN A 140 LEU A 151 1 ? 12 
# 
_struct_conf_type.id          HELX_P 
_struct_conf_type.criteria    ? 
_struct_conf_type.reference   ? 
# 
loop_
_struct_conn.id 
_struct_conn.conn_type_id 
_struct_conn.pdbx_leaving_atom_flag 
_struct_conn.pdbx_PDB_id 
_struct_conn.ptnr1_label_asym_id 
_struct_conn.ptnr1_label_comp_id 
_struct_conn.ptnr1_label_seq_id 
_struct_conn.ptnr1_label_atom_id 
_struct_conn.pdbx_ptnr1_label_alt_id 
_struct_conn.pdbx_ptnr1_PDB_ins_code 
_struct_conn.pdbx_ptnr1_standard_comp_id 
_struct_conn.ptnr1_symmetry 
_struct_conn.ptnr2_label_asym_id 
_struct_conn.ptnr2_label_comp_id 
_struct_conn.ptnr2_label_seq_id 
_struct_conn.ptnr2_label_atom_id 
_struct_conn.pdbx_ptnr2_label_alt_id 
_struct_conn.pdbx_ptnr2_PDB_ins_code 
_struct_conn.ptnr1_auth_asym_id 
_struct_conn.ptnr1_auth_comp_id 
_struct_conn.ptnr1_auth_seq_id 
_struct_conn.ptnr2_auth_asym_id 
_struct_conn.ptnr2_auth_comp_id 
_struct_conn.ptnr2_auth_seq_id 
_struct_conn.ptnr2_symmetry 
_struct_conn.pdbx_ptnr3_label_atom_id 
_struct_conn.pdbx_ptnr3_label_seq_id 
_struct_conn.pdbx_ptnr3_label_comp_id 
_struct_conn.pdbx_ptnr3_label_asym_id 
_struct_conn.pdbx_ptnr3_label_alt_id 
_struct_conn.pdbx_ptnr3_PDB_ins_code 
_struct_conn.details 
_struct_conn.pdbx_dist_value 
_struct_conn.pdbx_value_order 
_struct_conn.pdbx_role 
metalc1  metalc ? ? A GLU 13  OE2 ? ? ? 1_555 C ZN  . ZN  ? ? A GLU 11  A ZN  162 1_555 ? ? ? ? ? ? ? 1.959 ? ? 
metalc2  metalc ? ? A ASP 29  OD2 ? ? ? 1_555 I ZN  . ZN  ? ? A ASP 27  A ZN  168 1_555 ? ? ? ? ? ? ? 1.971 ? ? 
metalc3  metalc ? ? A THR 32  OG1 ? ? ? 1_555 I ZN  . ZN  ? ? A THR 30  A ZN  168 1_555 ? ? ? ? ? ? ? 2.120 ? ? 
metalc4  metalc ? ? A HIS 35  NE2 ? ? ? 1_555 D ZN  . ZN  ? ? A HIS 33  A ZN  163 1_555 ? ? ? ? ? ? ? 2.041 ? ? 
metalc5  metalc ? ? A ASP 42  OD2 ? ? ? 1_555 J ZN  . ZN  ? ? A ASP 40  A ZN  169 1_555 ? ? ? ? ? ? ? 2.054 ? ? 
metalc6  metalc ? ? A GLU 75  OE1 ? ? ? 1_555 G ZN  . ZN  ? ? A GLU 73  A ZN  166 1_555 ? ? ? ? ? ? ? 2.025 ? ? 
metalc7  metalc ? ? A ASP 76  OD1 ? ? ? 1_555 E ZN  . ZN  ? ? A ASP 74  A ZN  164 1_555 ? ? ? ? ? ? ? 1.956 ? ? 
metalc8  metalc ? ? A GLU 120 OE2 ? ? ? 1_555 F ZN  . ZN  ? ? A GLU 118 A ZN  165 1_555 ? ? ? ? ? ? ? 1.994 ? ? 
metalc9  metalc ? ? A HIS 155 ND1 ? ? ? 1_555 H ZN  . ZN  ? ? A HIS 153 A ZN  167 1_555 ? ? ? ? ? ? ? 2.088 ? ? 
metalc10 metalc ? ? A GLU 156 OE2 ? ? ? 1_555 F ZN  . ZN  ? ? A GLU 154 A ZN  165 1_555 ? ? ? ? ? ? ? 2.009 ? ? 
metalc11 metalc ? ? A ASP 160 OD2 ? ? ? 1_555 B ZN  . ZN  ? ? A ASP 158 A ZN  161 1_555 ? ? ? ? ? ? ? 1.937 ? ? 
metalc12 metalc ? ? B ZN  .   ZN  ? ? ? 1_555 T IMD . N1  ? ? A ZN  161 A IMD 179 1_555 ? ? ? ? ? ? ? 2.300 ? ? 
metalc13 metalc ? ? B ZN  .   ZN  ? ? ? 1_555 W HOH . O   ? ? A ZN  161 A HOH 275 1_555 ? ? ? ? ? ? ? 2.237 ? ? 
metalc14 metalc ? ? C ZN  .   ZN  ? ? ? 1_555 O IMD . N1  ? ? A ZN  162 A IMD 174 1_555 ? ? ? ? ? ? ? 2.033 ? ? 
metalc15 metalc ? ? C ZN  .   ZN  ? ? ? 1_555 W HOH . O   ? ? A ZN  162 A HOH 243 1_555 ? ? ? ? ? ? ? 2.067 ? ? 
metalc16 metalc ? ? D ZN  .   ZN  ? ? ? 1_555 L IMD . N1  ? ? A ZN  163 A IMD 171 1_555 ? ? ? ? ? ? ? 2.039 ? ? 
metalc17 metalc ? ? D ZN  .   ZN  ? ? ? 1_555 S ACT . OXT ? ? A ZN  163 A ACT 178 1_555 ? ? ? ? ? ? ? 2.004 ? ? 
metalc18 metalc ? ? D ZN  .   ZN  ? ? ? 1_555 S ACT . O   ? ? A ZN  163 A ACT 178 1_555 ? ? ? ? ? ? ? 2.661 ? ? 
metalc19 metalc ? ? E ZN  .   ZN  ? ? ? 1_555 M IMD . N1  ? ? A ZN  164 A IMD 172 1_555 ? ? ? ? ? ? ? 1.986 ? ? 
metalc20 metalc ? ? E ZN  .   ZN  ? ? ? 1_555 W HOH . O   ? ? A ZN  164 A HOH 237 1_555 ? ? ? ? ? ? ? 2.043 ? ? 
metalc21 metalc ? ? F ZN  .   ZN  ? ? ? 1_555 W HOH . O   ? ? A ZN  165 A HOH 276 1_555 ? ? ? ? ? ? ? 2.260 ? ? 
metalc22 metalc ? ? G ZN  .   ZN  ? ? ? 1_555 N IMD . N3  ? ? A ZN  166 A IMD 173 1_555 ? ? ? ? ? ? ? 2.034 ? ? 
metalc23 metalc ? ? H ZN  .   ZN  ? ? ? 1_555 P IMD . N1  ? ? A ZN  167 A IMD 175 1_555 ? ? ? ? ? ? ? 2.039 ? ? 
metalc24 metalc ? ? H ZN  .   ZN  ? ? ? 1_555 Q ACT . OXT ? ? A ZN  167 A ACT 176 1_555 ? ? ? ? ? ? ? 2.205 ? ? 
metalc25 metalc ? ? H ZN  .   ZN  ? ? ? 1_555 Q ACT . O   ? ? A ZN  167 A ACT 176 1_555 ? ? ? ? ? ? ? 2.438 ? ? 
metalc26 metalc ? ? I ZN  .   ZN  ? ? ? 1_555 R ACT . O   ? ? A ZN  168 A ACT 177 1_555 ? ? ? ? ? ? ? 1.890 ? ? 
metalc27 metalc ? ? I ZN  .   ZN  ? ? ? 1_555 U IMD . N1  ? ? A ZN  168 A IMD 180 1_555 ? ? ? ? ? ? ? 2.194 ? ? 
metalc28 metalc ? ? J ZN  .   ZN  ? ? ? 1_555 L IMD . N3  ? ? A ZN  169 A IMD 171 1_555 ? ? ? ? ? ? ? 2.125 ? ? 
metalc29 metalc ? ? J ZN  .   ZN  ? ? ? 1_555 W HOH . O   ? ? A ZN  169 A HOH 250 1_555 ? ? ? ? ? ? ? 2.271 ? ? 
metalc30 metalc ? ? J ZN  .   ZN  ? ? ? 1_555 W HOH . O   ? ? A ZN  169 A HOH 274 1_555 ? ? ? ? ? ? ? 2.402 ? ? 
# 
_struct_conn_type.id          metalc 
_struct_conn_type.criteria    ? 
_struct_conn_type.reference   ? 
# 
_struct_mon_prot_cis.pdbx_id                1 
_struct_mon_prot_cis.label_comp_id          TYR 
_struct_mon_prot_cis.label_seq_id           93 
_struct_mon_prot_cis.label_asym_id          A 
_struct_mon_prot_cis.label_alt_id           . 
_struct_mon_prot_cis.pdbx_PDB_ins_code      ? 
_struct_mon_prot_cis.auth_comp_id           TYR 
_struct_mon_prot_cis.auth_seq_id            91 
_struct_mon_prot_cis.auth_asym_id           A 
_struct_mon_prot_cis.pdbx_label_comp_id_2   PRO 
_struct_mon_prot_cis.pdbx_label_seq_id_2    94 
_struct_mon_prot_cis.pdbx_label_asym_id_2   A 
_struct_mon_prot_cis.pdbx_PDB_ins_code_2    ? 
_struct_mon_prot_cis.pdbx_auth_comp_id_2    PRO 
_struct_mon_prot_cis.pdbx_auth_seq_id_2     92 
_struct_mon_prot_cis.pdbx_auth_asym_id_2    A 
_struct_mon_prot_cis.pdbx_PDB_model_num     1 
_struct_mon_prot_cis.pdbx_omega_angle       5.82 
# 
_struct_sheet.id               A 
_struct_sheet.type             ? 
_struct_sheet.number_strands   4 
_struct_sheet.details          ? 
# 
loop_
_struct_sheet_order.sheet_id 
_struct_sheet_order.range_id_1 
_struct_sheet_order.range_id_2 
_struct_sheet_order.offset 
_struct_sheet_order.sense 
A 1 2 ? anti-parallel 
A 2 3 ? anti-parallel 
A 3 4 ? anti-parallel 
# 
loop_
_struct_sheet_range.sheet_id 
_struct_sheet_range.id 
_struct_sheet_range.beg_label_comp_id 
_struct_sheet_range.beg_label_asym_id 
_struct_sheet_range.beg_label_seq_id 
_struct_sheet_range.pdbx_beg_PDB_ins_code 
_struct_sheet_range.end_label_comp_id 
_struct_sheet_range.end_label_asym_id 
_struct_sheet_range.end_label_seq_id 
_struct_sheet_range.pdbx_end_PDB_ins_code 
_struct_sheet_range.beg_auth_comp_id 
_struct_sheet_range.beg_auth_asym_id 
_struct_sheet_range.beg_auth_seq_id 
_struct_sheet_range.end_auth_comp_id 
_struct_sheet_range.end_auth_asym_id 
_struct_sheet_range.end_auth_seq_id 
A 1 LEU A 47 ? THR A 55  ? LEU A 45 THR A 53  
A 2 PRO A 61 ? SER A 72  ? PRO A 59 SER A 70  
A 3 SER A 82 ? TRP A 88  ? SER A 80 TRP A 86  
A 4 PHE A 99 ? ILE A 102 ? PHE A 97 ILE A 100 
# 
loop_
_pdbx_struct_sheet_hbond.sheet_id 
_pdbx_struct_sheet_hbond.range_id_1 
_pdbx_struct_sheet_hbond.range_id_2 
_pdbx_struct_sheet_hbond.range_1_label_atom_id 
_pdbx_struct_sheet_hbond.range_1_label_comp_id 
_pdbx_struct_sheet_hbond.range_1_label_asym_id 
_pdbx_struct_sheet_hbond.range_1_label_seq_id 
_pdbx_struct_sheet_hbond.range_1_PDB_ins_code 
_pdbx_struct_sheet_hbond.range_1_auth_atom_id 
_pdbx_struct_sheet_hbond.range_1_auth_comp_id 
_pdbx_struct_sheet_hbond.range_1_auth_asym_id 
_pdbx_struct_sheet_hbond.range_1_auth_seq_id 
_pdbx_struct_sheet_hbond.range_2_label_atom_id 
_pdbx_struct_sheet_hbond.range_2_label_comp_id 
_pdbx_struct_sheet_hbond.range_2_label_asym_id 
_pdbx_struct_sheet_hbond.range_2_label_seq_id 
_pdbx_struct_sheet_hbond.range_2_PDB_ins_code 
_pdbx_struct_sheet_hbond.range_2_auth_atom_id 
_pdbx_struct_sheet_hbond.range_2_auth_comp_id 
_pdbx_struct_sheet_hbond.range_2_auth_asym_id 
_pdbx_struct_sheet_hbond.range_2_auth_seq_id 
A 1 2 N ARG A 50 ? N ARG A 48 O SER A 66 ? O SER A 64 
A 2 3 N ILE A 67 ? N ILE A 65 O MET A 87 ? O MET A 85 
A 3 4 N TRP A 88 ? N TRP A 86 O PHE A 99 ? O PHE A 97 
# 
loop_
_struct_site.id 
_struct_site.pdbx_evidence_code 
_struct_site.pdbx_auth_asym_id 
_struct_site.pdbx_auth_comp_id 
_struct_site.pdbx_auth_seq_id 
_struct_site.pdbx_auth_ins_code 
_struct_site.pdbx_num_residues 
_struct_site.details 
AC1 Software A ZN  161 ? 4 'BINDING SITE FOR RESIDUE ZN A 161'  
AC2 Software A ZN  162 ? 4 'BINDING SITE FOR RESIDUE ZN A 162'  
AC3 Software A ZN  163 ? 4 'BINDING SITE FOR RESIDUE ZN A 163'  
AC4 Software A ZN  164 ? 5 'BINDING SITE FOR RESIDUE ZN A 164'  
AC5 Software A ZN  165 ? 4 'BINDING SITE FOR RESIDUE ZN A 165'  
AC6 Software A ZN  166 ? 4 'BINDING SITE FOR RESIDUE ZN A 166'  
AC7 Software A ZN  167 ? 4 'BINDING SITE FOR RESIDUE ZN A 167'  
AC8 Software A ZN  168 ? 4 'BINDING SITE FOR RESIDUE ZN A 168'  
AC9 Software A ZN  169 ? 4 'BINDING SITE FOR RESIDUE ZN A 169'  
BC1 Software A CL  170 ? 6 'BINDING SITE FOR RESIDUE CL A 170'  
BC2 Software A IMD 171 ? 9 'BINDING SITE FOR RESIDUE IMD A 171' 
BC3 Software A IMD 172 ? 7 'BINDING SITE FOR RESIDUE IMD A 172' 
BC4 Software A IMD 173 ? 9 'BINDING SITE FOR RESIDUE IMD A 173' 
BC5 Software A IMD 174 ? 8 'BINDING SITE FOR RESIDUE IMD A 174' 
BC6 Software A IMD 175 ? 9 'BINDING SITE FOR RESIDUE IMD A 175' 
BC7 Software A ACT 176 ? 7 'BINDING SITE FOR RESIDUE ACT A 176' 
BC8 Software A ACT 177 ? 6 'BINDING SITE FOR RESIDUE ACT A 177' 
BC9 Software A ACT 178 ? 6 'BINDING SITE FOR RESIDUE ACT A 178' 
CC1 Software A IMD 179 ? 8 'BINDING SITE FOR RESIDUE IMD A 179' 
CC2 Software A IMD 180 ? 7 'BINDING SITE FOR RESIDUE IMD A 180' 
CC3 Software A ACT 181 ? 4 'BINDING SITE FOR RESIDUE ACT A 181' 
# 
loop_
_struct_site_gen.id 
_struct_site_gen.site_id 
_struct_site_gen.pdbx_num_res 
_struct_site_gen.label_comp_id 
_struct_site_gen.label_asym_id 
_struct_site_gen.label_seq_id 
_struct_site_gen.pdbx_auth_ins_code 
_struct_site_gen.auth_comp_id 
_struct_site_gen.auth_asym_id 
_struct_site_gen.auth_seq_id 
_struct_site_gen.label_atom_id 
_struct_site_gen.label_alt_id 
_struct_site_gen.symmetry 
_struct_site_gen.details 
1   AC1 4 HIS A 81  ? HIS A 79  . ? 1_655 ? 
2   AC1 4 ASP A 160 ? ASP A 158 . ? 1_555 ? 
3   AC1 4 IMD T .   ? IMD A 179 . ? 1_555 ? 
4   AC1 4 HOH W .   ? HOH A 275 . ? 1_555 ? 
5   AC2 4 GLU A 13  ? GLU A 11  . ? 1_555 ? 
6   AC2 4 ASP A 36  ? ASP A 34  . ? 4_445 ? 
7   AC2 4 IMD O .   ? IMD A 174 . ? 1_555 ? 
8   AC2 4 HOH W .   ? HOH A 243 . ? 1_555 ? 
9   AC3 4 HIS A 35  ? HIS A 33  . ? 1_555 ? 
10  AC3 4 ASP A 137 ? ASP A 135 . ? 4_445 ? 
11  AC3 4 IMD L .   ? IMD A 171 . ? 1_555 ? 
12  AC3 4 ACT S .   ? ACT A 178 . ? 1_555 ? 
13  AC4 5 ASP A 58  ? ASP A 56  . ? 1_565 ? 
14  AC4 5 THR A 60  ? THR A 58  . ? 1_565 ? 
15  AC4 5 ASP A 76  ? ASP A 74  . ? 1_555 ? 
16  AC4 5 IMD M .   ? IMD A 172 . ? 1_555 ? 
17  AC4 5 HOH W .   ? HOH A 237 . ? 1_555 ? 
18  AC5 4 HIS A 56  ? HIS A 54  . ? 3_654 ? 
19  AC5 4 GLU A 120 ? GLU A 118 . ? 1_555 ? 
20  AC5 4 GLU A 156 ? GLU A 154 . ? 1_555 ? 
21  AC5 4 HOH W .   ? HOH A 276 . ? 1_555 ? 
22  AC6 4 GLU A 75  ? GLU A 73  . ? 1_555 ? 
23  AC6 4 HIS A 134 ? HIS A 132 . ? 3_654 ? 
24  AC6 4 CL  K .   ? CL  A 170 . ? 1_555 ? 
25  AC6 4 IMD N .   ? IMD A 173 . ? 1_555 ? 
26  AC7 4 ASP A 123 ? ASP A 121 . ? 3_654 ? 
27  AC7 4 HIS A 155 ? HIS A 153 . ? 1_555 ? 
28  AC7 4 IMD P .   ? IMD A 175 . ? 1_555 ? 
29  AC7 4 ACT Q .   ? ACT A 176 . ? 1_555 ? 
30  AC8 4 ASP A 29  ? ASP A 27  . ? 1_555 ? 
31  AC8 4 THR A 32  ? THR A 30  . ? 1_555 ? 
32  AC8 4 ACT R .   ? ACT A 177 . ? 1_555 ? 
33  AC8 4 IMD U .   ? IMD A 180 . ? 1_555 ? 
34  AC9 4 ASP A 42  ? ASP A 40  . ? 1_555 ? 
35  AC9 4 IMD L .   ? IMD A 171 . ? 1_555 ? 
36  AC9 4 HOH W .   ? HOH A 250 . ? 1_555 ? 
37  AC9 4 HOH W .   ? HOH A 274 . ? 1_555 ? 
38  BC1 6 GLU A 75  ? GLU A 73  . ? 1_555 ? 
39  BC1 6 SER A 113 ? SER A 111 . ? 1_555 ? 
40  BC1 6 LEU A 116 ? LEU A 114 . ? 1_555 ? 
41  BC1 6 HIS A 134 ? HIS A 132 . ? 3_654 ? 
42  BC1 6 ZN  G .   ? ZN  A 166 . ? 1_555 ? 
43  BC1 6 IMD N .   ? IMD A 173 . ? 1_555 ? 
44  BC2 9 HIS A 35  ? HIS A 33  . ? 1_555 ? 
45  BC2 9 LEU A 38  ? LEU A 36  . ? 1_555 ? 
46  BC2 9 ALA A 39  ? ALA A 37  . ? 1_555 ? 
47  BC2 9 ASP A 42  ? ASP A 40  . ? 1_555 ? 
48  BC2 9 ASP A 137 ? ASP A 135 . ? 4_445 ? 
49  BC2 9 ALA A 139 ? ALA A 137 . ? 4_445 ? 
50  BC2 9 ZN  D .   ? ZN  A 163 . ? 1_555 ? 
51  BC2 9 ZN  J .   ? ZN  A 169 . ? 1_555 ? 
52  BC2 9 ACT S .   ? ACT A 178 . ? 1_555 ? 
53  BC3 7 HIS A 56  ? HIS A 54  . ? 1_565 ? 
54  BC3 7 ASP A 58  ? ASP A 56  . ? 1_565 ? 
55  BC3 7 THR A 60  ? THR A 58  . ? 1_565 ? 
56  BC3 7 ASP A 76  ? ASP A 74  . ? 1_555 ? 
57  BC3 7 GLU A 120 ? GLU A 118 . ? 3_654 ? 
58  BC3 7 ZN  E .   ? ZN  A 164 . ? 1_555 ? 
59  BC3 7 HOH W .   ? HOH A 289 . ? 1_555 ? 
60  BC4 9 GLU A 75  ? GLU A 73  . ? 1_555 ? 
61  BC4 9 SER A 113 ? SER A 111 . ? 1_555 ? 
62  BC4 9 LEU A 116 ? LEU A 114 . ? 1_555 ? 
63  BC4 9 ALA A 129 ? ALA A 127 . ? 3_654 ? 
64  BC4 9 HIS A 134 ? HIS A 132 . ? 3_654 ? 
65  BC4 9 ZN  G .   ? ZN  A 166 . ? 1_555 ? 
66  BC4 9 CL  K .   ? CL  A 170 . ? 1_555 ? 
67  BC4 9 IMD P .   ? IMD A 175 . ? 1_555 ? 
68  BC4 9 ACT Q .   ? ACT A 176 . ? 1_555 ? 
69  BC5 8 GLU A 13  ? GLU A 11  . ? 1_555 ? 
70  BC5 8 THR A 32  ? THR A 30  . ? 4_445 ? 
71  BC5 8 ASP A 36  ? ASP A 34  . ? 4_445 ? 
72  BC5 8 PRO A 138 ? PRO A 136 . ? 4_445 ? 
73  BC5 8 ALA A 139 ? ALA A 137 . ? 4_445 ? 
74  BC5 8 MET A 141 ? MET A 139 . ? 4_445 ? 
75  BC5 8 ZN  C .   ? ZN  A 162 . ? 1_555 ? 
76  BC5 8 IMD U .   ? IMD A 180 . ? 4_445 ? 
77  BC6 9 GLU A 75  ? GLU A 73  . ? 1_555 ? 
78  BC6 9 TYR A 121 ? TYR A 119 . ? 3_654 ? 
79  BC6 9 ASP A 123 ? ASP A 121 . ? 3_654 ? 
80  BC6 9 TRP A 127 ? TRP A 125 . ? 3_654 ? 
81  BC6 9 ALA A 129 ? ALA A 127 . ? 3_654 ? 
82  BC6 9 HIS A 155 ? HIS A 153 . ? 1_555 ? 
83  BC6 9 ZN  H .   ? ZN  A 167 . ? 1_555 ? 
84  BC6 9 IMD N .   ? IMD A 173 . ? 1_555 ? 
85  BC6 9 ACT Q .   ? ACT A 176 . ? 1_555 ? 
86  BC7 7 ASP A 123 ? ASP A 121 . ? 3_654 ? 
87  BC7 7 TRP A 127 ? TRP A 125 . ? 3_654 ? 
88  BC7 7 HIS A 155 ? HIS A 153 . ? 1_555 ? 
89  BC7 7 GLU A 156 ? GLU A 154 . ? 1_555 ? 
90  BC7 7 ZN  H .   ? ZN  A 167 . ? 1_555 ? 
91  BC7 7 IMD N .   ? IMD A 173 . ? 1_555 ? 
92  BC7 7 IMD P .   ? IMD A 175 . ? 1_555 ? 
93  BC8 6 PRO A 12  ? PRO A 10  . ? 4_545 ? 
94  BC8 6 GLU A 13  ? GLU A 11  . ? 4_545 ? 
95  BC8 6 ASP A 29  ? ASP A 27  . ? 1_555 ? 
96  BC8 6 THR A 32  ? THR A 30  . ? 1_555 ? 
97  BC8 6 ZN  I .   ? ZN  A 168 . ? 1_555 ? 
98  BC8 6 IMD U .   ? IMD A 180 . ? 1_555 ? 
99  BC9 6 ASN A 17  ? ASN A 15  . ? 4_545 ? 
100 BC9 6 HIS A 35  ? HIS A 33  . ? 1_555 ? 
101 BC9 6 ASP A 137 ? ASP A 135 . ? 4_445 ? 
102 BC9 6 ZN  D .   ? ZN  A 163 . ? 1_555 ? 
103 BC9 6 IMD L .   ? IMD A 171 . ? 1_555 ? 
104 BC9 6 HOH W .   ? HOH A 227 . ? 1_555 ? 
105 CC1 8 SER A 46  ? SER A 44  . ? 1_655 ? 
106 CC1 8 THR A 70  ? THR A 68  . ? 1_655 ? 
107 CC1 8 SER A 72  ? SER A 70  . ? 1_655 ? 
108 CC1 8 HIS A 81  ? HIS A 79  . ? 1_655 ? 
109 CC1 8 SER A 82  ? SER A 80  . ? 1_655 ? 
110 CC1 8 ASP A 160 ? ASP A 158 . ? 1_555 ? 
111 CC1 8 ZN  B .   ? ZN  A 161 . ? 1_555 ? 
112 CC1 8 HOH W .   ? HOH A 260 . ? 1_655 ? 
113 CC2 7 SER A 10  ? SER A 8   . ? 4_545 ? 
114 CC2 7 VAL A 11  ? VAL A 9   . ? 4_545 ? 
115 CC2 7 ASP A 29  ? ASP A 27  . ? 1_555 ? 
116 CC2 7 THR A 32  ? THR A 30  . ? 1_555 ? 
117 CC2 7 ZN  I .   ? ZN  A 168 . ? 1_555 ? 
118 CC2 7 IMD O .   ? IMD A 174 . ? 4_545 ? 
119 CC2 7 ACT R .   ? ACT A 177 . ? 1_555 ? 
120 CC3 4 TRP A 18  ? TRP A 16  . ? 1_655 ? 
121 CC3 4 PRO A 49  ? PRO A 47  . ? 1_655 ? 
122 CC3 4 HIS A 134 ? HIS A 132 . ? 1_555 ? 
123 CC3 4 HOH W .   ? HOH A 209 . ? 3_644 ? 
# 
_atom_sites.entry_id                    3R3Q 
_atom_sites.fract_transf_matrix[1][1]   -0.01155317 
_atom_sites.fract_transf_matrix[1][2]   0.02482441 
_atom_sites.fract_transf_matrix[1][3]   0.00439734 
_atom_sites.fract_transf_matrix[2][1]   0.01608174 
_atom_sites.fract_transf_matrix[2][2]   0.00521437 
_atom_sites.fract_transf_matrix[2][3]   0.01281490 
_atom_sites.fract_transf_matrix[3][1]   0.00539851 
_atom_sites.fract_transf_matrix[3][2]   0.00400088 
_atom_sites.fract_transf_matrix[3][3]   -0.00840268 
_atom_sites.fract_transf_vector[1]      0.253431 
_atom_sites.fract_transf_vector[2]      -0.202946 
_atom_sites.fract_transf_vector[3]      -0.173251 
# 
loop_
_atom_type.symbol 
C  
CL 
N  
O  
S  
ZN 
# 
loop_
_atom_site.group_PDB 
_atom_site.id 
_atom_site.type_symbol 
_atom_site.label_atom_id 
_atom_site.label_alt_id 
_atom_site.label_comp_id 
_atom_site.label_asym_id 
_atom_site.label_entity_id 
_atom_site.label_seq_id 
_atom_site.pdbx_PDB_ins_code 
_atom_site.Cartn_x 
_atom_site.Cartn_y 
_atom_site.Cartn_z 
_atom_site.occupancy 
_atom_site.B_iso_or_equiv 
_atom_site.pdbx_formal_charge 
_atom_site.auth_seq_id 
_atom_site.auth_comp_id 
_atom_site.auth_asym_id 
_atom_site.auth_atom_id 
_atom_site.pdbx_PDB_model_num 
ATOM   1    N  N   . SER A 1 10  ? 18.532  -5.534  -5.444  1.00 35.07 ? 8   SER A N   1 
ATOM   2    C  CA  . SER A 1 10  ? 17.580  -5.528  -6.548  1.00 29.36 ? 8   SER A CA  1 
ATOM   3    C  C   . SER A 1 10  ? 16.502  -6.589  -6.343  1.00 22.35 ? 8   SER A C   1 
ATOM   4    O  O   . SER A 1 10  ? 16.667  -7.511  -5.546  1.00 27.32 ? 8   SER A O   1 
ATOM   5    C  CB  . SER A 1 10  ? 18.294  -5.773  -7.881  1.00 29.29 ? 8   SER A CB  1 
ATOM   6    O  OG  . SER A 1 10  ? 18.648  -7.140  -8.026  1.00 34.92 ? 8   SER A OG  1 
ATOM   7    N  N   . VAL A 1 11  ? 15.388  -6.440  -7.051  1.00 16.51 ? 9   VAL A N   1 
ATOM   8    C  CA  . VAL A 1 11  ? 14.380  -7.489  -7.090  1.00 15.48 ? 9   VAL A CA  1 
ATOM   9    C  C   . VAL A 1 11  ? 14.992  -8.675  -7.843  1.00 14.03 ? 9   VAL A C   1 
ATOM   10   O  O   . VAL A 1 11  ? 15.596  -8.485  -8.896  1.00 14.83 ? 9   VAL A O   1 
ATOM   11   C  CB  . VAL A 1 11  ? 13.130  -6.994  -7.828  1.00 14.03 ? 9   VAL A CB  1 
ATOM   12   C  CG1 . VAL A 1 11  ? 12.106  -8.102  -7.960  1.00 14.72 ? 9   VAL A CG1 1 
ATOM   13   C  CG2 . VAL A 1 11  ? 12.539  -5.782  -7.106  1.00 18.16 ? 9   VAL A CG2 1 
ATOM   14   N  N   . PRO A 1 12  ? 14.858  -9.896  -7.303  1.00 11.58 ? 10  PRO A N   1 
ATOM   15   C  CA  . PRO A 1 12  ? 15.436  -11.075 -7.971  1.00 11.14 ? 10  PRO A CA  1 
ATOM   16   C  C   . PRO A 1 12  ? 14.914  -11.260 -9.395  1.00 9.26  ? 10  PRO A C   1 
ATOM   17   O  O   . PRO A 1 12  ? 13.732  -11.051 -9.644  1.00 9.17  ? 10  PRO A O   1 
ATOM   18   C  CB  . PRO A 1 12  ? 14.960  -12.240 -7.100  1.00 14.03 ? 10  PRO A CB  1 
ATOM   19   C  CG  . PRO A 1 12  ? 14.729  -11.624 -5.745  1.00 16.91 ? 10  PRO A CG  1 
ATOM   20   C  CD  . PRO A 1 12  ? 14.200  -10.251 -6.032  1.00 14.31 ? 10  PRO A CD  1 
ATOM   21   N  N   . GLU A 1 13  ? 15.790  -11.696 -10.305 1.00 8.28  ? 11  GLU A N   1 
ATOM   22   C  CA  . GLU A 1 13  ? 15.428  -11.910 -11.700 1.00 7.99  ? 11  GLU A CA  1 
ATOM   23   C  C   . GLU A 1 13  ? 14.169  -12.760 -11.871 1.00 8.06  ? 11  GLU A C   1 
ATOM   24   O  O   . GLU A 1 13  ? 13.299  -12.423 -12.682 1.00 8.22  ? 11  GLU A O   1 
ATOM   25   C  CB  . GLU A 1 13  ? 16.617  -12.538 -12.445 1.00 9.46  ? 11  GLU A CB  1 
ATOM   26   C  CG  . GLU A 1 13  ? 16.399  -12.732 -13.937 1.00 7.06  ? 11  GLU A CG  1 
ATOM   27   C  CD  . GLU A 1 13  ? 16.336  -11.421 -14.712 1.00 6.94  ? 11  GLU A CD  1 
ATOM   28   O  OE1 . GLU A 1 13  ? 17.020  -10.452 -14.323 1.00 11.60 ? 11  GLU A OE1 1 
ATOM   29   O  OE2 . GLU A 1 13  ? 15.591  -11.370 -15.701 1.00 7.41  ? 11  GLU A OE2 1 
ATOM   30   N  N   . ALA A 1 14  ? 14.070  -13.870 -11.134 1.00 8.20  ? 12  ALA A N   1 
ATOM   31   C  CA  . ALA A 1 14  ? 12.901  -14.737 -11.258 1.00 7.94  ? 12  ALA A CA  1 
ATOM   32   C  C   . ALA A 1 14  ? 11.602  -14.009 -10.934 1.00 7.93  ? 12  ALA A C   1 
ATOM   33   O  O   . ALA A 1 14  ? 10.559  -14.272 -11.544 1.00 9.50  ? 12  ALA A O   1 
ATOM   34   C  CB  . ALA A 1 14  ? 13.048  -15.969 -10.376 1.00 9.37  ? 12  ALA A CB  1 
ATOM   35   N  N   . VAL A 1 15  ? 11.666  -13.094 -9.970  1.00 8.36  ? 13  VAL A N   1 
ATOM   36   C  CA  . VAL A 1 15  ? 10.491  -12.328 -9.569  1.00 8.73  ? 13  VAL A CA  1 
ATOM   37   C  C   . VAL A 1 15  ? 10.126  -11.283 -10.615 1.00 8.27  ? 13  VAL A C   1 
ATOM   38   O  O   . VAL A 1 15  ? 8.943   -11.084 -10.923 1.00 9.78  ? 13  VAL A O   1 
ATOM   39   C  CB  . VAL A 1 15  ? 10.693  -11.663 -8.207  1.00 9.23  ? 13  VAL A CB  1 
ATOM   40   C  CG1 . VAL A 1 15  ? 9.476   -10.824 -7.848  1.00 11.87 ? 13  VAL A CG1 1 
ATOM   41   C  CG2 . VAL A 1 15  ? 10.925  -12.726 -7.139  1.00 13.98 ? 13  VAL A CG2 1 
ATOM   42   N  N   . VAL A 1 16  ? 11.132  -10.625 -11.190 1.00 9.07  ? 14  VAL A N   1 
ATOM   43   C  CA  . VAL A 1 16  ? 10.869  -9.666  -12.258 1.00 8.98  ? 14  VAL A CA  1 
ATOM   44   C  C   . VAL A 1 16  ? 10.104  -10.330 -13.400 1.00 9.10  ? 14  VAL A C   1 
ATOM   45   O  O   . VAL A 1 16  ? 9.119   -9.801  -13.906 1.00 8.85  ? 14  VAL A O   1 
ATOM   46   C  CB  . VAL A 1 16  ? 12.173  -9.075  -12.814 1.00 8.55  ? 14  VAL A CB  1 
ATOM   47   C  CG1 . VAL A 1 16  ? 11.885  -8.165  -14.008 1.00 10.79 ? 14  VAL A CG1 1 
ATOM   48   C  CG2 . VAL A 1 16  ? 12.908  -8.308  -11.729 1.00 11.06 ? 14  VAL A CG2 1 
ATOM   49   N  N   . ASN A 1 17  ? 10.549  -11.509 -13.814 1.00 7.83  ? 15  ASN A N   1 
ATOM   50   C  CA  . ASN A 1 17  ? 9.912   -12.138 -14.958 1.00 7.94  ? 15  ASN A CA  1 
ATOM   51   C  C   . ASN A 1 17  ? 8.531   -12.689 -14.652 1.00 8.57  ? 15  ASN A C   1 
ATOM   52   O  O   . ASN A 1 17  ? 7.625   -12.634 -15.488 1.00 10.10 ? 15  ASN A O   1 
ATOM   53   C  CB  . ASN A 1 17  ? 10.838  -13.203 -15.533 1.00 8.19  ? 15  ASN A CB  1 
ATOM   54   C  CG  . ASN A 1 17  ? 12.112  -12.590 -16.042 1.00 9.31  ? 15  ASN A CG  1 
ATOM   55   O  OD1 . ASN A 1 17  ? 12.076  -11.564 -16.724 1.00 8.53  ? 15  ASN A OD1 1 
ATOM   56   N  ND2 . ASN A 1 17  ? 13.240  -13.172 -15.684 1.00 7.89  ? 15  ASN A ND2 1 
ATOM   57   N  N   . TRP A 1 18  ? 8.375   -13.209 -13.447 1.00 7.99  ? 16  TRP A N   1 
ATOM   58   C  CA  . TRP A 1 18  ? 7.067   -13.667 -13.002 1.00 9.14  ? 16  TRP A CA  1 
ATOM   59   C  C   . TRP A 1 18  ? 6.092   -12.480 -12.962 1.00 8.82  ? 16  TRP A C   1 
ATOM   60   O  O   . TRP A 1 18  ? 4.937   -12.602 -13.384 1.00 9.50  ? 16  TRP A O   1 
ATOM   61   C  CB  . TRP A 1 18  ? 7.194   -14.326 -11.627 1.00 9.67  ? 16  TRP A CB  1 
ATOM   62   C  CG  . TRP A 1 18  ? 5.890   -14.505 -10.928 1.00 10.87 ? 16  TRP A CG  1 
ATOM   63   C  CD1 . TRP A 1 18  ? 5.056   -15.579 -11.015 1.00 13.71 ? 16  TRP A CD1 1 
ATOM   64   C  CD2 . TRP A 1 18  ? 5.261   -13.576 -10.038 1.00 9.44  ? 16  TRP A CD2 1 
ATOM   65   N  NE1 . TRP A 1 18  ? 3.942   -15.378 -10.231 1.00 15.14 ? 16  TRP A NE1 1 
ATOM   66   C  CE2 . TRP A 1 18  ? 4.047   -14.155 -9.618  1.00 10.61 ? 16  TRP A CE2 1 
ATOM   67   C  CE3 . TRP A 1 18  ? 5.613   -12.317 -9.544  1.00 11.06 ? 16  TRP A CE3 1 
ATOM   68   C  CZ2 . TRP A 1 18  ? 3.177   -13.514 -8.739  1.00 10.73 ? 16  TRP A CZ2 1 
ATOM   69   C  CZ3 . TRP A 1 18  ? 4.742   -11.684 -8.673  1.00 10.90 ? 16  TRP A CZ3 1 
ATOM   70   C  CH2 . TRP A 1 18  ? 3.544   -12.286 -8.282  1.00 11.09 ? 16  TRP A CH2 1 
ATOM   71   N  N   . LEU A 1 19  ? 6.575   -11.342 -12.470 1.00 7.79  ? 17  LEU A N   1 
ATOM   72   C  CA  . LEU A 1 19  ? 5.741   -10.143 -12.351 1.00 9.11  ? 17  LEU A CA  1 
ATOM   73   C  C   . LEU A 1 19  ? 5.239   -9.731  -13.730 1.00 11.38 ? 17  LEU A C   1 
ATOM   74   O  O   . LEU A 1 19  ? 4.052   -9.479  -13.929 1.00 11.18 ? 17  LEU A O   1 
ATOM   75   C  CB  . LEU A 1 19  ? 6.544   -9.008  -11.702 1.00 11.40 ? 17  LEU A CB  1 
ATOM   76   C  CG  . LEU A 1 19  ? 5.792   -7.754  -11.246 1.00 14.81 ? 17  LEU A CG  1 
ATOM   77   C  CD1 . LEU A 1 19  ? 4.864   -8.092  -10.087 1.00 12.72 ? 17  LEU A CD1 1 
ATOM   78   C  CD2 . LEU A 1 19  ? 6.786   -6.704  -10.827 1.00 15.98 ? 17  LEU A CD2 1 
ATOM   79   N  N   . PHE A 1 20  ? 6.137   -9.692  -14.706 1.00 10.69 ? 18  PHE A N   1 
ATOM   80   C  CA  . PHE A 1 20  ? 5.731   -9.341  -16.052 1.00 11.75 ? 18  PHE A CA  1 
ATOM   81   C  C   . PHE A 1 20  ? 4.657   -10.308 -16.554 1.00 12.16 ? 18  PHE A C   1 
ATOM   82   O  O   . PHE A 1 20  ? 3.615   -9.882  -17.068 1.00 12.99 ? 18  PHE A O   1 
ATOM   83   C  CB  . PHE A 1 20  ? 6.944   -9.363  -16.989 1.00 14.16 ? 18  PHE A CB  1 
ATOM   84   C  CG  . PHE A 1 20  ? 6.599   -9.092  -18.424 1.00 17.74 ? 18  PHE A CG  1 
ATOM   85   C  CD1 . PHE A 1 20  ? 6.617   -7.804  -18.915 1.00 21.81 ? 18  PHE A CD1 1 
ATOM   86   C  CD2 . PHE A 1 20  ? 6.251   -10.129 -19.273 1.00 20.82 ? 18  PHE A CD2 1 
ATOM   87   C  CE1 . PHE A 1 20  ? 6.294   -7.548  -20.242 1.00 23.50 ? 18  PHE A CE1 1 
ATOM   88   C  CE2 . PHE A 1 20  ? 5.929   -9.882  -20.602 1.00 25.26 ? 18  PHE A CE2 1 
ATOM   89   C  CZ  . PHE A 1 20  ? 5.953   -8.592  -21.081 1.00 21.27 ? 18  PHE A CZ  1 
ATOM   90   N  N   . LYS A 1 21  ? 4.909   -11.606 -16.407 1.00 10.48 ? 19  LYS A N   1 
ATOM   91   C  CA  . LYS A 1 21  ? 3.990   -12.626 -16.907 1.00 13.61 ? 19  LYS A CA  1 
ATOM   92   C  C   . LYS A 1 21  ? 2.609   -12.547 -16.286 1.00 14.14 ? 19  LYS A C   1 
ATOM   93   O  O   . LYS A 1 21  ? 1.610   -12.622 -17.002 1.00 15.87 ? 19  LYS A O   1 
ATOM   94   C  CB  . LYS A 1 21  ? 4.546   -14.035 -16.673 1.00 16.47 ? 19  LYS A CB  1 
ATOM   95   C  CG  . LYS A 1 21  ? 5.787   -14.337 -17.481 1.00 23.51 ? 19  LYS A CG  1 
ATOM   96   C  CD  . LYS A 1 21  ? 6.074   -15.825 -17.490 1.00 20.77 ? 19  LYS A CD  1 
ATOM   97   C  CE  . LYS A 1 21  ? 6.102   -16.420 -16.096 1.00 24.86 ? 19  LYS A CE  1 
ATOM   98   N  NZ  . LYS A 1 21  ? 6.658   -17.807 -16.137 1.00 24.41 ? 19  LYS A NZ  1 
ATOM   99   N  N   . VAL A 1 22  ? 2.539   -12.425 -14.962 1.00 10.56 ? 20  VAL A N   1 
ATOM   100  C  CA  . VAL A 1 22  ? 1.238   -12.466 -14.301 1.00 11.13 ? 20  VAL A CA  1 
ATOM   101  C  C   . VAL A 1 22  ? 0.424   -11.205 -14.605 1.00 10.32 ? 20  VAL A C   1 
ATOM   102  O  O   . VAL A 1 22  ? -0.803  -11.245 -14.650 1.00 11.72 ? 20  VAL A O   1 
ATOM   103  C  CB  . VAL A 1 22  ? 1.324   -12.710 -12.761 1.00 12.79 ? 20  VAL A CB  1 
ATOM   104  C  CG1 . VAL A 1 22  ? 2.017   -14.035 -12.453 1.00 18.18 ? 20  VAL A CG1 1 
ATOM   105  C  CG2 . VAL A 1 22  ? 2.001   -11.540 -12.048 1.00 15.66 ? 20  VAL A CG2 1 
ATOM   106  N  N   . ILE A 1 23  ? 1.112   -10.095 -14.833 1.00 8.85  ? 21  ILE A N   1 
ATOM   107  C  CA  . ILE A 1 23  ? 0.425   -8.833  -15.095 1.00 9.78  ? 21  ILE A CA  1 
ATOM   108  C  C   . ILE A 1 23  ? -0.265  -8.786  -16.460 1.00 11.26 ? 21  ILE A C   1 
ATOM   109  O  O   . ILE A 1 23  ? -1.378  -8.274  -16.574 1.00 10.82 ? 21  ILE A O   1 
ATOM   110  C  CB  . ILE A 1 23  ? 1.406   -7.654  -14.935 1.00 7.82  ? 21  ILE A CB  1 
ATOM   111  C  CG1 . ILE A 1 23  ? 1.648   -7.373  -13.452 1.00 7.54  ? 21  ILE A CG1 1 
ATOM   112  C  CG2 . ILE A 1 23  ? 0.887   -6.397  -15.622 1.00 9.05  ? 21  ILE A CG2 1 
ATOM   113  C  CD1 . ILE A 1 23  ? 2.827   -6.435  -13.189 1.00 12.07 ? 21  ILE A CD1 1 
ATOM   114  N  N   . GLN A 1 24  ? 0.377   -9.338  -17.487 1.00 12.90 ? 22  GLN A N   1 
ATOM   115  C  CA  . GLN A 1 24  ? -0.111  -9.211  -18.871 1.00 16.59 ? 22  GLN A CA  1 
ATOM   116  C  C   . GLN A 1 24  ? -1.597  -9.503  -19.079 1.00 13.66 ? 22  GLN A C   1 
ATOM   117  O  O   . GLN A 1 24  ? -2.298  -8.701  -19.692 1.00 18.39 ? 22  GLN A O   1 
ATOM   118  C  CB  . GLN A 1 24  ? 0.710   -10.082 -19.831 1.00 21.39 ? 22  GLN A CB  1 
ATOM   119  C  CG  . GLN A 1 24  ? 2.187   -9.781  -19.821 1.00 26.10 ? 22  GLN A CG  1 
ATOM   120  C  CD  . GLN A 1 24  ? 2.462   -8.302  -19.900 1.00 23.75 ? 22  GLN A CD  1 
ATOM   121  O  OE1 . GLN A 1 24  ? 2.182   -7.660  -20.914 1.00 33.18 ? 22  GLN A OE1 1 
ATOM   122  N  NE2 . GLN A 1 24  ? 3.008   -7.740  -18.823 1.00 27.54 ? 22  GLN A NE2 1 
ATOM   123  N  N   . PRO A 1 25  ? -2.079  -10.649 -18.585 1.00 14.41 ? 23  PRO A N   1 
ATOM   124  C  CA  . PRO A 1 25  ? -3.477  -11.009 -18.858 1.00 16.16 ? 23  PRO A CA  1 
ATOM   125  C  C   . PRO A 1 25  ? -4.487  -10.261 -17.984 1.00 17.26 ? 23  PRO A C   1 
ATOM   126  O  O   . PRO A 1 25  ? -5.680  -10.251 -18.302 1.00 19.25 ? 23  PRO A O   1 
ATOM   127  C  CB  . PRO A 1 25  ? -3.527  -12.509 -18.526 1.00 19.46 ? 23  PRO A CB  1 
ATOM   128  C  CG  . PRO A 1 25  ? -2.108  -12.957 -18.459 1.00 24.54 ? 23  PRO A CG  1 
ATOM   129  C  CD  . PRO A 1 25  ? -1.337  -11.772 -17.987 1.00 16.26 ? 23  PRO A CD  1 
ATOM   130  N  N   . ILE A 1 26  ? -4.015  -9.647  -16.903 1.00 12.43 ? 24  ILE A N   1 
ATOM   131  C  CA  . ILE A 1 26  ? -4.908  -9.065  -15.900 1.00 11.66 ? 24  ILE A CA  1 
ATOM   132  C  C   . ILE A 1 26  ? -5.159  -7.576  -16.109 1.00 11.80 ? 24  ILE A C   1 
ATOM   133  O  O   . ILE A 1 26  ? -6.295  -7.109  -15.988 1.00 13.97 ? 24  ILE A O   1 
ATOM   134  C  CB  . ILE A 1 26  ? -4.363  -9.253  -14.464 1.00 11.02 ? 24  ILE A CB  1 
ATOM   135  C  CG1 . ILE A 1 26  ? -4.282  -10.734 -14.082 1.00 12.04 ? 24  ILE A CG1 1 
ATOM   136  C  CG2 . ILE A 1 26  ? -5.224  -8.492  -13.450 1.00 10.63 ? 24  ILE A CG2 1 
ATOM   137  C  CD1 . ILE A 1 26  ? -3.561  -10.968 -12.764 1.00 13.14 ? 24  ILE A CD1 1 
ATOM   138  N  N   . TYR A 1 27  ? -4.101  -6.839  -16.430 1.00 8.73  ? 25  TYR A N   1 
ATOM   139  C  CA  . TYR A 1 27  ? -4.101  -5.378  -16.375 1.00 9.07  ? 25  TYR A CA  1 
ATOM   140  C  C   . TYR A 1 27  ? -4.359  -4.691  -17.709 1.00 10.87 ? 25  TYR A C   1 
ATOM   141  O  O   . TYR A 1 27  ? -3.738  -5.014  -18.716 1.00 12.50 ? 25  TYR A O   1 
ATOM   142  C  CB  . TYR A 1 27  ? -2.801  -4.862  -15.700 1.00 8.62  ? 25  TYR A CB  1 
ATOM   143  C  CG  . TYR A 1 27  ? -2.851  -5.216  -14.243 1.00 7.90  ? 25  TYR A CG  1 
ATOM   144  C  CD1 . TYR A 1 27  ? -3.442  -4.357  -13.324 1.00 8.28  ? 25  TYR A CD1 1 
ATOM   145  C  CD2 . TYR A 1 27  ? -2.398  -6.450  -13.796 1.00 7.22  ? 25  TYR A CD2 1 
ATOM   146  C  CE1 . TYR A 1 27  ? -3.549  -4.697  -11.997 1.00 7.06  ? 25  TYR A CE1 1 
ATOM   147  C  CE2 . TYR A 1 27  ? -2.503  -6.809  -12.461 1.00 7.88  ? 25  TYR A CE2 1 
ATOM   148  C  CZ  . TYR A 1 27  ? -3.092  -5.930  -11.564 1.00 7.05  ? 25  TYR A CZ  1 
ATOM   149  O  OH  . TYR A 1 27  ? -3.223  -6.272  -10.234 1.00 7.25  ? 25  TYR A OH  1 
ATOM   150  N  N   . ASN A 1 28  ? -5.274  -3.728  -17.698 1.00 10.42 ? 26  ASN A N   1 
ATOM   151  C  CA  . ASN A 1 28  ? -5.544  -2.915  -18.875 1.00 12.08 ? 26  ASN A CA  1 
ATOM   152  C  C   . ASN A 1 28  ? -4.274  -2.217  -19.366 1.00 13.70 ? 26  ASN A C   1 
ATOM   153  O  O   . ASN A 1 28  ? -4.037  -2.108  -20.568 1.00 16.64 ? 26  ASN A O   1 
ATOM   154  C  CB  . ASN A 1 28  ? -6.621  -1.887  -18.525 1.00 14.41 ? 26  ASN A CB  1 
ATOM   155  C  CG  . ASN A 1 28  ? -7.180  -1.176  -19.741 1.00 28.22 ? 26  ASN A CG  1 
ATOM   156  O  OD1 . ASN A 1 28  ? -7.378  -1.781  -20.793 1.00 31.75 ? 26  ASN A OD1 1 
ATOM   157  N  ND2 . ASN A 1 28  ? -7.457  0.117   -19.596 1.00 33.00 ? 26  ASN A ND2 1 
ATOM   158  N  N   . ASP A 1 29  ? -3.457  -1.751  -18.426 1.00 9.83  ? 27  ASP A N   1 
ATOM   159  C  CA  . ASP A 1 29  ? -2.199  -1.081  -18.744 1.00 10.10 ? 27  ASP A CA  1 
ATOM   160  C  C   . ASP A 1 29  ? -1.072  -1.860  -18.085 1.00 10.82 ? 27  ASP A C   1 
ATOM   161  O  O   . ASP A 1 29  ? -0.630  -1.537  -16.982 1.00 10.35 ? 27  ASP A O   1 
ATOM   162  C  CB  . ASP A 1 29  ? -2.240  0.359   -18.232 1.00 12.55 ? 27  ASP A CB  1 
ATOM   163  C  CG  . ASP A 1 29  ? -1.048  1.182   -18.667 1.00 11.76 ? 27  ASP A CG  1 
ATOM   164  O  OD1 . ASP A 1 29  ? -0.037  0.621   -19.153 1.00 13.05 ? 27  ASP A OD1 1 
ATOM   165  O  OD2 . ASP A 1 29  ? -1.146  2.418   -18.495 1.00 13.39 ? 27  ASP A OD2 1 
ATOM   166  N  N   . GLY A 1 30  ? -0.623  -2.909  -18.762 1.00 11.14 ? 28  GLY A N   1 
ATOM   167  C  CA  . GLY A 1 30  ? 0.374   -3.795  -18.195 1.00 11.27 ? 28  GLY A CA  1 
ATOM   168  C  C   . GLY A 1 30  ? 1.732   -3.146  -18.026 1.00 8.18  ? 28  GLY A C   1 
ATOM   169  O  O   . GLY A 1 30  ? 2.448   -3.444  -17.066 1.00 10.46 ? 28  GLY A O   1 
ATOM   170  N  N   . ARG A 1 31  ? 2.108   -2.275  -18.958 1.00 9.61  ? 29  ARG A N   1 
ATOM   171  C  CA  . ARG A 1 31  ? 3.420   -1.635  -18.880 1.00 10.13 ? 29  ARG A CA  1 
ATOM   172  C  C   . ARG A 1 31  ? 3.517   -0.757  -17.638 1.00 10.29 ? 29  ARG A C   1 
ATOM   173  O  O   . ARG A 1 31  ? 4.503   -0.800  -16.896 1.00 8.76  ? 29  ARG A O   1 
ATOM   174  C  CB  . ARG A 1 31  ? 3.708   -0.807  -20.136 1.00 14.71 ? 29  ARG A CB  1 
ATOM   175  C  CG  . ARG A 1 31  ? 5.038   -0.080  -20.082 1.00 18.20 ? 29  ARG A CG  1 
ATOM   176  C  CD  . ARG A 1 31  ? 6.193   -1.043  -19.827 1.00 24.61 ? 29  ARG A CD  1 
ATOM   177  N  NE  . ARG A 1 31  ? 6.344   -2.005  -20.916 1.00 28.22 ? 29  ARG A NE  1 
ATOM   178  C  CZ  . ARG A 1 31  ? 7.138   -3.070  -20.871 1.00 27.84 ? 29  ARG A CZ  1 
ATOM   179  N  NH1 . ARG A 1 31  ? 7.863   -3.315  -19.787 1.00 28.75 ? 29  ARG A NH1 1 
ATOM   180  N  NH2 . ARG A 1 31  ? 7.208   -3.891  -21.913 1.00 32.85 ? 29  ARG A NH2 1 
ATOM   181  N  N   . THR A 1 32  ? 2.489   0.043   -17.406 1.00 10.04 ? 30  THR A N   1 
ATOM   182  C  CA  . THR A 1 32  ? 2.480   0.912   -16.239 1.00 7.85  ? 30  THR A CA  1 
ATOM   183  C  C   . THR A 1 32  ? 2.377   0.112   -14.942 1.00 7.04  ? 30  THR A C   1 
ATOM   184  O  O   . THR A 1 32  ? 3.050   0.425   -13.961 1.00 7.56  ? 30  THR A O   1 
ATOM   185  C  CB  . THR A 1 32  ? 1.346   1.947   -16.364 1.00 8.49  ? 30  THR A CB  1 
ATOM   186  O  OG1 . THR A 1 32  ? 1.645   2.805   -17.482 1.00 9.56  ? 30  THR A OG1 1 
ATOM   187  C  CG2 . THR A 1 32  ? 1.203   2.783   -15.096 1.00 9.49  ? 30  THR A CG2 1 
ATOM   188  N  N   . THR A 1 33  ? 1.546   -0.920  -14.938 1.00 6.96  ? 31  THR A N   1 
ATOM   189  C  CA  . THR A 1 33  ? 1.394   -1.722  -13.738 1.00 7.12  ? 31  THR A CA  1 
ATOM   190  C  C   . THR A 1 33  ? 2.713   -2.425  -13.414 1.00 7.42  ? 31  THR A C   1 
ATOM   191  O  O   . THR A 1 33  ? 3.160   -2.423  -12.272 1.00 7.30  ? 31  THR A O   1 
ATOM   192  C  CB  . THR A 1 33  ? 0.216   -2.707  -13.864 1.00 8.90  ? 31  THR A CB  1 
ATOM   193  O  OG1 . THR A 1 33  ? -0.997  -1.971  -14.053 1.00 8.62  ? 31  THR A OG1 1 
ATOM   194  C  CG2 . THR A 1 33  ? 0.084   -3.537  -12.599 1.00 8.48  ? 31  THR A CG2 1 
ATOM   195  N  N   . PHE A 1 34  ? 3.358   -2.984  -14.435 1.00 7.26  ? 32  PHE A N   1 
ATOM   196  C  CA  . PHE A 1 34  ? 4.645   -3.643  -14.245 1.00 6.67  ? 32  PHE A CA  1 
ATOM   197  C  C   . PHE A 1 34  ? 5.690   -2.658  -13.746 1.00 7.74  ? 32  PHE A C   1 
ATOM   198  O  O   . PHE A 1 34  ? 6.349   -2.896  -12.730 1.00 7.52  ? 32  PHE A O   1 
ATOM   199  C  CB  . PHE A 1 34  ? 5.099   -4.295  -15.556 1.00 7.90  ? 32  PHE A CB  1 
ATOM   200  C  CG  . PHE A 1 34  ? 6.500   -4.835  -15.513 1.00 9.69  ? 32  PHE A CG  1 
ATOM   201  C  CD1 . PHE A 1 34  ? 6.779   -6.002  -14.829 1.00 11.18 ? 32  PHE A CD1 1 
ATOM   202  C  CD2 . PHE A 1 34  ? 7.529   -4.171  -16.150 1.00 11.46 ? 32  PHE A CD2 1 
ATOM   203  C  CE1 . PHE A 1 34  ? 8.070   -6.514  -14.782 1.00 11.98 ? 32  PHE A CE1 1 
ATOM   204  C  CE2 . PHE A 1 34  ? 8.817   -4.673  -16.116 1.00 13.81 ? 32  PHE A CE2 1 
ATOM   205  C  CZ  . PHE A 1 34  ? 9.090   -5.854  -15.430 1.00 15.84 ? 32  PHE A CZ  1 
ATOM   206  N  N   . HIS A 1 35  ? 5.844   -1.540  -14.446 1.00 6.31  ? 33  HIS A N   1 
ATOM   207  C  CA  . HIS A 1 35  ? 6.866   -0.617  -14.017 1.00 7.36  ? 33  HIS A CA  1 
ATOM   208  C  C   . HIS A 1 35  ? 6.636   -0.150  -12.585 1.00 7.02  ? 33  HIS A C   1 
ATOM   209  O  O   . HIS A 1 35  ? 7.553   -0.137  -11.769 1.00 6.58  ? 33  HIS A O   1 
ATOM   210  C  CB  . HIS A 1 35  ? 6.957   0.639   -14.885 1.00 8.17  ? 33  HIS A CB  1 
ATOM   211  C  CG  . HIS A 1 35  ? 7.912   1.621   -14.304 1.00 8.25  ? 33  HIS A CG  1 
ATOM   212  N  ND1 . HIS A 1 35  ? 7.544   2.538   -13.336 1.00 6.44  ? 33  HIS A ND1 1 
ATOM   213  C  CD2 . HIS A 1 35  ? 9.249   1.736   -14.445 1.00 7.59  ? 33  HIS A CD2 1 
ATOM   214  C  CE1 . HIS A 1 35  ? 8.620   3.185   -12.926 1.00 6.97  ? 33  HIS A CE1 1 
ATOM   215  N  NE2 . HIS A 1 35  ? 9.664   2.715   -13.584 1.00 8.44  ? 33  HIS A NE2 1 
ATOM   216  N  N   . ASP A 1 36  ? 5.409   0.270   -12.293 1.00 6.37  ? 34  ASP A N   1 
ATOM   217  C  CA  . ASP A 1 36  ? 5.143   0.927   -11.017 1.00 6.26  ? 34  ASP A CA  1 
ATOM   218  C  C   . ASP A 1 36  ? 5.248   -0.051  -9.861  1.00 7.18  ? 34  ASP A C   1 
ATOM   219  O  O   . ASP A 1 36  ? 5.677   0.312   -8.776  1.00 7.52  ? 34  ASP A O   1 
ATOM   220  C  CB  . ASP A 1 36  ? 3.769   1.623   -11.026 1.00 6.96  ? 34  ASP A CB  1 
ATOM   221  C  CG  . ASP A 1 36  ? 3.755   2.882   -11.883 1.00 7.90  ? 34  ASP A CG  1 
ATOM   222  O  OD1 . ASP A 1 36  ? 4.668   3.036   -12.719 1.00 7.27  ? 34  ASP A OD1 1 
ATOM   223  O  OD2 . ASP A 1 36  ? 2.846   3.707   -11.710 1.00 8.03  ? 34  ASP A OD2 1 
ATOM   224  N  N   A SER A 1 37  ? 4.855   -1.298  -10.108 0.63 6.88  ? 35  SER A N   1 
ATOM   225  N  N   B SER A 1 37  ? 4.864   -1.301  -10.100 0.37 6.93  ? 35  SER A N   1 
ATOM   226  C  CA  A SER A 1 37  ? 4.977   -2.347  -9.098  0.63 7.99  ? 35  SER A CA  1 
ATOM   227  C  CA  B SER A 1 37  ? 4.997   -2.329  -9.071  0.37 8.02  ? 35  SER A CA  1 
ATOM   228  C  C   A SER A 1 37  ? 6.443   -2.631  -8.782  0.63 8.49  ? 35  SER A C   1 
ATOM   229  C  C   B SER A 1 37  ? 6.472   -2.644  -8.803  0.37 8.49  ? 35  SER A C   1 
ATOM   230  O  O   A SER A 1 37  ? 6.837   -2.713  -7.617  0.63 8.45  ? 35  SER A O   1 
ATOM   231  O  O   B SER A 1 37  ? 6.887   -2.752  -7.649  0.37 8.46  ? 35  SER A O   1 
ATOM   232  C  CB  A SER A 1 37  ? 4.250   -3.618  -9.543  0.63 9.65  ? 35  SER A CB  1 
ATOM   233  C  CB  B SER A 1 37  ? 4.206   -3.590  -9.437  0.37 9.64  ? 35  SER A CB  1 
ATOM   234  O  OG  A SER A 1 37  ? 2.860   -3.380  -9.625  0.63 7.27  ? 35  SER A OG  1 
ATOM   235  O  OG  B SER A 1 37  ? 4.660   -4.140  -10.655 0.37 11.29 ? 35  SER A OG  1 
ATOM   236  N  N   A LEU A 1 38  ? 7.257   -2.748  -9.822  0.63 8.03  ? 36  LEU A N   1 
ATOM   237  N  N   B LEU A 1 38  ? 7.265   -2.766  -9.864  0.37 8.06  ? 36  LEU A N   1 
ATOM   238  C  CA  A LEU A 1 38  ? 8.682   -2.975  -9.639  0.63 9.23  ? 36  LEU A CA  1 
ATOM   239  C  CA  B LEU A 1 38  ? 8.707   -2.941  -9.708  0.37 9.24  ? 36  LEU A CA  1 
ATOM   240  C  C   A LEU A 1 38  ? 9.377   -1.789  -8.955  0.63 8.70  ? 36  LEU A C   1 
ATOM   241  C  C   B LEU A 1 38  ? 9.325   -1.795  -8.921  0.37 8.74  ? 36  LEU A C   1 
ATOM   242  O  O   A LEU A 1 38  ? 10.269  -1.962  -8.121  0.63 10.10 ? 36  LEU A O   1 
ATOM   243  O  O   B LEU A 1 38  ? 10.118  -2.007  -8.004  0.37 10.18 ? 36  LEU A O   1 
ATOM   244  C  CB  A LEU A 1 38  ? 9.336   -3.282  -10.986 0.63 10.68 ? 36  LEU A CB  1 
ATOM   245  C  CB  B LEU A 1 38  ? 9.404   -3.029  -11.065 0.37 10.50 ? 36  LEU A CB  1 
ATOM   246  C  CG  A LEU A 1 38  ? 10.749  -3.837  -10.947 0.63 11.19 ? 36  LEU A CG  1 
ATOM   247  C  CG  B LEU A 1 38  ? 9.401   -4.366  -11.796 0.37 10.20 ? 36  LEU A CG  1 
ATOM   248  C  CD1 A LEU A 1 38  ? 10.783  -5.224  -10.310 0.63 11.97 ? 36  LEU A CD1 1 
ATOM   249  C  CD1 B LEU A 1 38  ? 10.251  -4.247  -13.042 0.37 8.56  ? 36  LEU A CD1 1 
ATOM   250  C  CD2 A LEU A 1 38  ? 11.283  -3.875  -12.354 0.63 10.54 ? 36  LEU A CD2 1 
ATOM   251  C  CD2 B LEU A 1 38  ? 9.922   -5.490  -10.907 0.37 8.71  ? 36  LEU A CD2 1 
ATOM   252  N  N   . ALA A 1 39  ? 8.970   -0.569  -9.291  1.00 8.21  ? 37  ALA A N   1 
ATOM   253  C  CA  . ALA A 1 39  ? 9.547   0.586   -8.628  1.00 8.81  ? 37  ALA A CA  1 
ATOM   254  C  C   . ALA A 1 39  ? 9.211   0.572   -7.139  1.00 8.59  ? 37  ALA A C   1 
ATOM   255  O  O   . ALA A 1 39  ? 10.053  0.913   -6.305  1.00 10.15 ? 37  ALA A O   1 
ATOM   256  C  CB  . ALA A 1 39  ? 9.068   1.868   -9.267  1.00 8.43  ? 37  ALA A CB  1 
ATOM   257  N  N   . LEU A 1 40  ? 7.982   0.193   -6.810  1.00 6.51  ? 38  LEU A N   1 
ATOM   258  C  CA  . LEU A 1 40  ? 7.586   0.104   -5.408  1.00 8.40  ? 38  LEU A CA  1 
ATOM   259  C  C   . LEU A 1 40  ? 8.454   -0.922  -4.689  1.00 9.04  ? 38  LEU A C   1 
ATOM   260  O  O   . LEU A 1 40  ? 8.968   -0.656  -3.601  1.00 9.97  ? 38  LEU A O   1 
ATOM   261  C  CB  . LEU A 1 40  ? 6.105   -0.253  -5.283  1.00 8.82  ? 38  LEU A CB  1 
ATOM   262  C  CG  . LEU A 1 40  ? 5.560   -0.325  -3.856  1.00 9.16  ? 38  LEU A CG  1 
ATOM   263  C  CD1 . LEU A 1 40  ? 5.568   1.054   -3.207  1.00 10.70 ? 38  LEU A CD1 1 
ATOM   264  C  CD2 . LEU A 1 40  ? 4.150   -0.902  -3.850  1.00 9.84  ? 38  LEU A CD2 1 
ATOM   265  N  N   . LEU A 1 41  ? 8.626   -2.093  -5.296  1.00 8.06  ? 39  LEU A N   1 
ATOM   266  C  CA  . LEU A 1 41  ? 9.396   -3.160  -4.654  1.00 8.33  ? 39  LEU A CA  1 
ATOM   267  C  C   . LEU A 1 41  ? 10.863  -2.758  -4.487  1.00 10.58 ? 39  LEU A C   1 
ATOM   268  O  O   . LEU A 1 41  ? 11.491  -3.083  -3.477  1.00 12.95 ? 39  LEU A O   1 
ATOM   269  C  CB  . LEU A 1 41  ? 9.298   -4.454  -5.463  1.00 9.00  ? 39  LEU A CB  1 
ATOM   270  C  CG  . LEU A 1 41  ? 7.895   -5.045  -5.539  1.00 8.61  ? 39  LEU A CG  1 
ATOM   271  C  CD1 . LEU A 1 41  ? 7.880   -6.243  -6.493  1.00 11.33 ? 39  LEU A CD1 1 
ATOM   272  C  CD2 . LEU A 1 41  ? 7.428   -5.457  -4.157  1.00 11.55 ? 39  LEU A CD2 1 
ATOM   273  N  N   . ASP A 1 42  ? 11.409  -2.061  -5.481  1.00 9.63  ? 40  ASP A N   1 
ATOM   274  C  CA  . ASP A 1 42  ? 12.792  -1.600  -5.407  1.00 12.06 ? 40  ASP A CA  1 
ATOM   275  C  C   . ASP A 1 42  ? 13.022  -0.573  -4.310  1.00 16.25 ? 40  ASP A C   1 
ATOM   276  O  O   . ASP A 1 42  ? 14.092  -0.528  -3.705  1.00 20.17 ? 40  ASP A O   1 
ATOM   277  C  CB  . ASP A 1 42  ? 13.213  -0.993  -6.743  1.00 13.59 ? 40  ASP A CB  1 
ATOM   278  C  CG  . ASP A 1 42  ? 14.062  -1.919  -7.547  1.00 24.96 ? 40  ASP A CG  1 
ATOM   279  O  OD1 . ASP A 1 42  ? 14.078  -3.131  -7.234  1.00 28.79 ? 40  ASP A OD1 1 
ATOM   280  O  OD2 . ASP A 1 42  ? 14.716  -1.436  -8.493  1.00 29.40 ? 40  ASP A OD2 1 
ATOM   281  N  N   . ASN A 1 43  ? 12.034  0.265   -4.058  1.00 11.35 ? 41  ASN A N   1 
ATOM   282  C  CA  . ASN A 1 43  ? 12.215  1.328   -3.086  1.00 16.47 ? 41  ASN A CA  1 
ATOM   283  C  C   . ASN A 1 43  ? 11.852  0.915   -1.670  1.00 14.85 ? 41  ASN A C   1 
ATOM   284  O  O   . ASN A 1 43  ? 12.319  1.520   -0.708  1.00 16.86 ? 41  ASN A O   1 
ATOM   285  C  CB  . ASN A 1 43  ? 11.460  2.578   -3.512  1.00 19.28 ? 41  ASN A CB  1 
ATOM   286  C  CG  . ASN A 1 43  ? 12.132  3.281   -4.678  1.00 27.21 ? 41  ASN A CG  1 
ATOM   287  O  OD1 . ASN A 1 43  ? 11.626  3.276   -5.799  1.00 32.07 ? 41  ASN A OD1 1 
ATOM   288  N  ND2 . ASN A 1 43  ? 13.297  3.866   -4.420  1.00 31.90 ? 41  ASN A ND2 1 
ATOM   289  N  N   . PHE A 1 44  ? 11.027  -0.123  -1.555  1.00 11.24 ? 42  PHE A N   1 
ATOM   290  C  CA  . PHE A 1 44  ? 10.602  -0.639  -0.257  1.00 12.00 ? 42  PHE A CA  1 
ATOM   291  C  C   . PHE A 1 44  ? 10.861  -2.143  -0.150  1.00 12.31 ? 42  PHE A C   1 
ATOM   292  O  O   . PHE A 1 44  ? 10.024  -2.969  -0.524  1.00 10.54 ? 42  PHE A O   1 
ATOM   293  C  CB  . PHE A 1 44  ? 9.118   -0.347  -0.037  1.00 10.26 ? 42  PHE A CB  1 
ATOM   294  C  CG  . PHE A 1 44  ? 8.793   1.113   0.010   1.00 12.04 ? 42  PHE A CG  1 
ATOM   295  C  CD1 . PHE A 1 44  ? 8.149   1.721   -1.051  1.00 15.51 ? 42  PHE A CD1 1 
ATOM   296  C  CD2 . PHE A 1 44  ? 9.126   1.870   1.116   1.00 15.05 ? 42  PHE A CD2 1 
ATOM   297  C  CE1 . PHE A 1 44  ? 7.845   3.069   -1.012  1.00 16.58 ? 42  PHE A CE1 1 
ATOM   298  C  CE2 . PHE A 1 44  ? 8.828   3.223   1.164   1.00 16.48 ? 42  PHE A CE2 1 
ATOM   299  C  CZ  . PHE A 1 44  ? 8.189   3.821   0.099   1.00 17.41 ? 42  PHE A CZ  1 
ATOM   300  N  N   . HIS A 1 45  ? 12.032  -2.490  0.365   1.00 13.08 ? 43  HIS A N   1 
ATOM   301  C  CA  . HIS A 1 45  ? 12.437  -3.886  0.438   1.00 11.90 ? 43  HIS A CA  1 
ATOM   302  C  C   . HIS A 1 45  ? 11.602  -4.705  1.419   1.00 13.06 ? 43  HIS A C   1 
ATOM   303  O  O   . HIS A 1 45  ? 11.688  -5.934  1.425   1.00 14.64 ? 43  HIS A O   1 
ATOM   304  C  CB  . HIS A 1 45  ? 13.919  -3.983  0.799   1.00 13.42 ? 43  HIS A CB  1 
ATOM   305  C  CG  . HIS A 1 45  ? 14.822  -3.351  -0.214  1.00 23.28 ? 43  HIS A CG  1 
ATOM   306  N  ND1 . HIS A 1 45  ? 16.052  -2.819  0.109   1.00 32.87 ? 43  HIS A ND1 1 
ATOM   307  C  CD2 . HIS A 1 45  ? 14.665  -3.152  -1.544  1.00 24.75 ? 43  HIS A CD2 1 
ATOM   308  C  CE1 . HIS A 1 45  ? 16.618  -2.327  -0.980  1.00 30.52 ? 43  HIS A CE1 1 
ATOM   309  N  NE2 . HIS A 1 45  ? 15.796  -2.517  -1.996  1.00 27.65 ? 43  HIS A NE2 1 
ATOM   310  N  N   . SER A 1 46  ? 10.800  -4.026  2.235   1.00 10.58 ? 44  SER A N   1 
ATOM   311  C  CA  A SER A 1 46  ? 9.933   -4.702  3.194   0.43 11.78 ? 44  SER A CA  1 
ATOM   312  C  CA  B SER A 1 46  ? 9.927   -4.693  3.197   0.57 11.76 ? 44  SER A CA  1 
ATOM   313  C  C   . SER A 1 46  ? 8.591   -5.087  2.568   1.00 10.06 ? 44  SER A C   1 
ATOM   314  O  O   . SER A 1 46  ? 7.692   -5.579  3.259   1.00 10.51 ? 44  SER A O   1 
ATOM   315  C  CB  A SER A 1 46  ? 9.704   -3.818  4.422   0.43 13.64 ? 44  SER A CB  1 
ATOM   316  C  CB  B SER A 1 46  ? 9.667   -3.780  4.393   0.57 13.61 ? 44  SER A CB  1 
ATOM   317  O  OG  A SER A 1 46  ? 10.939  -3.414  4.990   0.43 17.37 ? 44  SER A OG  1 
ATOM   318  O  OG  B SER A 1 46  ? 9.065   -2.571  3.967   0.57 13.24 ? 44  SER A OG  1 
ATOM   319  N  N   . LEU A 1 47  ? 8.463   -4.856  1.261   1.00 8.59  ? 45  LEU A N   1 
ATOM   320  C  CA  . LEU A 1 47  ? 7.246   -5.206  0.529   1.00 7.63  ? 45  LEU A CA  1 
ATOM   321  C  C   . LEU A 1 47  ? 7.574   -6.306  -0.474  1.00 9.23  ? 45  LEU A C   1 
ATOM   322  O  O   . LEU A 1 47  ? 8.700   -6.384  -0.967  1.00 11.53 ? 45  LEU A O   1 
ATOM   323  C  CB  . LEU A 1 47  ? 6.686   -3.972  -0.190  1.00 8.53  ? 45  LEU A CB  1 
ATOM   324  C  CG  . LEU A 1 47  ? 6.126   -2.873  0.718   1.00 8.98  ? 45  LEU A CG  1 
ATOM   325  C  CD1 . LEU A 1 47  ? 5.649   -1.682  -0.112  1.00 9.69  ? 45  LEU A CD1 1 
ATOM   326  C  CD2 . LEU A 1 47  ? 5.002   -3.376  1.597   1.00 10.92 ? 45  LEU A CD2 1 
ATOM   327  N  N   . ARG A 1 48  ? 6.602   -7.170  -0.758  1.00 7.82  ? 46  ARG A N   1 
ATOM   328  C  CA  . ARG A 1 48  ? 6.814   -8.250  -1.719  1.00 8.41  ? 46  ARG A CA  1 
ATOM   329  C  C   . ARG A 1 48  ? 5.513   -8.560  -2.443  1.00 7.44  ? 46  ARG A C   1 
ATOM   330  O  O   . ARG A 1 48  ? 4.433   -8.251  -1.930  1.00 7.31  ? 46  ARG A O   1 
ATOM   331  C  CB  . ARG A 1 48  ? 7.358   -9.492  -1.026  1.00 11.96 ? 46  ARG A CB  1 
ATOM   332  C  CG  . ARG A 1 48  ? 6.670   -9.817  0.251   1.00 14.94 ? 46  ARG A CG  1 
ATOM   333  C  CD  . ARG A 1 48  ? 7.463   -10.870 1.021   1.00 12.83 ? 46  ARG A CD  1 
ATOM   334  N  NE  . ARG A 1 48  ? 6.840   -11.099 2.312   1.00 16.38 ? 46  ARG A NE  1 
ATOM   335  C  CZ  . ARG A 1 48  ? 7.074   -10.364 3.390   1.00 15.45 ? 46  ARG A CZ  1 
ATOM   336  N  NH1 . ARG A 1 48  ? 6.442   -10.635 4.520   1.00 17.55 ? 46  ARG A NH1 1 
ATOM   337  N  NH2 . ARG A 1 48  ? 7.949   -9.363  3.338   1.00 16.98 ? 46  ARG A NH2 1 
ATOM   338  N  N   . PRO A 1 49  ? 5.604   -9.147  -3.649  1.00 7.42  ? 47  PRO A N   1 
ATOM   339  C  CA  . PRO A 1 49  ? 4.402   -9.354  -4.466  1.00 7.67  ? 47  PRO A CA  1 
ATOM   340  C  C   . PRO A 1 49  ? 3.816   -10.767 -4.356  1.00 7.34  ? 47  PRO A C   1 
ATOM   341  O  O   . PRO A 1 49  ? 4.528   -11.745 -4.064  1.00 8.27  ? 47  PRO A O   1 
ATOM   342  C  CB  . PRO A 1 49  ? 4.923   -9.136  -5.891  1.00 6.66  ? 47  PRO A CB  1 
ATOM   343  C  CG  . PRO A 1 49  ? 6.334   -9.690  -5.825  1.00 8.87  ? 47  PRO A CG  1 
ATOM   344  C  CD  . PRO A 1 49  ? 6.842   -9.409  -4.413  1.00 8.60  ? 47  PRO A CD  1 
ATOM   345  N  N   . ARG A 1 50  ? 2.513   -10.865 -4.617  1.00 7.99  ? 48  ARG A N   1 
ATOM   346  C  CA  . ARG A 1 50  ? 1.864   -12.159 -4.790  1.00 7.36  ? 48  ARG A CA  1 
ATOM   347  C  C   . ARG A 1 50  ? 0.597   -11.945 -5.611  1.00 8.58  ? 48  ARG A C   1 
ATOM   348  O  O   . ARG A 1 50  ? 0.193   -10.807 -5.840  1.00 8.74  ? 48  ARG A O   1 
ATOM   349  C  CB  . ARG A 1 50  ? 1.532   -12.789 -3.432  1.00 7.57  ? 48  ARG A CB  1 
ATOM   350  C  CG  . ARG A 1 50  ? 0.521   -12.013 -2.604  1.00 8.48  ? 48  ARG A CG  1 
ATOM   351  C  CD  . ARG A 1 50  ? 0.363   -12.674 -1.247  1.00 8.74  ? 48  ARG A CD  1 
ATOM   352  N  NE  . ARG A 1 50  ? -0.537  -11.926 -0.376  1.00 10.55 ? 48  ARG A NE  1 
ATOM   353  C  CZ  . ARG A 1 50  ? -0.632  -12.131 0.931   1.00 11.98 ? 48  ARG A CZ  1 
ATOM   354  N  NH1 . ARG A 1 50  ? 0.120   -13.050 1.517   1.00 13.74 ? 48  ARG A NH1 1 
ATOM   355  N  NH2 . ARG A 1 50  ? -1.472  -11.400 1.653   1.00 14.56 ? 48  ARG A NH2 1 
ATOM   356  N  N   . THR A 1 51  ? -0.014  -13.025 -6.082  1.00 8.29  ? 49  THR A N   1 
ATOM   357  C  CA  . THR A 1 51  ? -1.309  -12.903 -6.741  1.00 8.25  ? 49  THR A CA  1 
ATOM   358  C  C   . THR A 1 51  ? -2.366  -13.552 -5.867  1.00 9.68  ? 49  THR A C   1 
ATOM   359  O  O   . THR A 1 51  ? -2.115  -14.585 -5.242  1.00 10.15 ? 49  THR A O   1 
ATOM   360  C  CB  . THR A 1 51  ? -1.316  -13.553 -8.123  1.00 10.54 ? 49  THR A CB  1 
ATOM   361  O  OG1 . THR A 1 51  ? -0.625  -14.807 -8.056  1.00 16.11 ? 49  THR A OG1 1 
ATOM   362  C  CG2 . THR A 1 51  ? -0.645  -12.643 -9.158  1.00 13.46 ? 49  THR A CG2 1 
ATOM   363  N  N   . ARG A 1 52  ? -3.541  -12.937 -5.837  1.00 8.09  ? 50  ARG A N   1 
ATOM   364  C  CA  . ARG A 1 52  ? -4.632  -13.409 -5.012  1.00 8.39  ? 50  ARG A CA  1 
ATOM   365  C  C   . ARG A 1 52  ? -5.943  -13.122 -5.695  1.00 8.47  ? 50  ARG A C   1 
ATOM   366  O  O   . ARG A 1 52  ? -6.064  -12.141 -6.420  1.00 8.38  ? 50  ARG A O   1 
ATOM   367  C  CB  . ARG A 1 52  ? -4.635  -12.665 -3.678  1.00 10.44 ? 50  ARG A CB  1 
ATOM   368  C  CG  . ARG A 1 52  ? -3.528  -13.070 -2.719  1.00 10.77 ? 50  ARG A CG  1 
ATOM   369  C  CD  . ARG A 1 52  ? -3.794  -14.475 -2.205  1.00 9.86  ? 50  ARG A CD  1 
ATOM   370  N  NE  . ARG A 1 52  ? -2.868  -14.936 -1.169  1.00 12.58 ? 50  ARG A NE  1 
ATOM   371  C  CZ  . ARG A 1 52  ? -1.705  -15.537 -1.415  1.00 8.52  ? 50  ARG A CZ  1 
ATOM   372  N  NH1 . ARG A 1 52  ? -0.944  -15.968 -0.407  1.00 12.15 ? 50  ARG A NH1 1 
ATOM   373  N  NH2 . ARG A 1 52  ? -1.293  -15.713 -2.663  1.00 10.01 ? 50  ARG A NH2 1 
ATOM   374  N  N   . VAL A 1 53  ? -6.941  -13.958 -5.432  1.00 9.88  ? 51  VAL A N   1 
ATOM   375  C  CA  . VAL A 1 53  ? -8.282  -13.677 -5.906  1.00 8.72  ? 51  VAL A CA  1 
ATOM   376  C  C   . VAL A 1 53  ? -8.971  -12.697 -4.955  1.00 10.95 ? 51  VAL A C   1 
ATOM   377  O  O   . VAL A 1 53  ? -9.188  -12.996 -3.778  1.00 12.32 ? 51  VAL A O   1 
ATOM   378  C  CB  . VAL A 1 53  ? -9.120  -14.961 -6.034  1.00 9.97  ? 51  VAL A CB  1 
ATOM   379  C  CG1 . VAL A 1 53  ? -10.509 -14.632 -6.564  1.00 11.90 ? 51  VAL A CG1 1 
ATOM   380  C  CG2 . VAL A 1 53  ? -8.443  -15.938 -6.969  1.00 11.66 ? 51  VAL A CG2 1 
ATOM   381  N  N   . PHE A 1 54  ? -9.268  -11.514 -5.470  1.00 7.78  ? 52  PHE A N   1 
ATOM   382  C  CA  . PHE A 1 54  ? -9.945  -10.466 -4.722  1.00 7.28  ? 52  PHE A CA  1 
ATOM   383  C  C   . PHE A 1 54  ? -11.437 -10.721 -4.809  1.00 9.47  ? 52  PHE A C   1 
ATOM   384  O  O   . PHE A 1 54  ? -11.949 -11.063 -5.871  1.00 10.54 ? 52  PHE A O   1 
ATOM   385  C  CB  . PHE A 1 54  ? -9.608  -9.117  -5.369  1.00 8.56  ? 52  PHE A CB  1 
ATOM   386  C  CG  . PHE A 1 54  ? -10.126 -7.911  -4.626  1.00 8.94  ? 52  PHE A CG  1 
ATOM   387  C  CD1 . PHE A 1 54  ? -11.318 -7.305  -4.985  1.00 8.82  ? 52  PHE A CD1 1 
ATOM   388  C  CD2 . PHE A 1 54  ? -9.382  -7.355  -3.605  1.00 9.46  ? 52  PHE A CD2 1 
ATOM   389  C  CE1 . PHE A 1 54  ? -11.768 -6.174  -4.313  1.00 10.10 ? 52  PHE A CE1 1 
ATOM   390  C  CE2 . PHE A 1 54  ? -9.831  -6.231  -2.933  1.00 10.03 ? 52  PHE A CE2 1 
ATOM   391  C  CZ  . PHE A 1 54  ? -11.029 -5.646  -3.286  1.00 11.82 ? 52  PHE A CZ  1 
ATOM   392  N  N   . THR A 1 55  ? -12.142 -10.566 -3.700  1.00 9.46  ? 53  THR A N   1 
ATOM   393  C  CA  . THR A 1 55  ? -13.593 -10.654 -3.744  1.00 8.95  ? 53  THR A CA  1 
ATOM   394  C  C   . THR A 1 55  ? -14.198 -9.261  -3.695  1.00 8.34  ? 53  THR A C   1 
ATOM   395  O  O   . THR A 1 55  ? -14.068 -8.554  -2.695  1.00 9.33  ? 53  THR A O   1 
ATOM   396  C  CB  . THR A 1 55  ? -14.150 -11.495 -2.588  1.00 12.90 ? 53  THR A CB  1 
ATOM   397  O  OG1 . THR A 1 55  ? -13.660 -12.841 -2.694  1.00 16.08 ? 53  THR A OG1 1 
ATOM   398  C  CG2 . THR A 1 55  ? -15.671 -11.518 -2.638  1.00 15.20 ? 53  THR A CG2 1 
ATOM   399  N  N   . HIS A 1 56  ? -14.854 -8.864  -4.780  1.00 7.81  ? 54  HIS A N   1 
ATOM   400  C  CA  . HIS A 1 56  ? -15.519 -7.568  -4.822  1.00 7.72  ? 54  HIS A CA  1 
ATOM   401  C  C   . HIS A 1 56  ? -16.804 -7.549  -3.993  1.00 9.43  ? 54  HIS A C   1 
ATOM   402  O  O   . HIS A 1 56  ? -17.356 -8.598  -3.644  1.00 10.39 ? 54  HIS A O   1 
ATOM   403  C  CB  . HIS A 1 56  ? -15.820 -7.151  -6.261  1.00 9.43  ? 54  HIS A CB  1 
ATOM   404  C  CG  . HIS A 1 56  ? -14.601 -6.785  -7.048  1.00 8.29  ? 54  HIS A CG  1 
ATOM   405  N  ND1 . HIS A 1 56  ? -14.122 -5.496  -7.116  1.00 8.94  ? 54  HIS A ND1 1 
ATOM   406  C  CD2 . HIS A 1 56  ? -13.768 -7.539  -7.802  1.00 10.21 ? 54  HIS A CD2 1 
ATOM   407  C  CE1 . HIS A 1 56  ? -13.046 -5.467  -7.882  1.00 10.31 ? 54  HIS A CE1 1 
ATOM   408  N  NE2 . HIS A 1 56  ? -12.808 -6.697  -8.311  1.00 10.65 ? 54  HIS A NE2 1 
ATOM   409  N  N   . SER A 1 57  ? -17.262 -6.343  -3.685  1.00 10.46 ? 55  SER A N   1 
ATOM   410  C  CA  . SER A 1 57  ? -18.450 -6.175  -2.864  1.00 10.55 ? 55  SER A CA  1 
ATOM   411  C  C   . SER A 1 57  ? -19.640 -6.990  -3.371  1.00 10.28 ? 55  SER A C   1 
ATOM   412  O  O   . SER A 1 57  ? -20.361 -7.609  -2.570  1.00 10.91 ? 55  SER A O   1 
ATOM   413  C  CB  . SER A 1 57  ? -18.810 -4.698  -2.796  1.00 11.40 ? 55  SER A CB  1 
ATOM   414  O  OG  . SER A 1 57  ? -19.950 -4.513  -1.976  1.00 13.14 ? 55  SER A OG  1 
ATOM   415  N  N   . ASP A 1 58  ? -19.835 -6.999  -4.689  1.00 11.45 ? 56  ASP A N   1 
ATOM   416  C  CA  . ASP A 1 58  ? -20.999 -7.674  -5.260  1.00 10.62 ? 56  ASP A CA  1 
ATOM   417  C  C   . ASP A 1 58  ? -20.805 -9.172  -5.425  1.00 10.79 ? 56  ASP A C   1 
ATOM   418  O  O   . ASP A 1 58  ? -21.707 -9.875  -5.898  1.00 10.85 ? 56  ASP A O   1 
ATOM   419  C  CB  . ASP A 1 58  ? -21.490 -6.997  -6.557  1.00 12.66 ? 56  ASP A CB  1 
ATOM   420  C  CG  . ASP A 1 58  ? -20.576 -7.237  -7.761  1.00 13.00 ? 56  ASP A CG  1 
ATOM   421  O  OD1 . ASP A 1 58  ? -19.622 -8.040  -7.698  1.00 12.94 ? 56  ASP A OD1 1 
ATOM   422  O  OD2 . ASP A 1 58  ? -20.830 -6.593  -8.796  1.00 13.15 ? 56  ASP A OD2 1 
ATOM   423  N  N   . GLY A 1 59  ? -19.642 -9.668  -5.009  1.00 8.98  ? 57  GLY A N   1 
ATOM   424  C  CA  . GLY A 1 59  ? -19.372 -11.095 -5.044  1.00 9.57  ? 57  GLY A CA  1 
ATOM   425  C  C   . GLY A 1 59  ? -18.379 -11.498 -6.121  1.00 8.47  ? 57  GLY A C   1 
ATOM   426  O  O   . GLY A 1 59  ? -17.804 -12.593 -6.067  1.00 10.19 ? 57  GLY A O   1 
ATOM   427  N  N   . THR A 1 60  ? -18.168 -10.627 -7.102  1.00 9.48  ? 58  THR A N   1 
ATOM   428  C  CA  . THR A 1 60  ? -17.315 -10.980 -8.236  1.00 9.26  ? 58  THR A CA  1 
ATOM   429  C  C   . THR A 1 60  ? -15.879 -11.261 -7.812  1.00 9.72  ? 58  THR A C   1 
ATOM   430  O  O   . THR A 1 60  ? -15.235 -10.411 -7.197  1.00 9.51  ? 58  THR A O   1 
ATOM   431  C  CB  . THR A 1 60  ? -17.297 -9.876  -9.289  1.00 10.53 ? 58  THR A CB  1 
ATOM   432  O  OG1 . THR A 1 60  ? -18.612 -9.733  -9.835  1.00 11.05 ? 58  THR A OG1 1 
ATOM   433  C  CG2 . THR A 1 60  ? -16.327 -10.215 -10.420 1.00 13.03 ? 58  THR A CG2 1 
ATOM   434  N  N   . PRO A 1 61  ? -15.362 -12.446 -8.151  1.00 10.04 ? 59  PRO A N   1 
ATOM   435  C  CA  . PRO A 1 61  ? -13.946 -12.699 -7.862  1.00 10.20 ? 59  PRO A CA  1 
ATOM   436  C  C   . PRO A 1 61  ? -13.083 -12.143 -8.986  1.00 9.59  ? 59  PRO A C   1 
ATOM   437  O  O   . PRO A 1 61  ? -13.502 -12.141 -10.151 1.00 12.49 ? 59  PRO A O   1 
ATOM   438  C  CB  . PRO A 1 61  ? -13.863 -14.228 -7.851  1.00 11.41 ? 59  PRO A CB  1 
ATOM   439  C  CG  . PRO A 1 61  ? -14.968 -14.667 -8.766  1.00 16.22 ? 59  PRO A CG  1 
ATOM   440  C  CD  . PRO A 1 61  ? -16.063 -13.636 -8.669  1.00 10.72 ? 59  PRO A CD  1 
ATOM   441  N  N   . GLN A 1 62  ? -11.895 -11.654 -8.638  1.00 8.87  ? 60  GLN A N   1 
ATOM   442  C  CA  . GLN A 1 62  ? -10.972 -11.169 -9.646  1.00 7.97  ? 60  GLN A CA  1 
ATOM   443  C  C   . GLN A 1 62  ? -9.530  -11.416 -9.230  1.00 7.87  ? 60  GLN A C   1 
ATOM   444  O  O   . GLN A 1 62  ? -9.084  -10.941 -8.190  1.00 8.74  ? 60  GLN A O   1 
ATOM   445  C  CB  . GLN A 1 62  ? -11.184 -9.676  -9.881  1.00 8.21  ? 60  GLN A CB  1 
ATOM   446  C  CG  . GLN A 1 62  ? -10.299 -9.118  -10.989 1.00 9.51  ? 60  GLN A CG  1 
ATOM   447  C  CD  . GLN A 1 62  ? -10.480 -7.632  -11.177 1.00 10.16 ? 60  GLN A CD  1 
ATOM   448  O  OE1 . GLN A 1 62  ? -10.861 -6.911  -10.247 1.00 10.84 ? 60  GLN A OE1 1 
ATOM   449  N  NE2 . GLN A 1 62  ? -10.172 -7.160  -12.370 1.00 12.37 ? 60  GLN A NE2 1 
ATOM   450  N  N   . LEU A 1 63  ? -8.794  -12.158 -10.047 1.00 7.28  ? 61  LEU A N   1 
ATOM   451  C  CA  . LEU A 1 63  ? -7.377  -12.356 -9.769  1.00 7.63  ? 61  LEU A CA  1 
ATOM   452  C  C   . LEU A 1 63  ? -6.623  -11.038 -9.928  1.00 7.14  ? 61  LEU A C   1 
ATOM   453  O  O   . LEU A 1 63  ? -6.729  -10.371 -10.957 1.00 8.55  ? 61  LEU A O   1 
ATOM   454  C  CB  . LEU A 1 63  ? -6.810  -13.392 -10.734 1.00 9.75  ? 61  LEU A CB  1 
ATOM   455  C  CG  . LEU A 1 63  ? -5.337  -13.738 -10.548 1.00 9.95  ? 61  LEU A CG  1 
ATOM   456  C  CD1 . LEU A 1 63  ? -5.128  -14.476 -9.242  1.00 9.67  ? 61  LEU A CD1 1 
ATOM   457  C  CD2 . LEU A 1 63  ? -4.864  -14.575 -11.731 1.00 13.46 ? 61  LEU A CD2 1 
ATOM   458  N  N   . LEU A 1 64  ? -5.865  -10.663 -8.900  1.00 7.39  ? 62  LEU A N   1 
ATOM   459  C  CA  . LEU A 1 64  ? -5.121  -9.407  -8.929  1.00 7.61  ? 62  LEU A CA  1 
ATOM   460  C  C   . LEU A 1 64  ? -3.730  -9.584  -8.355  1.00 7.07  ? 62  LEU A C   1 
ATOM   461  O  O   . LEU A 1 64  ? -3.477  -10.494 -7.571  1.00 8.27  ? 62  LEU A O   1 
ATOM   462  C  CB  . LEU A 1 64  ? -5.836  -8.318  -8.113  1.00 7.98  ? 62  LEU A CB  1 
ATOM   463  C  CG  . LEU A 1 64  ? -7.154  -7.778  -8.663  1.00 6.44  ? 62  LEU A CG  1 
ATOM   464  C  CD1 . LEU A 1 64  ? -7.728  -6.751  -7.681  1.00 8.80  ? 62  LEU A CD1 1 
ATOM   465  C  CD2 . LEU A 1 64  ? -6.980  -7.138  -10.021 1.00 7.75  ? 62  LEU A CD2 1 
ATOM   466  N  N   . LEU A 1 65  ? -2.833  -8.693  -8.750  1.00 5.94  ? 63  LEU A N   1 
ATOM   467  C  CA  . LEU A 1 65  ? -1.568  -8.535  -8.056  1.00 7.64  ? 63  LEU A CA  1 
ATOM   468  C  C   . LEU A 1 65  ? -1.779  -7.802  -6.733  1.00 6.99  ? 63  LEU A C   1 
ATOM   469  O  O   . LEU A 1 65  ? -2.466  -6.764  -6.674  1.00 7.65  ? 63  LEU A O   1 
ATOM   470  C  CB  . LEU A 1 65  ? -0.582  -7.756  -8.929  1.00 9.66  ? 63  LEU A CB  1 
ATOM   471  C  CG  . LEU A 1 65  ? 0.768   -7.382  -8.321  1.00 8.27  ? 63  LEU A CG  1 
ATOM   472  C  CD1 . LEU A 1 65  ? 1.659   -8.601  -8.214  1.00 11.81 ? 63  LEU A CD1 1 
ATOM   473  C  CD2 . LEU A 1 65  ? 1.420   -6.309  -9.191  1.00 12.15 ? 63  LEU A CD2 1 
ATOM   474  N  N   . SER A 1 66  ? -1.158  -8.340  -5.683  1.00 7.50  ? 64  SER A N   1 
ATOM   475  C  CA  . SER A 1 66  ? -1.171  -7.752  -4.354  1.00 7.89  ? 64  SER A CA  1 
ATOM   476  C  C   . SER A 1 66  ? 0.276   -7.570  -3.882  1.00 8.76  ? 64  SER A C   1 
ATOM   477  O  O   . SER A 1 66  ? 1.141   -8.388  -4.173  1.00 9.71  ? 64  SER A O   1 
ATOM   478  C  CB  . SER A 1 66  ? -1.957  -8.649  -3.388  1.00 9.97  ? 64  SER A CB  1 
ATOM   479  O  OG  . SER A 1 66  ? -1.945  -8.124  -2.066  1.00 11.80 ? 64  SER A OG  1 
ATOM   480  N  N   . ILE A 1 67  ? 0.537   -6.483  -3.170  1.00 7.30  ? 65  ILE A N   1 
ATOM   481  C  CA  . ILE A 1 67  ? 1.870   -6.223  -2.632  1.00 7.68  ? 65  ILE A CA  1 
ATOM   482  C  C   . ILE A 1 67  ? 1.714   -6.074  -1.137  1.00 7.64  ? 65  ILE A C   1 
ATOM   483  O  O   . ILE A 1 67  ? 0.880   -5.295  -0.669  1.00 9.49  ? 65  ILE A O   1 
ATOM   484  C  CB  . ILE A 1 67  ? 2.483   -4.972  -3.264  1.00 8.58  ? 65  ILE A CB  1 
ATOM   485  C  CG1 . ILE A 1 67  ? 2.804   -5.259  -4.741  1.00 14.31 ? 65  ILE A CG1 1 
ATOM   486  C  CG2 . ILE A 1 67  ? 3.770   -4.563  -2.529  1.00 10.66 ? 65  ILE A CG2 1 
ATOM   487  C  CD1 . ILE A 1 67  ? 3.105   -4.016  -5.549  1.00 18.08 ? 65  ILE A CD1 1 
ATOM   488  N  N   . TYR A 1 68  ? 2.481   -6.849  -0.380  1.00 7.62  ? 66  TYR A N   1 
ATOM   489  C  CA  . TYR A 1 68  ? 2.247   -6.928  1.052   1.00 7.60  ? 66  TYR A CA  1 
ATOM   490  C  C   . TYR A 1 68  ? 3.568   -6.881  1.811   1.00 7.95  ? 66  TYR A C   1 
ATOM   491  O  O   . TYR A 1 68  ? 4.637   -7.063  1.241   1.00 8.57  ? 66  TYR A O   1 
ATOM   492  C  CB  . TYR A 1 68  ? 1.443   -8.200  1.385   1.00 9.26  ? 66  TYR A CB  1 
ATOM   493  C  CG  . TYR A 1 68  ? 2.254   -9.469  1.280   1.00 8.60  ? 66  TYR A CG  1 
ATOM   494  C  CD1 . TYR A 1 68  ? 2.709   -10.113 2.423   1.00 11.67 ? 66  TYR A CD1 1 
ATOM   495  C  CD2 . TYR A 1 68  ? 2.615   -9.998  0.038   1.00 9.28  ? 66  TYR A CD2 1 
ATOM   496  C  CE1 . TYR A 1 68  ? 3.479   -11.263 2.347   1.00 11.20 ? 66  TYR A CE1 1 
ATOM   497  C  CE2 . TYR A 1 68  ? 3.387   -11.150 -0.046  1.00 10.19 ? 66  TYR A CE2 1 
ATOM   498  C  CZ  . TYR A 1 68  ? 3.809   -11.771 1.112   1.00 9.92  ? 66  TYR A CZ  1 
ATOM   499  O  OH  . TYR A 1 68  ? 4.579   -12.904 1.030   1.00 12.66 ? 66  TYR A OH  1 
ATOM   500  N  N   . GLY A 1 69  ? 3.489   -6.620  3.107   1.00 9.88  ? 67  GLY A N   1 
ATOM   501  C  CA  . GLY A 1 69  ? 4.684   -6.560  3.923   1.00 10.63 ? 67  GLY A CA  1 
ATOM   502  C  C   . GLY A 1 69  ? 4.461   -5.559  5.023   1.00 10.15 ? 67  GLY A C   1 
ATOM   503  O  O   . GLY A 1 69  ? 3.387   -5.537  5.630   1.00 11.47 ? 67  GLY A O   1 
ATOM   504  N  N   . THR A 1 70  ? 5.463   -4.725  5.280   1.00 10.46 ? 68  THR A N   1 
ATOM   505  C  CA  . THR A 1 70  ? 5.353   -3.748  6.359   1.00 9.05  ? 68  THR A CA  1 
ATOM   506  C  C   . THR A 1 70  ? 5.803   -2.372  5.887   1.00 10.78 ? 68  THR A C   1 
ATOM   507  O  O   . THR A 1 70  ? 6.578   -2.249  4.933   1.00 12.01 ? 68  THR A O   1 
ATOM   508  C  CB  . THR A 1 70  ? 6.224   -4.137  7.563   1.00 11.86 ? 68  THR A CB  1 
ATOM   509  O  OG1 . THR A 1 70  ? 7.594   -4.183  7.153   1.00 14.54 ? 68  THR A OG1 1 
ATOM   510  C  CG2 . THR A 1 70  ? 5.820   -5.503  8.127   1.00 10.99 ? 68  THR A CG2 1 
ATOM   511  N  N   . ILE A 1 71  ? 5.316   -1.340  6.561   1.00 11.26 ? 69  ILE A N   1 
ATOM   512  C  CA  . ILE A 1 71  ? 5.802   0.009   6.327   1.00 11.63 ? 69  ILE A CA  1 
ATOM   513  C  C   . ILE A 1 71  ? 6.278   0.607   7.642   1.00 13.04 ? 69  ILE A C   1 
ATOM   514  O  O   . ILE A 1 71  ? 5.815   0.221   8.712   1.00 12.84 ? 69  ILE A O   1 
ATOM   515  C  CB  . ILE A 1 71  ? 4.733   0.902   5.713   1.00 12.76 ? 69  ILE A CB  1 
ATOM   516  C  CG1 . ILE A 1 71  ? 3.519   0.976   6.637   1.00 15.24 ? 69  ILE A CG1 1 
ATOM   517  C  CG2 . ILE A 1 71  ? 4.351   0.383   4.317   1.00 14.71 ? 69  ILE A CG2 1 
ATOM   518  C  CD1 . ILE A 1 71  ? 2.625   2.163   6.387   1.00 22.85 ? 69  ILE A CD1 1 
ATOM   519  N  N   . SER A 1 72  ? 7.213   1.546   7.547   1.00 11.31 ? 70  SER A N   1 
ATOM   520  C  CA  . SER A 1 72  ? 7.900   2.068   8.726   1.00 13.74 ? 70  SER A CA  1 
ATOM   521  C  C   . SER A 1 72  ? 7.063   3.029   9.566   1.00 12.58 ? 70  SER A C   1 
ATOM   522  O  O   . SER A 1 72  ? 6.364   3.883   9.036   1.00 12.93 ? 70  SER A O   1 
ATOM   523  C  CB  . SER A 1 72  ? 9.187   2.774   8.296   1.00 18.62 ? 70  SER A CB  1 
ATOM   524  O  OG  . SER A 1 72  ? 9.854   3.304   9.428   1.00 22.74 ? 70  SER A OG  1 
ATOM   525  N  N   . THR A 1 73  ? 7.149   2.876   10.885  1.00 10.55 ? 71  THR A N   1 
ATOM   526  C  CA  . THR A 1 73  ? 6.544   3.817   11.819  1.00 8.75  ? 71  THR A CA  1 
ATOM   527  C  C   . THR A 1 73  ? 7.448   5.005   12.121  1.00 11.05 ? 71  THR A C   1 
ATOM   528  O  O   . THR A 1 73  ? 7.003   5.971   12.745  1.00 12.45 ? 71  THR A O   1 
ATOM   529  C  CB  . THR A 1 73  ? 6.345   3.171   13.176  1.00 10.43 ? 71  THR A CB  1 
ATOM   530  O  OG1 . THR A 1 73  ? 7.625   2.725   13.640  1.00 11.09 ? 71  THR A OG1 1 
ATOM   531  C  CG2 . THR A 1 73  ? 5.393   1.986   13.100  1.00 12.85 ? 71  THR A CG2 1 
ATOM   532  N  N   . GLY A 1 74  ? 8.720   4.912   11.742  1.00 10.69 ? 72  GLY A N   1 
ATOM   533  C  CA  . GLY A 1 74  ? 9.694   5.934   12.088  1.00 13.01 ? 72  GLY A CA  1 
ATOM   534  C  C   . GLY A 1 74  ? 10.224  5.780   13.505  1.00 14.55 ? 72  GLY A C   1 
ATOM   535  O  O   . GLY A 1 74  ? 10.809  6.712   14.067  1.00 18.66 ? 72  GLY A O   1 
ATOM   536  N  N   . GLU A 1 75  ? 10.006  4.607   14.089  1.00 9.91  ? 73  GLU A N   1 
ATOM   537  C  CA  . GLU A 1 75  ? 10.489  4.309   15.435  1.00 10.13 ? 73  GLU A CA  1 
ATOM   538  C  C   . GLU A 1 75  ? 11.270  3.011   15.404  1.00 10.59 ? 73  GLU A C   1 
ATOM   539  O  O   . GLU A 1 75  ? 11.152  2.224   14.462  1.00 10.80 ? 73  GLU A O   1 
ATOM   540  C  CB  . GLU A 1 75  ? 9.324   4.157   16.413  1.00 10.59 ? 73  GLU A CB  1 
ATOM   541  C  CG  . GLU A 1 75  ? 8.406   5.350   16.496  1.00 12.02 ? 73  GLU A CG  1 
ATOM   542  C  CD  . GLU A 1 75  ? 7.377   5.181   17.596  1.00 11.69 ? 73  GLU A CD  1 
ATOM   543  O  OE1 . GLU A 1 75  ? 6.208   4.973   17.250  1.00 14.50 ? 73  GLU A OE1 1 
ATOM   544  O  OE2 . GLU A 1 75  ? 7.754   5.260   18.790  1.00 15.93 ? 73  GLU A OE2 1 
ATOM   545  N  N   . ASP A 1 76  ? 12.065  2.775   16.440  1.00 9.31  ? 74  ASP A N   1 
ATOM   546  C  CA  . ASP A 1 76  ? 12.874  1.561   16.496  1.00 8.77  ? 74  ASP A CA  1 
ATOM   547  C  C   . ASP A 1 76  ? 13.200  1.203   17.946  1.00 8.78  ? 74  ASP A C   1 
ATOM   548  O  O   . ASP A 1 76  ? 12.521  1.660   18.865  1.00 10.23 ? 74  ASP A O   1 
ATOM   549  C  CB  . ASP A 1 76  ? 14.129  1.708   15.631  1.00 10.97 ? 74  ASP A CB  1 
ATOM   550  C  CG  . ASP A 1 76  ? 15.010  2.830   16.090  1.00 13.97 ? 74  ASP A CG  1 
ATOM   551  O  OD1 . ASP A 1 76  ? 14.752  3.325   17.198  1.00 9.90  ? 74  ASP A OD1 1 
ATOM   552  O  OD2 . ASP A 1 76  ? 15.944  3.213   15.349  1.00 16.75 ? 74  ASP A OD2 1 
ATOM   553  N  N   . GLY A 1 77  ? 14.201  0.359   18.165  1.00 9.81  ? 75  GLY A N   1 
ATOM   554  C  CA  . GLY A 1 77  ? 14.539  -0.025  19.524  1.00 9.41  ? 75  GLY A CA  1 
ATOM   555  C  C   . GLY A 1 77  ? 13.441  -0.895  20.099  1.00 11.15 ? 75  GLY A C   1 
ATOM   556  O  O   . GLY A 1 77  ? 13.064  -1.897  19.487  1.00 11.34 ? 75  GLY A O   1 
ATOM   557  N  N   . SER A 1 78  ? 12.917  -0.518  21.262  1.00 11.94 ? 76  SER A N   1 
ATOM   558  C  CA  . SER A 1 78  ? 11.831  -1.283  21.867  1.00 11.85 ? 76  SER A CA  1 
ATOM   559  C  C   . SER A 1 78  ? 10.471  -0.828  21.351  1.00 11.57 ? 76  SER A C   1 
ATOM   560  O  O   . SER A 1 78  ? 9.449   -1.450  21.646  1.00 13.42 ? 76  SER A O   1 
ATOM   561  C  CB  . SER A 1 78  ? 11.876  -1.179  23.392  1.00 16.33 ? 76  SER A CB  1 
ATOM   562  O  OG  . SER A 1 78  ? 13.021  -1.853  23.904  1.00 15.12 ? 76  SER A OG  1 
ATOM   563  N  N   . SER A 1 79  ? 10.463  0.252   20.576  1.00 9.95  ? 77  SER A N   1 
ATOM   564  C  CA  . SER A 1 79  ? 9.221   0.791   20.024  1.00 10.22 ? 77  SER A CA  1 
ATOM   565  C  C   . SER A 1 79  ? 8.772   -0.027  18.821  1.00 10.69 ? 77  SER A C   1 
ATOM   566  O  O   . SER A 1 79  ? 9.584   -0.704  18.199  1.00 11.24 ? 77  SER A O   1 
ATOM   567  C  CB  . SER A 1 79  ? 9.438   2.234   19.565  1.00 13.15 ? 77  SER A CB  1 
ATOM   568  O  OG  . SER A 1 79  ? 9.890   3.053   20.633  1.00 15.28 ? 77  SER A OG  1 
ATOM   569  N  N   . PRO A 1 80  ? 7.476   0.044   18.480  1.00 10.01 ? 78  PRO A N   1 
ATOM   570  C  CA  . PRO A 1 80  ? 7.029   -0.585  17.233  1.00 10.55 ? 78  PRO A CA  1 
ATOM   571  C  C   . PRO A 1 80  ? 7.737   0.034   16.047  1.00 10.38 ? 78  PRO A C   1 
ATOM   572  O  O   . PRO A 1 80  ? 7.818   1.261   15.926  1.00 12.75 ? 78  PRO A O   1 
ATOM   573  C  CB  . PRO A 1 80  ? 5.536   -0.254  17.183  1.00 14.38 ? 78  PRO A CB  1 
ATOM   574  C  CG  . PRO A 1 80  ? 5.156   -0.074  18.621  1.00 14.66 ? 78  PRO A CG  1 
ATOM   575  C  CD  . PRO A 1 80  ? 6.352   0.563   19.274  1.00 13.32 ? 78  PRO A CD  1 
ATOM   576  N  N   . HIS A 1 81  ? 8.225   -0.819  15.158  1.00 9.14  ? 79  HIS A N   1 
ATOM   577  C  CA  . HIS A 1 81  ? 9.074   -0.383  14.065  1.00 9.28  ? 79  HIS A CA  1 
ATOM   578  C  C   . HIS A 1 81  ? 8.333   -0.350  12.736  1.00 9.45  ? 79  HIS A C   1 
ATOM   579  O  O   . HIS A 1 81  ? 8.695   0.400   11.829  1.00 10.39 ? 79  HIS A O   1 
ATOM   580  C  CB  . HIS A 1 81  ? 10.270  -1.332  13.972  1.00 10.87 ? 79  HIS A CB  1 
ATOM   581  C  CG  . HIS A 1 81  ? 11.179  -1.047  12.825  1.00 10.67 ? 79  HIS A CG  1 
ATOM   582  N  ND1 . HIS A 1 81  ? 11.889  0.130   12.714  1.00 12.30 ? 79  HIS A ND1 1 
ATOM   583  C  CD2 . HIS A 1 81  ? 11.512  -1.791  11.743  1.00 11.65 ? 79  HIS A CD2 1 
ATOM   584  C  CE1 . HIS A 1 81  ? 12.601  0.110   11.603  1.00 16.53 ? 79  HIS A CE1 1 
ATOM   585  N  NE2 . HIS A 1 81  ? 12.391  -1.046  10.997  1.00 12.24 ? 79  HIS A NE2 1 
ATOM   586  N  N   . SER A 1 82  ? 7.307   -1.179  12.607  1.00 10.39 ? 80  SER A N   1 
ATOM   587  C  CA  . SER A 1 82  ? 6.593   -1.236  11.339  1.00 12.21 ? 80  SER A CA  1 
ATOM   588  C  C   . SER A 1 82  ? 5.158   -1.703  11.519  1.00 14.27 ? 80  SER A C   1 
ATOM   589  O  O   . SER A 1 82  ? 4.793   -2.279  12.546  1.00 17.50 ? 80  SER A O   1 
ATOM   590  C  CB  . SER A 1 82  ? 7.342   -2.116  10.332  1.00 14.22 ? 80  SER A CB  1 
ATOM   591  O  OG  . SER A 1 82  ? 7.347   -3.471  10.742  1.00 17.72 ? 80  SER A OG  1 
ATOM   592  N  N   . ILE A 1 83  ? 4.345   -1.434  10.504  1.00 12.58 ? 81  ILE A N   1 
ATOM   593  C  CA  . ILE A 1 83  ? 2.939   -1.802  10.503  1.00 13.07 ? 81  ILE A CA  1 
ATOM   594  C  C   . ILE A 1 83  ? 2.709   -2.685  9.288   1.00 11.42 ? 81  ILE A C   1 
ATOM   595  O  O   . ILE A 1 83  ? 3.156   -2.350  8.193   1.00 10.84 ? 81  ILE A O   1 
ATOM   596  C  CB  . ILE A 1 83  ? 2.049   -0.550  10.421  1.00 16.10 ? 81  ILE A CB  1 
ATOM   597  C  CG1 . ILE A 1 83  ? 2.174   0.254   11.720  1.00 23.69 ? 81  ILE A CG1 1 
ATOM   598  C  CG2 . ILE A 1 83  ? 0.593   -0.927  10.167  1.00 21.39 ? 81  ILE A CG2 1 
ATOM   599  C  CD1 . ILE A 1 83  ? 1.490   1.587   11.685  1.00 27.81 ? 81  ILE A CD1 1 
ATOM   600  N  N   . PRO A 1 84  ? 2.051   -3.831  9.475   1.00 10.29 ? 82  PRO A N   1 
ATOM   601  C  CA  . PRO A 1 84  ? 1.845   -4.731  8.338   1.00 9.27  ? 82  PRO A CA  1 
ATOM   602  C  C   . PRO A 1 84  ? 0.663   -4.270  7.480   1.00 9.65  ? 82  PRO A C   1 
ATOM   603  O  O   . PRO A 1 84  ? -0.397  -3.917  8.003   1.00 10.87 ? 82  PRO A O   1 
ATOM   604  C  CB  . PRO A 1 84  ? 1.549   -6.072  9.008   1.00 12.22 ? 82  PRO A CB  1 
ATOM   605  C  CG  . PRO A 1 84  ? 0.938   -5.706  10.315  1.00 13.26 ? 82  PRO A CG  1 
ATOM   606  C  CD  . PRO A 1 84  ? 1.578   -4.414  10.742  1.00 12.25 ? 82  PRO A CD  1 
ATOM   607  N  N   . VAL A 1 85  ? 0.867   -4.264  6.166   1.00 8.77  ? 83  VAL A N   1 
ATOM   608  C  CA  . VAL A 1 85  ? -0.139  -3.788  5.228   1.00 8.52  ? 83  VAL A CA  1 
ATOM   609  C  C   . VAL A 1 85  ? -0.265  -4.720  4.030   1.00 8.87  ? 83  VAL A C   1 
ATOM   610  O  O   . VAL A 1 85  ? 0.625   -5.521  3.745   1.00 8.58  ? 83  VAL A O   1 
ATOM   611  C  CB  . VAL A 1 85  ? 0.200   -2.379  4.701   1.00 10.46 ? 83  VAL A CB  1 
ATOM   612  C  CG1 . VAL A 1 85  ? 0.285   -1.373  5.859   1.00 12.81 ? 83  VAL A CG1 1 
ATOM   613  C  CG2 . VAL A 1 85  ? 1.496   -2.410  3.893   1.00 11.81 ? 83  VAL A CG2 1 
ATOM   614  N  N   . ILE A 1 86  ? -1.399  -4.609  3.346   1.00 8.63  ? 84  ILE A N   1 
ATOM   615  C  CA  . ILE A 1 86  ? -1.642  -5.334  2.110   1.00 8.11  ? 84  ILE A CA  1 
ATOM   616  C  C   . ILE A 1 86  ? -2.252  -4.376  1.098   1.00 9.88  ? 84  ILE A C   1 
ATOM   617  O  O   . ILE A 1 86  ? -3.300  -3.780  1.366   1.00 9.99  ? 84  ILE A O   1 
ATOM   618  C  CB  . ILE A 1 86  ? -2.615  -6.494  2.320   1.00 9.42  ? 84  ILE A CB  1 
ATOM   619  C  CG1 . ILE A 1 86  ? -2.037  -7.487  3.331   1.00 12.00 ? 84  ILE A CG1 1 
ATOM   620  C  CG2 . ILE A 1 86  ? -2.906  -7.175  0.993   1.00 10.79 ? 84  ILE A CG2 1 
ATOM   621  C  CD1 . ILE A 1 86  ? -2.974  -8.619  3.712   1.00 16.69 ? 84  ILE A CD1 1 
ATOM   622  N  N   . MET A 1 87  ? -1.583  -4.213  -0.043  1.00 7.73  ? 85  MET A N   1 
ATOM   623  C  CA  . MET A 1 87  ? -2.059  -3.377  -1.145  1.00 7.21  ? 85  MET A CA  1 
ATOM   624  C  C   . MET A 1 87  ? -2.590  -4.276  -2.257  1.00 8.73  ? 85  MET A C   1 
ATOM   625  O  O   . MET A 1 87  ? -2.053  -5.364  -2.497  1.00 9.29  ? 85  MET A O   1 
ATOM   626  C  CB  . MET A 1 87  ? -0.904  -2.510  -1.692  1.00 10.64 ? 85  MET A CB  1 
ATOM   627  C  CG  . MET A 1 87  ? -1.146  -1.814  -3.059  1.00 14.82 ? 85  MET A CG  1 
ATOM   628  S  SD  . MET A 1 87  ? 0.322   -0.966  -3.733  1.00 17.26 ? 85  MET A SD  1 
ATOM   629  C  CE  . MET A 1 87  ? 0.419   0.432   -2.627  1.00 16.05 ? 85  MET A CE  1 
ATOM   630  N  N   . TRP A 1 88  ? -3.632  -3.817  -2.940  1.00 8.13  ? 86  TRP A N   1 
ATOM   631  C  CA  . TRP A 1 88  ? -4.153  -4.510  -4.101  1.00 7.53  ? 86  TRP A CA  1 
ATOM   632  C  C   . TRP A 1 88  ? -4.146  -3.549  -5.271  1.00 8.39  ? 86  TRP A C   1 
ATOM   633  O  O   . TRP A 1 88  ? -4.613  -2.420  -5.144  1.00 9.29  ? 86  TRP A O   1 
ATOM   634  C  CB  . TRP A 1 88  ? -5.597  -4.927  -3.856  1.00 9.58  ? 86  TRP A CB  1 
ATOM   635  C  CG  . TRP A 1 88  ? -5.775  -5.904  -2.752  1.00 9.56  ? 86  TRP A CG  1 
ATOM   636  C  CD1 . TRP A 1 88  ? -5.836  -5.632  -1.405  1.00 9.71  ? 86  TRP A CD1 1 
ATOM   637  C  CD2 . TRP A 1 88  ? -5.957  -7.316  -2.884  1.00 9.10  ? 86  TRP A CD2 1 
ATOM   638  N  NE1 . TRP A 1 88  ? -6.038  -6.796  -0.703  1.00 11.38 ? 86  TRP A NE1 1 
ATOM   639  C  CE2 . TRP A 1 88  ? -6.114  -7.841  -1.587  1.00 10.76 ? 86  TRP A CE2 1 
ATOM   640  C  CE3 . TRP A 1 88  ? -6.002  -8.190  -3.980  1.00 10.68 ? 86  TRP A CE3 1 
ATOM   641  C  CZ2 . TRP A 1 88  ? -6.323  -9.201  -1.353  1.00 13.22 ? 86  TRP A CZ2 1 
ATOM   642  C  CZ3 . TRP A 1 88  ? -6.217  -9.533  -3.745  1.00 11.55 ? 86  TRP A CZ3 1 
ATOM   643  C  CH2 . TRP A 1 88  ? -6.371  -10.028 -2.442  1.00 13.42 ? 86  TRP A CH2 1 
ATOM   644  N  N   . VAL A 1 89  ? -3.608  -3.987  -6.405  1.00 7.29  ? 87  VAL A N   1 
ATOM   645  C  CA  . VAL A 1 89  ? -3.558  -3.127  -7.581  1.00 6.99  ? 87  VAL A CA  1 
ATOM   646  C  C   . VAL A 1 89  ? -4.744  -3.469  -8.498  1.00 6.81  ? 87  VAL A C   1 
ATOM   647  O  O   . VAL A 1 89  ? -4.821  -4.574  -9.024  1.00 7.55  ? 87  VAL A O   1 
ATOM   648  C  CB  . VAL A 1 89  ? -2.224  -3.290  -8.332  1.00 7.39  ? 87  VAL A CB  1 
ATOM   649  C  CG1 . VAL A 1 89  ? -2.114  -2.250  -9.438  1.00 8.73  ? 87  VAL A CG1 1 
ATOM   650  C  CG2 . VAL A 1 89  ? -1.053  -3.151  -7.363  1.00 10.17 ? 87  VAL A CG2 1 
ATOM   651  N  N   . PRO A 1 90  ? -5.675  -2.530  -8.674  1.00 6.91  ? 88  PRO A N   1 
ATOM   652  C  CA  . PRO A 1 90  ? -6.844  -2.834  -9.504  1.00 7.75  ? 88  PRO A CA  1 
ATOM   653  C  C   . PRO A 1 90  ? -6.495  -2.953  -10.994 1.00 7.30  ? 88  PRO A C   1 
ATOM   654  O  O   . PRO A 1 90  ? -5.517  -2.366  -11.481 1.00 7.71  ? 88  PRO A O   1 
ATOM   655  C  CB  . PRO A 1 90  ? -7.761  -1.624  -9.264  1.00 8.85  ? 88  PRO A CB  1 
ATOM   656  C  CG  . PRO A 1 90  ? -6.797  -0.494  -9.012  1.00 10.82 ? 88  PRO A CG  1 
ATOM   657  C  CD  . PRO A 1 90  ? -5.696  -1.136  -8.181  1.00 8.49  ? 88  PRO A CD  1 
ATOM   658  N  N   . SER A 1 91  ? -7.323  -3.695  -11.723 1.00 8.33  ? 89  SER A N   1 
ATOM   659  C  CA  . SER A 1 91  ? -7.023  -3.991  -13.113 1.00 8.31  ? 89  SER A CA  1 
ATOM   660  C  C   . SER A 1 91  ? -6.967  -2.741  -14.002 1.00 8.47  ? 89  SER A C   1 
ATOM   661  O  O   . SER A 1 91  ? -6.337  -2.761  -15.062 1.00 8.96  ? 89  SER A O   1 
ATOM   662  C  CB  . SER A 1 91  ? -8.011  -5.031  -13.663 1.00 7.96  ? 89  SER A CB  1 
ATOM   663  O  OG  . SER A 1 91  ? -9.350  -4.565  -13.562 1.00 9.60  ? 89  SER A OG  1 
ATOM   664  N  N   . MET A 1 92  ? -7.605  -1.655  -13.568 1.00 8.71  ? 90  MET A N   1 
ATOM   665  C  CA  . MET A 1 92  ? -7.574  -0.399  -14.317 1.00 8.26  ? 90  MET A CA  1 
ATOM   666  C  C   . MET A 1 92  ? -6.484  0.571   -13.875 1.00 10.53 ? 90  MET A C   1 
ATOM   667  O  O   . MET A 1 92  ? -6.476  1.723   -14.312 1.00 10.91 ? 90  MET A O   1 
ATOM   668  C  CB  . MET A 1 92  ? -8.937  0.299   -14.263 1.00 12.14 ? 90  MET A CB  1 
ATOM   669  C  CG  . MET A 1 92  ? -9.983  -0.380  -15.129 1.00 14.10 ? 90  MET A CG  1 
ATOM   670  S  SD  . MET A 1 92  ? -9.591  -0.275  -16.890 1.00 20.97 ? 90  MET A SD  1 
ATOM   671  C  CE  . MET A 1 92  ? -9.616  1.499   -17.144 1.00 25.93 ? 90  MET A CE  1 
ATOM   672  N  N   . TYR A 1 93  ? -5.571  0.122   -13.019 1.00 8.05  ? 91  TYR A N   1 
ATOM   673  C  CA  . TYR A 1 93  ? -4.440  0.965   -12.608 1.00 9.28  ? 91  TYR A CA  1 
ATOM   674  C  C   . TYR A 1 93  ? -3.727  1.534   -13.847 1.00 8.13  ? 91  TYR A C   1 
ATOM   675  O  O   . TYR A 1 93  ? -3.495  0.803   -14.799 1.00 8.52  ? 91  TYR A O   1 
ATOM   676  C  CB  . TYR A 1 93  ? -3.458  0.164   -11.731 1.00 8.94  ? 91  TYR A CB  1 
ATOM   677  C  CG  . TYR A 1 93  ? -2.300  1.003   -11.262 1.00 7.32  ? 91  TYR A CG  1 
ATOM   678  C  CD1 . TYR A 1 93  ? -2.439  1.860   -10.191 1.00 7.49  ? 91  TYR A CD1 1 
ATOM   679  C  CD2 . TYR A 1 93  ? -1.072  0.965   -11.927 1.00 7.45  ? 91  TYR A CD2 1 
ATOM   680  C  CE1 . TYR A 1 93  ? -1.394  2.659   -9.777  1.00 6.97  ? 91  TYR A CE1 1 
ATOM   681  C  CE2 . TYR A 1 93  ? -0.011  1.762   -11.522 1.00 6.91  ? 91  TYR A CE2 1 
ATOM   682  C  CZ  . TYR A 1 93  ? -0.188  2.613   -10.445 1.00 6.32  ? 91  TYR A CZ  1 
ATOM   683  O  OH  . TYR A 1 93  ? 0.840   3.426   -10.016 1.00 6.58  ? 91  TYR A OH  1 
ATOM   684  N  N   . PRO A 1 94  ? -3.357  2.828   -13.847 1.00 7.91  ? 92  PRO A N   1 
ATOM   685  C  CA  . PRO A 1 94  ? -3.421  3.818   -12.771 1.00 8.61  ? 92  PRO A CA  1 
ATOM   686  C  C   . PRO A 1 94  ? -4.674  4.680   -12.792 1.00 8.97  ? 92  PRO A C   1 
ATOM   687  O  O   . PRO A 1 94  ? -4.735  5.622   -12.003 1.00 10.99 ? 92  PRO A O   1 
ATOM   688  C  CB  . PRO A 1 94  ? -2.206  4.698   -13.060 1.00 10.75 ? 92  PRO A CB  1 
ATOM   689  C  CG  . PRO A 1 94  ? -2.156  4.727   -14.549 1.00 8.99  ? 92  PRO A CG  1 
ATOM   690  C  CD  . PRO A 1 94  ? -2.526  3.310   -14.971 1.00 10.00 ? 92  PRO A CD  1 
ATOM   691  N  N   . VAL A 1 95  ? -5.636  4.397   -13.662 1.00 8.92  ? 93  VAL A N   1 
ATOM   692  C  CA  . VAL A 1 95  ? -6.881  5.158   -13.659 1.00 9.40  ? 93  VAL A CA  1 
ATOM   693  C  C   . VAL A 1 95  ? -7.569  5.010   -12.311 1.00 10.65 ? 93  VAL A C   1 
ATOM   694  O  O   . VAL A 1 95  ? -8.112  5.969   -11.763 1.00 13.47 ? 93  VAL A O   1 
ATOM   695  C  CB  . VAL A 1 95  ? -7.814  4.707   -14.788 1.00 10.69 ? 93  VAL A CB  1 
ATOM   696  C  CG1 . VAL A 1 95  ? -9.138  5.460   -14.720 1.00 14.86 ? 93  VAL A CG1 1 
ATOM   697  C  CG2 . VAL A 1 95  ? -7.144  4.931   -16.133 1.00 14.59 ? 93  VAL A CG2 1 
ATOM   698  N  N   . LYS A 1 96  ? -7.540  3.796   -11.779 1.00 9.99  ? 94  LYS A N   1 
ATOM   699  C  CA  . LYS A 1 96  ? -7.992  3.539   -10.424 1.00 11.41 ? 94  LYS A CA  1 
ATOM   700  C  C   . LYS A 1 96  ? -6.786  3.319   -9.531  1.00 11.76 ? 94  LYS A C   1 
ATOM   701  O  O   . LYS A 1 96  ? -5.844  2.632   -9.921  1.00 11.13 ? 94  LYS A O   1 
ATOM   702  C  CB  . LYS A 1 96  ? -8.880  2.302   -10.400 1.00 12.14 ? 94  LYS A CB  1 
ATOM   703  C  CG  . LYS A 1 96  ? -10.148 2.465   -11.229 1.00 17.09 ? 94  LYS A CG  1 
ATOM   704  C  CD  . LYS A 1 96  ? -11.152 1.359   -10.949 1.00 27.67 ? 94  LYS A CD  1 
ATOM   705  C  CE  . LYS A 1 96  ? -12.429 1.570   -11.747 1.00 37.88 ? 94  LYS A CE  1 
ATOM   706  N  NZ  . LYS A 1 96  ? -13.463 0.546   -11.422 1.00 39.16 ? 94  LYS A NZ  1 
ATOM   707  N  N   . PRO A 1 97  ? -6.808  3.891   -8.326  1.00 8.71  ? 95  PRO A N   1 
ATOM   708  C  CA  . PRO A 1 97  ? -5.670  3.773   -7.416  1.00 10.51 ? 95  PRO A CA  1 
ATOM   709  C  C   . PRO A 1 97  ? -5.669  2.428   -6.694  1.00 9.97  ? 95  PRO A C   1 
ATOM   710  O  O   . PRO A 1 97  ? -6.693  1.729   -6.685  1.00 10.65 ? 95  PRO A O   1 
ATOM   711  C  CB  . PRO A 1 97  ? -5.931  4.892   -6.404  1.00 12.26 ? 95  PRO A CB  1 
ATOM   712  C  CG  . PRO A 1 97  ? -7.404  4.965   -6.337  1.00 13.95 ? 95  PRO A CG  1 
ATOM   713  C  CD  . PRO A 1 97  ? -7.879  4.730   -7.754  1.00 13.47 ? 95  PRO A CD  1 
ATOM   714  N  N   . PRO A 1 98  ? -4.544  2.075   -6.067  1.00 10.35 ? 96  PRO A N   1 
ATOM   715  C  CA  . PRO A 1 98  ? -4.492  0.852   -5.264  1.00 10.04 ? 96  PRO A CA  1 
ATOM   716  C  C   . PRO A 1 98  ? -5.432  0.909   -4.062  1.00 9.97  ? 96  PRO A C   1 
ATOM   717  O  O   . PRO A 1 98  ? -5.717  1.999   -3.549  1.00 12.85 ? 96  PRO A O   1 
ATOM   718  C  CB  . PRO A 1 98  ? -3.043  0.829   -4.769  1.00 12.13 ? 96  PRO A CB  1 
ATOM   719  C  CG  . PRO A 1 98  ? -2.653  2.283   -4.730  1.00 11.33 ? 96  PRO A CG  1 
ATOM   720  C  CD  . PRO A 1 98  ? -3.293  2.844   -5.971  1.00 12.67 ? 96  PRO A CD  1 
ATOM   721  N  N   . PHE A 1 99  ? -5.920  -0.260  -3.657  1.00 10.36 ? 97  PHE A N   1 
ATOM   722  C  CA  . PHE A 1 99  ? -6.581  -0.460  -2.366  1.00 11.48 ? 97  PHE A CA  1 
ATOM   723  C  C   . PHE A 1 99  ? -5.494  -0.733  -1.340  1.00 10.28 ? 97  PHE A C   1 
ATOM   724  O  O   . PHE A 1 99  ? -4.566  -1.488  -1.619  1.00 11.19 ? 97  PHE A O   1 
ATOM   725  C  CB  . PHE A 1 99  ? -7.462  -1.711  -2.376  1.00 14.26 ? 97  PHE A CB  1 
ATOM   726  C  CG  . PHE A 1 99  ? -8.576  -1.701  -3.380  1.00 15.48 ? 97  PHE A CG  1 
ATOM   727  C  CD1 . PHE A 1 99  ? -9.756  -1.024  -3.117  1.00 17.75 ? 97  PHE A CD1 1 
ATOM   728  C  CD2 . PHE A 1 99  ? -8.475  -2.434  -4.546  1.00 17.80 ? 97  PHE A CD2 1 
ATOM   729  C  CE1 . PHE A 1 99  ? -10.795 -1.044  -4.021  1.00 19.14 ? 97  PHE A CE1 1 
ATOM   730  C  CE2 . PHE A 1 99  ? -9.516  -2.463  -5.462  1.00 19.07 ? 97  PHE A CE2 1 
ATOM   731  C  CZ  . PHE A 1 99  ? -10.677 -1.766  -5.198  1.00 13.67 ? 97  PHE A CZ  1 
ATOM   732  N  N   . ILE A 1 100 ? -5.612  -0.146  -0.152  1.00 10.74 ? 98  ILE A N   1 
ATOM   733  C  CA  . ILE A 1 100 ? -4.631  -0.332  0.907   1.00 11.19 ? 98  ILE A CA  1 
ATOM   734  C  C   . ILE A 1 100 ? -5.349  -0.776  2.169   1.00 10.95 ? 98  ILE A C   1 
ATOM   735  O  O   . ILE A 1 100 ? -6.323  -0.151  2.569   1.00 10.29 ? 98  ILE A O   1 
ATOM   736  C  CB  . ILE A 1 100 ? -3.927  0.991   1.232   1.00 21.26 ? 98  ILE A CB  1 
ATOM   737  C  CG1 . ILE A 1 100 ? -3.340  1.609   -0.034  1.00 25.78 ? 98  ILE A CG1 1 
ATOM   738  C  CG2 . ILE A 1 100 ? -2.848  0.770   2.273   1.00 23.24 ? 98  ILE A CG2 1 
ATOM   739  C  CD1 . ILE A 1 100 ? -2.263  0.770   -0.639  1.00 23.76 ? 98  ILE A CD1 1 
ATOM   740  N  N   . SER A 1 101 ? -4.880  -1.850  2.798   1.00 9.68  ? 99  SER A N   1 
ATOM   741  C  CA  . SER A 1 101 ? -5.469  -2.310  4.042   1.00 9.83  ? 99  SER A CA  1 
ATOM   742  C  C   . SER A 1 101 ? -4.398  -2.567  5.083   1.00 10.21 ? 99  SER A C   1 
ATOM   743  O  O   . SER A 1 101 ? -3.226  -2.763  4.761   1.00 10.29 ? 99  SER A O   1 
ATOM   744  C  CB  . SER A 1 101 ? -6.258  -3.593  3.821   1.00 11.57 ? 99  SER A CB  1 
ATOM   745  O  OG  . SER A 1 101 ? -5.379  -4.655  3.480   1.00 12.87 ? 99  SER A OG  1 
ATOM   746  N  N   . ILE A 1 102 ? -4.816  -2.569  6.340   1.00 11.24 ? 100 ILE A N   1 
ATOM   747  C  CA  . ILE A 1 102 ? -3.961  -3.069  7.404   1.00 10.38 ? 100 ILE A CA  1 
ATOM   748  C  C   . ILE A 1 102 ? -4.093  -4.583  7.453   1.00 14.00 ? 100 ILE A C   1 
ATOM   749  O  O   . ILE A 1 102 ? -5.187  -5.122  7.303   1.00 14.74 ? 100 ILE A O   1 
ATOM   750  C  CB  . ILE A 1 102 ? -4.388  -2.499  8.762   1.00 17.46 ? 100 ILE A CB  1 
ATOM   751  C  CG1 . ILE A 1 102 ? -4.343  -0.970  8.736   1.00 19.64 ? 100 ILE A CG1 1 
ATOM   752  C  CG2 . ILE A 1 102 ? -3.493  -3.044  9.865   1.00 18.85 ? 100 ILE A CG2 1 
ATOM   753  C  CD1 . ILE A 1 102 ? -2.936  -0.406  8.740   1.00 25.84 ? 100 ILE A CD1 1 
ATOM   754  N  N   . ASN A 1 103 ? -2.972  -5.268  7.650   1.00 11.96 ? 101 ASN A N   1 
ATOM   755  C  CA  . ASN A 1 103 ? -2.979  -6.708  7.885   1.00 14.02 ? 101 ASN A CA  1 
ATOM   756  C  C   . ASN A 1 103 ? -3.461  -6.920  9.314   1.00 17.03 ? 101 ASN A C   1 
ATOM   757  O  O   . ASN A 1 103 ? -2.665  -6.945  10.245  1.00 16.82 ? 101 ASN A O   1 
ATOM   758  C  CB  . ASN A 1 103 ? -1.565  -7.268  7.698   1.00 15.32 ? 101 ASN A CB  1 
ATOM   759  C  CG  . ASN A 1 103 ? -1.518  -8.788  7.730   1.00 20.26 ? 101 ASN A CG  1 
ATOM   760  O  OD1 . ASN A 1 103 ? -2.337  -9.440  8.379   1.00 22.96 ? 101 ASN A OD1 1 
ATOM   761  N  ND2 . ASN A 1 103 ? -0.549  -9.360  7.026   1.00 24.76 ? 101 ASN A ND2 1 
ATOM   762  N  N   . LEU A 1 104 ? -4.776  -7.054  9.474   1.00 17.94 ? 102 LEU A N   1 
ATOM   763  C  CA  . LEU A 1 104 ? -5.424  -7.035  10.788  1.00 20.67 ? 102 LEU A CA  1 
ATOM   764  C  C   . LEU A 1 104 ? -4.920  -8.106  11.749  1.00 22.51 ? 102 LEU A C   1 
ATOM   765  O  O   . LEU A 1 104 ? -4.709  -7.840  12.938  1.00 17.80 ? 102 LEU A O   1 
ATOM   766  C  CB  . LEU A 1 104 ? -6.941  -7.156  10.619  1.00 25.08 ? 102 LEU A CB  1 
ATOM   767  C  CG  . LEU A 1 104 ? -7.594  -6.021  9.825   1.00 24.52 ? 102 LEU A CG  1 
ATOM   768  C  CD1 . LEU A 1 104 ? -9.068  -6.298  9.570   1.00 27.91 ? 102 LEU A CD1 1 
ATOM   769  C  CD2 . LEU A 1 104 ? -7.410  -4.705  10.557  1.00 26.96 ? 102 LEU A CD2 1 
ATOM   770  N  N   . GLU A 1 105 ? -4.727  -9.315  11.236  1.00 18.31 ? 103 GLU A N   1 
ATOM   771  C  CA  . GLU A 1 105 ? -4.302  -10.431 12.074  1.00 19.72 ? 103 GLU A CA  1 
ATOM   772  C  C   . GLU A 1 105 ? -2.956  -10.168 12.751  1.00 19.58 ? 103 GLU A C   1 
ATOM   773  O  O   . GLU A 1 105 ? -2.673  -10.712 13.821  1.00 20.73 ? 103 GLU A O   1 
ATOM   774  C  CB  . GLU A 1 105 ? -4.236  -11.720 11.251  1.00 24.10 ? 103 GLU A CB  1 
ATOM   775  C  CG  . GLU A 1 105 ? -3.798  -12.948 12.042  1.00 34.25 ? 103 GLU A CG  1 
ATOM   776  C  CD  . GLU A 1 105 ? -3.734  -14.203 11.188  1.00 48.20 ? 103 GLU A CD  1 
ATOM   777  O  OE1 . GLU A 1 105 ? -4.027  -14.119 9.975   1.00 51.95 ? 103 GLU A OE1 1 
ATOM   778  O  OE2 . GLU A 1 105 ? -3.388  -15.275 11.733  1.00 53.80 ? 103 GLU A OE2 1 
ATOM   779  N  N   . ASN A 1 106 ? -2.143  -9.313  12.137  1.00 16.36 ? 104 ASN A N   1 
ATOM   780  C  CA  . ASN A 1 106 ? -0.792  -9.048  12.631  1.00 14.85 ? 104 ASN A CA  1 
ATOM   781  C  C   . ASN A 1 106 ? -0.592  -7.654  13.161  1.00 12.78 ? 104 ASN A C   1 
ATOM   782  O  O   . ASN A 1 106 ? 0.539   -7.222  13.375  1.00 14.35 ? 104 ASN A O   1 
ATOM   783  C  CB  . ASN A 1 106 ? 0.223   -9.305  11.531  1.00 15.33 ? 104 ASN A CB  1 
ATOM   784  C  CG  . ASN A 1 106 ? 0.369   -10.761 11.232  1.00 14.37 ? 104 ASN A CG  1 
ATOM   785  O  OD1 . ASN A 1 106 ? 0.674   -11.560 12.117  1.00 15.34 ? 104 ASN A OD1 1 
ATOM   786  N  ND2 . ASN A 1 106 ? 0.129   -11.129 9.986   1.00 21.16 ? 104 ASN A ND2 1 
ATOM   787  N  N   . PHE A 1 107 ? -1.690  -6.948  13.383  1.00 14.90 ? 105 PHE A N   1 
ATOM   788  C  CA  . PHE A 1 107 ? -1.600  -5.587  13.875  1.00 14.51 ? 105 PHE A CA  1 
ATOM   789  C  C   . PHE A 1 107 ? -1.445  -5.553  15.391  1.00 15.55 ? 105 PHE A C   1 
ATOM   790  O  O   . PHE A 1 107 ? -2.277  -6.087  16.127  1.00 18.89 ? 105 PHE A O   1 
ATOM   791  C  CB  . PHE A 1 107 ? -2.813  -4.776  13.431  1.00 15.74 ? 105 PHE A CB  1 
ATOM   792  C  CG  . PHE A 1 107 ? -2.729  -3.332  13.812  1.00 16.21 ? 105 PHE A CG  1 
ATOM   793  C  CD1 . PHE A 1 107 ? -2.054  -2.437  13.011  1.00 17.99 ? 105 PHE A CD1 1 
ATOM   794  C  CD2 . PHE A 1 107 ? -3.309  -2.877  14.984  1.00 21.02 ? 105 PHE A CD2 1 
ATOM   795  C  CE1 . PHE A 1 107 ? -1.968  -1.095  13.358  1.00 22.72 ? 105 PHE A CE1 1 
ATOM   796  C  CE2 . PHE A 1 107 ? -3.225  -1.537  15.344  1.00 18.72 ? 105 PHE A CE2 1 
ATOM   797  C  CZ  . PHE A 1 107 ? -2.556  -0.649  14.524  1.00 19.48 ? 105 PHE A CZ  1 
ATOM   798  N  N   . ASP A 1 108 ? -0.369  -4.912  15.837  1.00 14.25 ? 106 ASP A N   1 
ATOM   799  C  CA  . ASP A 1 108 ? 0.045   -4.912  17.239  1.00 17.11 ? 106 ASP A CA  1 
ATOM   800  C  C   . ASP A 1 108 ? -0.820  -3.949  18.047  1.00 19.12 ? 106 ASP A C   1 
ATOM   801  O  O   . ASP A 1 108 ? -0.357  -2.890  18.468  1.00 18.91 ? 106 ASP A O   1 
ATOM   802  C  CB  . ASP A 1 108 ? 1.522   -4.492  17.304  1.00 16.87 ? 106 ASP A CB  1 
ATOM   803  C  CG  . ASP A 1 108 ? 2.204   -4.855  18.614  1.00 21.68 ? 106 ASP A CG  1 
ATOM   804  O  OD1 . ASP A 1 108 ? 1.559   -5.379  19.547  1.00 19.97 ? 106 ASP A OD1 1 
ATOM   805  O  OD2 . ASP A 1 108 ? 3.424   -4.601  18.698  1.00 21.63 ? 106 ASP A OD2 1 
ATOM   806  N  N   . MET A 1 109 ? -2.080  -4.326  18.255  1.00 19.82 ? 107 MET A N   1 
ATOM   807  C  CA  . MET A 1 109 ? -3.039  -3.500  18.986  1.00 23.28 ? 107 MET A CA  1 
ATOM   808  C  C   . MET A 1 109 ? -2.559  -3.103  20.378  1.00 20.47 ? 107 MET A C   1 
ATOM   809  O  O   . MET A 1 109 ? -2.893  -2.027  20.877  1.00 21.88 ? 107 MET A O   1 
ATOM   810  C  CB  . MET A 1 109 ? -4.374  -4.242  19.125  1.00 28.68 ? 107 MET A CB  1 
ATOM   811  C  CG  . MET A 1 109 ? -5.140  -4.430  17.828  1.00 35.13 ? 107 MET A CG  1 
ATOM   812  S  SD  . MET A 1 109 ? -5.702  -2.864  17.135  1.00 51.63 ? 107 MET A SD  1 
ATOM   813  C  CE  . MET A 1 109 ? -6.120  -1.963  18.625  1.00 36.36 ? 107 MET A CE  1 
ATOM   814  N  N   . ASN A 1 110 ? -1.787  -3.979  21.011  1.00 19.68 ? 108 ASN A N   1 
ATOM   815  C  CA  . ASN A 1 110 ? -1.408  -3.766  22.407  1.00 20.59 ? 108 ASN A CA  1 
ATOM   816  C  C   . ASN A 1 110 ? -0.106  -2.996  22.620  1.00 23.14 ? 108 ASN A C   1 
ATOM   817  O  O   . ASN A 1 110 ? 0.302   -2.766  23.758  1.00 26.23 ? 108 ASN A O   1 
ATOM   818  C  CB  . ASN A 1 110 ? -1.364  -5.101  23.147  1.00 22.24 ? 108 ASN A CB  1 
ATOM   819  C  CG  . ASN A 1 110 ? -2.737  -5.728  23.288  1.00 25.17 ? 108 ASN A CG  1 
ATOM   820  O  OD1 . ASN A 1 110 ? -3.651  -5.126  23.858  1.00 30.81 ? 108 ASN A OD1 1 
ATOM   821  N  ND2 . ASN A 1 110 ? -2.893  -6.940  22.770  1.00 23.77 ? 108 ASN A ND2 1 
ATOM   822  N  N   . THR A 1 111 ? 0.534   -2.584  21.528  1.00 18.76 ? 109 THR A N   1 
ATOM   823  C  CA  . THR A 1 111 ? 1.811   -1.878  21.609  1.00 17.02 ? 109 THR A CA  1 
ATOM   824  C  C   . THR A 1 111 ? 1.788   -0.597  20.789  1.00 21.03 ? 109 THR A C   1 
ATOM   825  O  O   . THR A 1 111 ? 2.260   0.448   21.236  1.00 18.14 ? 109 THR A O   1 
ATOM   826  C  CB  . THR A 1 111 ? 2.970   -2.740  21.079  1.00 16.91 ? 109 THR A CB  1 
ATOM   827  O  OG1 . THR A 1 111 ? 2.913   -4.050  21.657  1.00 19.44 ? 109 THR A OG1 1 
ATOM   828  C  CG2 . THR A 1 111 ? 4.313   -2.101  21.415  1.00 21.49 ? 109 THR A CG2 1 
ATOM   829  N  N   . ILE A 1 112 ? 1.260   -0.686  19.573  1.00 15.45 ? 110 ILE A N   1 
ATOM   830  C  CA  . ILE A 1 112 ? 1.115   0.490   18.728  1.00 16.81 ? 110 ILE A CA  1 
ATOM   831  C  C   . ILE A 1 112 ? 0.173   1.469   19.402  1.00 18.15 ? 110 ILE A C   1 
ATOM   832  O  O   . ILE A 1 112 ? -0.943  1.115   19.786  1.00 19.51 ? 110 ILE A O   1 
ATOM   833  C  CB  . ILE A 1 112 ? 0.581   0.132   17.330  1.00 14.81 ? 110 ILE A CB  1 
ATOM   834  C  CG1 . ILE A 1 112 ? 1.603   -0.722  16.576  1.00 16.79 ? 110 ILE A CG1 1 
ATOM   835  C  CG2 . ILE A 1 112 ? 0.255   1.406   16.550  1.00 17.77 ? 110 ILE A CG2 1 
ATOM   836  C  CD1 . ILE A 1 112 ? 1.045   -1.376  15.329  1.00 18.90 ? 110 ILE A CD1 1 
ATOM   837  N  N   . SER A 1 113 ? 0.639   2.699   19.567  1.00 14.69 ? 111 SER A N   1 
ATOM   838  C  CA  . SER A 1 113 ? -0.113  3.710   20.286  1.00 16.70 ? 111 SER A CA  1 
ATOM   839  C  C   . SER A 1 113 ? -1.366  4.116   19.519  1.00 21.80 ? 111 SER A C   1 
ATOM   840  O  O   . SER A 1 113 ? -1.340  4.258   18.297  1.00 21.78 ? 111 SER A O   1 
ATOM   841  C  CB  . SER A 1 113 ? 0.774   4.931   20.532  1.00 18.68 ? 111 SER A CB  1 
ATOM   842  O  OG  . SER A 1 113 ? 0.054   5.955   21.201  1.00 17.23 ? 111 SER A OG  1 
ATOM   843  N  N   . SER A 1 114 ? -2.470  4.295   20.236  1.00 20.13 ? 112 SER A N   1 
ATOM   844  C  CA  . SER A 1 114 ? -3.656  4.878   19.620  1.00 21.39 ? 112 SER A CA  1 
ATOM   845  C  C   . SER A 1 114 ? -3.386  6.319   19.185  1.00 24.28 ? 112 SER A C   1 
ATOM   846  O  O   . SER A 1 114 ? -4.218  6.943   18.522  1.00 24.53 ? 112 SER A O   1 
ATOM   847  C  CB  . SER A 1 114 ? -4.854  4.811   20.567  1.00 23.40 ? 112 SER A CB  1 
ATOM   848  O  OG  . SER A 1 114 ? -4.549  5.392   21.819  1.00 26.13 ? 112 SER A OG  1 
ATOM   849  N  N   . SER A 1 115 ? -2.211  6.839   19.542  1.00 23.20 ? 113 SER A N   1 
ATOM   850  C  CA  . SER A 1 115 ? -1.799  8.180   19.127  1.00 21.71 ? 113 SER A CA  1 
ATOM   851  C  C   . SER A 1 115 ? -1.530  8.249   17.627  1.00 21.20 ? 113 SER A C   1 
ATOM   852  O  O   . SER A 1 115 ? -1.609  9.320   17.024  1.00 20.23 ? 113 SER A O   1 
ATOM   853  C  CB  . SER A 1 115 ? -0.568  8.634   19.914  1.00 21.30 ? 113 SER A CB  1 
ATOM   854  O  OG  . SER A 1 115 ? -0.892  8.794   21.282  1.00 23.91 ? 113 SER A OG  1 
ATOM   855  N  N   . LEU A 1 116 ? -1.220  7.104   17.026  1.00 23.47 ? 114 LEU A N   1 
ATOM   856  C  CA  . LEU A 1 116 ? -1.130  7.028   15.572  1.00 21.49 ? 114 LEU A CA  1 
ATOM   857  C  C   . LEU A 1 116 ? -2.536  7.153   14.999  1.00 22.63 ? 114 LEU A C   1 
ATOM   858  O  O   . LEU A 1 116 ? -3.444  6.425   15.405  1.00 25.46 ? 114 LEU A O   1 
ATOM   859  C  CB  . LEU A 1 116 ? -0.471  5.724   15.119  1.00 25.38 ? 114 LEU A CB  1 
ATOM   860  C  CG  . LEU A 1 116 ? 1.051   5.659   15.261  1.00 23.86 ? 114 LEU A CG  1 
ATOM   861  C  CD1 . LEU A 1 116 ? 1.476   5.742   16.721  1.00 25.89 ? 114 LEU A CD1 1 
ATOM   862  C  CD2 . LEU A 1 116 ? 1.587   4.396   14.615  1.00 22.55 ? 114 LEU A CD2 1 
ATOM   863  N  N   . PRO A 1 117 ? -2.725  8.095   14.069  1.00 16.21 ? 115 PRO A N   1 
ATOM   864  C  CA  . PRO A 1 117 ? -4.059  8.390   13.531  1.00 18.73 ? 115 PRO A CA  1 
ATOM   865  C  C   . PRO A 1 117 ? -4.636  7.333   12.587  1.00 20.51 ? 115 PRO A C   1 
ATOM   866  O  O   . PRO A 1 117 ? -5.475  7.668   11.751  1.00 16.77 ? 115 PRO A O   1 
ATOM   867  C  CB  . PRO A 1 117 ? -3.861  9.717   12.789  1.00 20.17 ? 115 PRO A CB  1 
ATOM   868  C  CG  . PRO A 1 117 ? -2.389  9.865   12.586  1.00 21.50 ? 115 PRO A CG  1 
ATOM   869  C  CD  . PRO A 1 117 ? -1.720  9.101   13.683  1.00 19.06 ? 115 PRO A CD  1 
ATOM   870  N  N   . ILE A 1 118 ? -4.213  6.080   12.726  1.00 18.61 ? 116 ILE A N   1 
ATOM   871  C  CA  . ILE A 1 118 ? -4.731  4.990   11.894  1.00 17.88 ? 116 ILE A CA  1 
ATOM   872  C  C   . ILE A 1 118 ? -6.250  4.880   11.962  1.00 16.52 ? 116 ILE A C   1 
ATOM   873  O  O   . ILE A 1 118 ? -6.915  4.694   10.939  1.00 16.70 ? 116 ILE A O   1 
ATOM   874  C  CB  . ILE A 1 118 ? -4.117  3.639   12.308  1.00 19.08 ? 116 ILE A CB  1 
ATOM   875  C  CG1 . ILE A 1 118 ? -2.604  3.672   12.118  1.00 20.71 ? 116 ILE A CG1 1 
ATOM   876  C  CG2 . ILE A 1 118 ? -4.732  2.497   11.511  1.00 23.85 ? 116 ILE A CG2 1 
ATOM   877  C  CD1 . ILE A 1 118 ? -1.914  2.427   12.655  1.00 23.55 ? 116 ILE A CD1 1 
ATOM   878  N  N   . GLN A 1 119 ? -6.797  5.013   13.164  1.00 17.11 ? 117 GLN A N   1 
ATOM   879  C  CA  . GLN A 1 119 ? -8.239  4.927   13.369  1.00 17.49 ? 117 GLN A CA  1 
ATOM   880  C  C   . GLN A 1 119 ? -9.010  5.995   12.583  1.00 14.60 ? 117 GLN A C   1 
ATOM   881  O  O   . GLN A 1 119 ? -10.177 5.787   12.245  1.00 21.00 ? 117 GLN A O   1 
ATOM   882  C  CB  . GLN A 1 119 ? -8.570  5.023   14.863  1.00 24.27 ? 117 GLN A CB  1 
ATOM   883  C  CG  . GLN A 1 119 ? -10.045 4.869   15.197  1.00 32.99 ? 117 GLN A CG  1 
ATOM   884  C  CD  . GLN A 1 119 ? -10.309 4.906   16.691  1.00 43.90 ? 117 GLN A CD  1 
ATOM   885  O  OE1 . GLN A 1 119 ? -9.377  4.896   17.499  1.00 47.30 ? 117 GLN A OE1 1 
ATOM   886  N  NE2 . GLN A 1 119 ? -11.584 4.948   17.066  1.00 45.86 ? 117 GLN A NE2 1 
ATOM   887  N  N   . GLU A 1 120 ? -8.371  7.132   12.295  1.00 14.21 ? 118 GLU A N   1 
ATOM   888  C  CA  . GLU A 1 120 ? -9.034  8.190   11.535  1.00 12.52 ? 118 GLU A CA  1 
ATOM   889  C  C   . GLU A 1 120 ? -9.405  7.721   10.145  1.00 11.60 ? 118 GLU A C   1 
ATOM   890  O  O   . GLU A 1 120 ? -10.388 8.179   9.574   1.00 13.54 ? 118 GLU A O   1 
ATOM   891  C  CB  . GLU A 1 120 ? -8.130  9.416   11.342  1.00 12.79 ? 118 GLU A CB  1 
ATOM   892  C  CG  . GLU A 1 120 ? -7.726  10.165  12.592  1.00 17.16 ? 118 GLU A CG  1 
ATOM   893  C  CD  . GLU A 1 120 ? -7.046  11.476  12.262  1.00 12.78 ? 118 GLU A CD  1 
ATOM   894  O  OE1 . GLU A 1 120 ? -7.345  12.056  11.208  1.00 14.98 ? 118 GLU A OE1 1 
ATOM   895  O  OE2 . GLU A 1 120 ? -6.205  11.941  13.046  1.00 13.89 ? 118 GLU A OE2 1 
ATOM   896  N  N   . TYR A 1 121 ? -8.585  6.844   9.589   1.00 11.29 ? 119 TYR A N   1 
ATOM   897  C  CA  . TYR A 1 121 ? -8.628  6.557   8.164   1.00 10.83 ? 119 TYR A CA  1 
ATOM   898  C  C   . TYR A 1 121 ? -9.148  5.174   7.833   1.00 10.49 ? 119 TYR A C   1 
ATOM   899  O  O   . TYR A 1 121 ? -9.287  4.838   6.665   1.00 11.27 ? 119 TYR A O   1 
ATOM   900  C  CB  . TYR A 1 121 ? -7.215  6.645   7.586   1.00 13.59 ? 119 TYR A CB  1 
ATOM   901  C  CG  . TYR A 1 121 ? -6.649  8.037   7.492   1.00 13.33 ? 119 TYR A CG  1 
ATOM   902  C  CD1 . TYR A 1 121 ? -7.105  8.920   6.528   1.00 10.80 ? 119 TYR A CD1 1 
ATOM   903  C  CD2 . TYR A 1 121 ? -5.648  8.459   8.351   1.00 12.69 ? 119 TYR A CD2 1 
ATOM   904  C  CE1 . TYR A 1 121 ? -6.592  10.193  6.425   1.00 12.07 ? 119 TYR A CE1 1 
ATOM   905  C  CE2 . TYR A 1 121 ? -5.112  9.727   8.245   1.00 11.95 ? 119 TYR A CE2 1 
ATOM   906  C  CZ  . TYR A 1 121 ? -5.591  10.588  7.287   1.00 13.67 ? 119 TYR A CZ  1 
ATOM   907  O  OH  . TYR A 1 121 ? -5.077  11.856  7.173   1.00 13.38 ? 119 TYR A OH  1 
ATOM   908  N  N   . ILE A 1 122 ? -9.402  4.358   8.841   1.00 10.70 ? 120 ILE A N   1 
ATOM   909  C  CA  . ILE A 1 122 ? -9.713  2.959   8.579   1.00 12.29 ? 120 ILE A CA  1 
ATOM   910  C  C   . ILE A 1 122 ? -11.215 2.714   8.620   1.00 14.02 ? 120 ILE A C   1 
ATOM   911  O  O   . ILE A 1 122 ? -11.933 3.321   9.420   1.00 17.03 ? 120 ILE A O   1 
ATOM   912  C  CB  . ILE A 1 122 ? -8.978  2.043   9.581   1.00 11.21 ? 120 ILE A CB  1 
ATOM   913  C  CG1 . ILE A 1 122 ? -8.860  0.617   9.047   1.00 14.76 ? 120 ILE A CG1 1 
ATOM   914  C  CG2 . ILE A 1 122 ? -9.673  2.055   10.933  1.00 15.68 ? 120 ILE A CG2 1 
ATOM   915  C  CD1 . ILE A 1 122 ? -7.986  -0.256  9.925   1.00 18.11 ? 120 ILE A CD1 1 
ATOM   916  N  N   . ASP A 1 123 ? -11.703 1.851   7.737   1.00 11.05 ? 121 ASP A N   1 
ATOM   917  C  CA  . ASP A 1 123 ? -13.105 1.452   7.804   1.00 10.03 ? 121 ASP A CA  1 
ATOM   918  C  C   . ASP A 1 123 ? -13.251 0.127   8.560   1.00 11.37 ? 121 ASP A C   1 
ATOM   919  O  O   . ASP A 1 123 ? -12.262 -0.453  9.023   1.00 12.79 ? 121 ASP A O   1 
ATOM   920  C  CB  . ASP A 1 123 ? -13.790 1.461   6.412   1.00 10.84 ? 121 ASP A CB  1 
ATOM   921  C  CG  . ASP A 1 123 ? -13.278 0.368   5.474   1.00 9.36  ? 121 ASP A CG  1 
ATOM   922  O  OD1 . ASP A 1 123 ? -12.722 -0.622  5.966   1.00 10.51 ? 121 ASP A OD1 1 
ATOM   923  O  OD2 . ASP A 1 123 ? -13.455 0.513   4.244   1.00 11.04 ? 121 ASP A OD2 1 
ATOM   924  N  N   . SER A 1 124 ? -14.487 -0.333  8.728   1.00 15.28 ? 122 SER A N   1 
ATOM   925  C  CA  . SER A 1 124 ? -14.731 -1.523  9.535   1.00 18.35 ? 122 SER A CA  1 
ATOM   926  C  C   . SER A 1 124 ? -14.219 -2.792  8.867   1.00 17.43 ? 122 SER A C   1 
ATOM   927  O  O   . SER A 1 124 ? -14.124 -3.841  9.502   1.00 19.27 ? 122 SER A O   1 
ATOM   928  C  CB  . SER A 1 124 ? -16.222 -1.651  9.855   1.00 22.29 ? 122 SER A CB  1 
ATOM   929  O  OG  . SER A 1 124 ? -16.654 -0.543  10.626  1.00 29.94 ? 122 SER A OG  1 
ATOM   930  N  N   . ASN A 1 125 ? -13.868 -2.681  7.589   1.00 14.03 ? 123 ASN A N   1 
ATOM   931  C  CA  . ASN A 1 125 ? -13.359 -3.810  6.826   1.00 14.67 ? 123 ASN A CA  1 
ATOM   932  C  C   . ASN A 1 125 ? -11.837 -3.805  6.714   1.00 14.41 ? 123 ASN A C   1 
ATOM   933  O  O   . ASN A 1 125 ? -11.258 -4.680  6.077   1.00 15.98 ? 123 ASN A O   1 
ATOM   934  C  CB  . ASN A 1 125 ? -13.982 -3.827  5.431   1.00 15.28 ? 123 ASN A CB  1 
ATOM   935  C  CG  . ASN A 1 125 ? -15.476 -4.100  5.460   1.00 18.87 ? 123 ASN A CG  1 
ATOM   936  O  OD1 . ASN A 1 125 ? -16.033 -4.465  6.495   1.00 19.38 ? 123 ASN A OD1 1 
ATOM   937  N  ND2 . ASN A 1 125 ? -16.130 -3.924  4.320   1.00 14.65 ? 123 ASN A ND2 1 
ATOM   938  N  N   . GLY A 1 126 ? -11.196 -2.816  7.334   1.00 11.58 ? 124 GLY A N   1 
ATOM   939  C  CA  . GLY A 1 126 ? -9.748  -2.745  7.363   1.00 14.59 ? 124 GLY A CA  1 
ATOM   940  C  C   . GLY A 1 126 ? -9.106  -1.883  6.288   1.00 10.19 ? 124 GLY A C   1 
ATOM   941  O  O   . GLY A 1 126 ? -7.885  -1.787  6.231   1.00 10.46 ? 124 GLY A O   1 
ATOM   942  N  N   . TRP A 1 127 ? -9.907  -1.253  5.430   1.00 9.16  ? 125 TRP A N   1 
ATOM   943  C  CA  . TRP A 1 127 ? -9.347  -0.429  4.360   1.00 8.95  ? 125 TRP A CA  1 
ATOM   944  C  C   . TRP A 1 127 ? -8.937  0.944   4.855   1.00 9.69  ? 125 TRP A C   1 
ATOM   945  O  O   . TRP A 1 127 ? -9.603  1.539   5.711   1.00 10.30 ? 125 TRP A O   1 
ATOM   946  C  CB  . TRP A 1 127 ? -10.339 -0.254  3.210   1.00 9.68  ? 125 TRP A CB  1 
ATOM   947  C  CG  . TRP A 1 127 ? -10.735 -1.539  2.582   1.00 9.24  ? 125 TRP A CG  1 
ATOM   948  C  CD1 . TRP A 1 127 ? -11.957 -2.146  2.655   1.00 10.49 ? 125 TRP A CD1 1 
ATOM   949  C  CD2 . TRP A 1 127 ? -9.903  -2.402  1.800   1.00 9.33  ? 125 TRP A CD2 1 
ATOM   950  N  NE1 . TRP A 1 127 ? -11.937 -3.332  1.965   1.00 11.28 ? 125 TRP A NE1 1 
ATOM   951  C  CE2 . TRP A 1 127 ? -10.689 -3.514  1.426   1.00 10.31 ? 125 TRP A CE2 1 
ATOM   952  C  CE3 . TRP A 1 127 ? -8.567  -2.342  1.377   1.00 10.21 ? 125 TRP A CE3 1 
ATOM   953  C  CZ2 . TRP A 1 127 ? -10.185 -4.561  0.651   1.00 10.17 ? 125 TRP A CZ2 1 
ATOM   954  C  CZ3 . TRP A 1 127 ? -8.069  -3.378  0.606   1.00 10.72 ? 125 TRP A CZ3 1 
ATOM   955  C  CH2 . TRP A 1 127 ? -8.875  -4.481  0.255   1.00 10.29 ? 125 TRP A CH2 1 
ATOM   956  N  N   . ILE A 1 128 ? -7.861  1.459   4.278   1.00 10.89 ? 126 ILE A N   1 
ATOM   957  C  CA  . ILE A 1 128 ? -7.322  2.758   4.629   1.00 9.80  ? 126 ILE A CA  1 
ATOM   958  C  C   . ILE A 1 128 ? -7.653  3.771   3.546   1.00 10.27 ? 126 ILE A C   1 
ATOM   959  O  O   . ILE A 1 128 ? -7.366  3.561   2.369   1.00 12.71 ? 126 ILE A O   1 
ATOM   960  C  CB  . ILE A 1 128 ? -5.797  2.679   4.809   1.00 11.47 ? 126 ILE A CB  1 
ATOM   961  C  CG1 . ILE A 1 128 ? -5.442  1.690   5.916   1.00 12.12 ? 126 ILE A CG1 1 
ATOM   962  C  CG2 . ILE A 1 128 ? -5.215  4.062   5.090   1.00 14.78 ? 126 ILE A CG2 1 
ATOM   963  C  CD1 . ILE A 1 128 ? -3.984  1.324   5.940   1.00 23.11 ? 126 ILE A CD1 1 
ATOM   964  N  N   . ALA A 1 129 ? -8.283  4.867   3.944   1.00 10.39 ? 127 ALA A N   1 
ATOM   965  C  CA  . ALA A 1 129 ? -8.463  5.981   3.045   1.00 13.28 ? 127 ALA A CA  1 
ATOM   966  C  C   . ALA A 1 129 ? -7.250  6.880   3.235   1.00 14.45 ? 127 ALA A C   1 
ATOM   967  O  O   . ALA A 1 129 ? -6.695  6.968   4.338   1.00 16.59 ? 127 ALA A O   1 
ATOM   968  C  CB  . ALA A 1 129 ? -9.747  6.715   3.368   1.00 15.36 ? 127 ALA A CB  1 
ATOM   969  N  N   . LEU A 1 130 ? -6.804  7.507   2.162   1.00 12.64 ? 128 LEU A N   1 
ATOM   970  C  CA  . LEU A 1 130 ? -5.734  8.489   2.248   1.00 14.26 ? 128 LEU A CA  1 
ATOM   971  C  C   . LEU A 1 130 ? -6.145  9.696   1.443   1.00 13.16 ? 128 LEU A C   1 
ATOM   972  O  O   . LEU A 1 130 ? -6.846  9.558   0.441   1.00 13.19 ? 128 LEU A O   1 
ATOM   973  C  CB  . LEU A 1 130 ? -4.444  7.926   1.655   1.00 14.55 ? 128 LEU A CB  1 
ATOM   974  C  CG  . LEU A 1 130 ? -3.786  6.782   2.418   1.00 17.84 ? 128 LEU A CG  1 
ATOM   975  C  CD1 . LEU A 1 130 ? -2.486  6.399   1.749   1.00 17.47 ? 128 LEU A CD1 1 
ATOM   976  C  CD2 . LEU A 1 130 ? -3.526  7.206   3.843   1.00 20.81 ? 128 LEU A CD2 1 
ATOM   977  N  N   . PRO A 1 131 ? -5.715  10.888  1.865   1.00 13.14 ? 129 PRO A N   1 
ATOM   978  C  CA  . PRO A 1 131 ? -6.015  12.087  1.085   1.00 13.42 ? 129 PRO A CA  1 
ATOM   979  C  C   . PRO A 1 131 ? -5.579  11.963  -0.376  1.00 16.10 ? 129 PRO A C   1 
ATOM   980  O  O   . PRO A 1 131 ? -6.272  12.456  -1.252  1.00 14.15 ? 129 PRO A O   1 
ATOM   981  C  CB  . PRO A 1 131 ? -5.218  13.177  1.809   1.00 17.20 ? 129 PRO A CB  1 
ATOM   982  C  CG  . PRO A 1 131 ? -5.190  12.693  3.235   1.00 17.87 ? 129 PRO A CG  1 
ATOM   983  C  CD  . PRO A 1 131 ? -5.028  11.203  3.129   1.00 17.27 ? 129 PRO A CD  1 
ATOM   984  N  N   . ILE A 1 132 ? -4.465  11.293  -0.649  1.00 12.07 ? 130 ILE A N   1 
ATOM   985  C  CA  . ILE A 1 132 ? -4.012  11.185  -2.028  1.00 12.35 ? 130 ILE A CA  1 
ATOM   986  C  C   . ILE A 1 132 ? -5.049  10.448  -2.876  1.00 12.93 ? 130 ILE A C   1 
ATOM   987  O  O   . ILE A 1 132 ? -5.163  10.698  -4.069  1.00 14.88 ? 130 ILE A O   1 
ATOM   988  C  CB  . ILE A 1 132 ? -2.630  10.511  -2.120  1.00 12.17 ? 130 ILE A CB  1 
ATOM   989  C  CG1 . ILE A 1 132 ? -2.032  10.669  -3.527  1.00 13.71 ? 130 ILE A CG1 1 
ATOM   990  C  CG2 . ILE A 1 132 ? -2.715  9.041   -1.727  1.00 11.43 ? 130 ILE A CG2 1 
ATOM   991  C  CD1 . ILE A 1 132 ? -0.585  10.152  -3.636  1.00 11.22 ? 130 ILE A CD1 1 
ATOM   992  N  N   . LEU A 1 133 ? -5.817  9.549   -2.261  1.00 11.28 ? 131 LEU A N   1 
ATOM   993  C  CA  . LEU A 1 133 ? -6.863  8.836   -2.983  1.00 11.77 ? 131 LEU A CA  1 
ATOM   994  C  C   . LEU A 1 133 ? -8.061  9.740   -3.300  1.00 13.95 ? 131 LEU A C   1 
ATOM   995  O  O   . LEU A 1 133 ? -8.843  9.437   -4.198  1.00 20.05 ? 131 LEU A O   1 
ATOM   996  C  CB  . LEU A 1 133 ? -7.314  7.594   -2.201  1.00 13.30 ? 131 LEU A CB  1 
ATOM   997  C  CG  . LEU A 1 133 ? -6.198  6.629   -1.806  1.00 15.47 ? 131 LEU A CG  1 
ATOM   998  C  CD1 . LEU A 1 133 ? -6.772  5.455   -1.012  1.00 18.76 ? 131 LEU A CD1 1 
ATOM   999  C  CD2 . LEU A 1 133 ? -5.435  6.118   -3.029  1.00 14.48 ? 131 LEU A CD2 1 
ATOM   1000 N  N   . HIS A 1 134 ? -8.204  10.845  -2.572  1.00 11.81 ? 132 HIS A N   1 
ATOM   1001 C  CA  . HIS A 1 134 ? -9.285  11.800  -2.840  1.00 11.91 ? 132 HIS A CA  1 
ATOM   1002 C  C   . HIS A 1 134 ? -8.850  12.920  -3.771  1.00 15.82 ? 132 HIS A C   1 
ATOM   1003 O  O   . HIS A 1 134 ? -9.627  13.835  -4.067  1.00 20.41 ? 132 HIS A O   1 
ATOM   1004 C  CB  . HIS A 1 134 ? -9.817  12.406  -1.550  1.00 12.10 ? 132 HIS A CB  1 
ATOM   1005 C  CG  . HIS A 1 134 ? -10.353 11.387  -0.606  1.00 12.03 ? 132 HIS A CG  1 
ATOM   1006 N  ND1 . HIS A 1 134 ? -10.045 11.377  0.738   1.00 13.56 ? 132 HIS A ND1 1 
ATOM   1007 C  CD2 . HIS A 1 134 ? -11.164 10.326  -0.820  1.00 14.13 ? 132 HIS A CD2 1 
ATOM   1008 C  CE1 . HIS A 1 134 ? -10.653 10.353  1.313   1.00 12.11 ? 132 HIS A CE1 1 
ATOM   1009 N  NE2 . HIS A 1 134 ? -11.331 9.698   0.387   1.00 12.16 ? 132 HIS A NE2 1 
ATOM   1010 N  N   . ALA A 1 135 ? -7.596  12.860  -4.193  1.00 9.90  ? 133 ALA A N   1 
ATOM   1011 C  CA  . ALA A 1 135 ? -7.053  13.798  -5.159  1.00 10.28 ? 133 ALA A CA  1 
ATOM   1012 C  C   . ALA A 1 135 ? -6.276  13.018  -6.210  1.00 10.07 ? 133 ALA A C   1 
ATOM   1013 O  O   . ALA A 1 135 ? -5.328  13.522  -6.786  1.00 10.07 ? 133 ALA A O   1 
ATOM   1014 C  CB  . ALA A 1 135 ? -6.147  14.794  -4.460  1.00 11.93 ? 133 ALA A CB  1 
ATOM   1015 N  N   . TRP A 1 136 ? -6.692  11.784  -6.452  1.00 9.87  ? 134 TRP A N   1 
ATOM   1016 C  CA  . TRP A 1 136 ? -5.955  10.885  -7.332  1.00 9.63  ? 134 TRP A CA  1 
ATOM   1017 C  C   . TRP A 1 136 ? -5.849  11.438  -8.746  1.00 9.16  ? 134 TRP A C   1 
ATOM   1018 O  O   . TRP A 1 136 ? -6.848  11.807  -9.354  1.00 10.75 ? 134 TRP A O   1 
ATOM   1019 C  CB  . TRP A 1 136 ? -6.632  9.510   -7.339  1.00 9.45  ? 134 TRP A CB  1 
ATOM   1020 C  CG  . TRP A 1 136 ? -5.879  8.506   -8.104  1.00 8.96  ? 134 TRP A CG  1 
ATOM   1021 C  CD1 . TRP A 1 136 ? -6.245  7.929   -9.291  1.00 9.91  ? 134 TRP A CD1 1 
ATOM   1022 C  CD2 . TRP A 1 136 ? -4.605  7.955   -7.763  1.00 9.67  ? 134 TRP A CD2 1 
ATOM   1023 N  NE1 . TRP A 1 136 ? -5.279  7.050   -9.696  1.00 11.93 ? 134 TRP A NE1 1 
ATOM   1024 C  CE2 . TRP A 1 136 ? -4.258  7.045   -8.781  1.00 9.55  ? 134 TRP A CE2 1 
ATOM   1025 C  CE3 . TRP A 1 136 ? -3.723  8.138   -6.693  1.00 10.18 ? 134 TRP A CE3 1 
ATOM   1026 C  CZ2 . TRP A 1 136 ? -3.070  6.315   -8.759  1.00 11.76 ? 134 TRP A CZ2 1 
ATOM   1027 C  CZ3 . TRP A 1 136 ? -2.552  7.416   -6.672  1.00 11.40 ? 134 TRP A CZ3 1 
ATOM   1028 C  CH2 . TRP A 1 136 ? -2.233  6.510   -7.695  1.00 10.16 ? 134 TRP A CH2 1 
ATOM   1029 N  N   . ASP A 1 137 ? -4.623  11.464  -9.265  1.00 9.05  ? 135 ASP A N   1 
ATOM   1030 C  CA  . ASP A 1 137 ? -4.349  12.025  -10.575 1.00 8.74  ? 135 ASP A CA  1 
ATOM   1031 C  C   . ASP A 1 137 ? -3.552  10.955  -11.335 1.00 7.93  ? 135 ASP A C   1 
ATOM   1032 O  O   . ASP A 1 137 ? -2.324  10.900  -11.242 1.00 8.68  ? 135 ASP A O   1 
ATOM   1033 C  CB  . ASP A 1 137 ? -3.548  13.307  -10.385 1.00 8.75  ? 135 ASP A CB  1 
ATOM   1034 C  CG  . ASP A 1 137 ? -3.470  14.145  -11.632 1.00 10.08 ? 135 ASP A CG  1 
ATOM   1035 O  OD1 . ASP A 1 137 ? -4.113  13.813  -12.648 1.00 12.46 ? 135 ASP A OD1 1 
ATOM   1036 O  OD2 . ASP A 1 137 ? -2.743  15.154  -11.565 1.00 8.11  ? 135 ASP A OD2 1 
ATOM   1037 N  N   . PRO A 1 138 ? -4.263  10.070  -12.058 1.00 8.13  ? 136 PRO A N   1 
ATOM   1038 C  CA  . PRO A 1 138 ? -3.665  8.874   -12.672 1.00 8.69  ? 136 PRO A CA  1 
ATOM   1039 C  C   . PRO A 1 138 ? -2.349  9.111   -13.404 1.00 9.28  ? 136 PRO A C   1 
ATOM   1040 O  O   . PRO A 1 138 ? -1.391  8.355   -13.205 1.00 9.91  ? 136 PRO A O   1 
ATOM   1041 C  CB  . PRO A 1 138 ? -4.742  8.431   -13.661 1.00 9.88  ? 136 PRO A CB  1 
ATOM   1042 C  CG  . PRO A 1 138 ? -6.016  8.788   -12.966 1.00 10.79 ? 136 PRO A CG  1 
ATOM   1043 C  CD  . PRO A 1 138 ? -5.732  10.078  -12.209 1.00 9.80  ? 136 PRO A CD  1 
ATOM   1044 N  N   . ALA A 1 139 ? -2.297  10.132  -14.249 1.00 9.66  ? 137 ALA A N   1 
ATOM   1045 C  CA  . ALA A 1 139 ? -1.123  10.332  -15.082 1.00 12.10 ? 137 ALA A CA  1 
ATOM   1046 C  C   . ALA A 1 139 ? 0.116   10.712  -14.264 1.00 10.42 ? 137 ALA A C   1 
ATOM   1047 O  O   . ALA A 1 139 ? 1.245   10.402  -14.654 1.00 10.83 ? 137 ALA A O   1 
ATOM   1048 C  CB  . ALA A 1 139 ? -1.413  11.391  -16.140 1.00 11.92 ? 137 ALA A CB  1 
ATOM   1049 N  N   . ALA A 1 140 ? -0.095  11.351  -13.118 1.00 7.92  ? 138 ALA A N   1 
ATOM   1050 C  CA  . ALA A 1 140 ? 0.984   12.002  -12.399 1.00 7.41  ? 138 ALA A CA  1 
ATOM   1051 C  C   . ALA A 1 140 ? 1.277   11.393  -11.034 1.00 9.09  ? 138 ALA A C   1 
ATOM   1052 O  O   . ALA A 1 140 ? 2.084   11.928  -10.272 1.00 11.21 ? 138 ALA A O   1 
ATOM   1053 C  CB  . ALA A 1 140 ? 0.675   13.487  -12.251 1.00 9.88  ? 138 ALA A CB  1 
ATOM   1054 N  N   . MET A 1 141 ? 0.626   10.272  -10.729 1.00 7.82  ? 139 MET A N   1 
ATOM   1055 C  CA  . MET A 1 141 ? 0.848   9.619   -9.445  1.00 7.44  ? 139 MET A CA  1 
ATOM   1056 C  C   . MET A 1 141 ? 1.244   8.156   -9.630  1.00 9.06  ? 139 MET A C   1 
ATOM   1057 O  O   . MET A 1 141 ? 1.174   7.627   -10.739 1.00 11.92 ? 139 MET A O   1 
ATOM   1058 C  CB  . MET A 1 141 ? -0.404  9.763   -8.579  1.00 7.13  ? 139 MET A CB  1 
ATOM   1059 C  CG  . MET A 1 141 ? -0.693  11.228  -8.240  1.00 8.40  ? 139 MET A CG  1 
ATOM   1060 S  SD  . MET A 1 141 ? -2.055  11.349  -7.084  1.00 8.63  ? 139 MET A SD  1 
ATOM   1061 C  CE  . MET A 1 141 ? -1.987  13.088  -6.685  1.00 7.59  ? 139 MET A CE  1 
ATOM   1062 N  N   . ASN A 1 142 ? 1.657   7.502   -8.551  1.00 6.62  ? 140 ASN A N   1 
ATOM   1063 C  CA  . ASN A 1 142 ? 2.119   6.122   -8.647  1.00 6.83  ? 140 ASN A CA  1 
ATOM   1064 C  C   . ASN A 1 142 ? 2.002   5.420   -7.296  1.00 9.03  ? 140 ASN A C   1 
ATOM   1065 O  O   . ASN A 1 142 ? 1.492   6.003   -6.342  1.00 8.48  ? 140 ASN A O   1 
ATOM   1066 C  CB  . ASN A 1 142 ? 3.552   6.077   -9.196  1.00 7.03  ? 140 ASN A CB  1 
ATOM   1067 C  CG  . ASN A 1 142 ? 4.547   6.787   -8.304  1.00 8.96  ? 140 ASN A CG  1 
ATOM   1068 O  OD1 . ASN A 1 142 ? 4.430   6.768   -7.080  1.00 10.77 ? 140 ASN A OD1 1 
ATOM   1069 N  ND2 . ASN A 1 142 ? 5.527   7.436   -8.915  1.00 13.73 ? 140 ASN A ND2 1 
ATOM   1070 N  N   . LEU A 1 143 ? 2.423   4.161   -7.229  1.00 7.37  ? 141 LEU A N   1 
ATOM   1071 C  CA  . LEU A 1 143 ? 2.276   3.372   -6.005  1.00 7.71  ? 141 LEU A CA  1 
ATOM   1072 C  C   . LEU A 1 143 ? 3.198   3.857   -4.896  1.00 6.83  ? 141 LEU A C   1 
ATOM   1073 O  O   . LEU A 1 143 ? 2.824   3.848   -3.717  1.00 8.37  ? 141 LEU A O   1 
ATOM   1074 C  CB  . LEU A 1 143 ? 2.530   1.893   -6.294  1.00 6.52  ? 141 LEU A CB  1 
ATOM   1075 C  CG  . LEU A 1 143 ? 1.632   1.262   -7.358  1.00 7.67  ? 141 LEU A CG  1 
ATOM   1076 C  CD1 . LEU A 1 143 ? 2.105   -0.152  -7.647  1.00 9.60  ? 141 LEU A CD1 1 
ATOM   1077 C  CD2 . LEU A 1 143 ? 0.171   1.244   -6.907  1.00 10.11 ? 141 LEU A CD2 1 
ATOM   1078 N  N   . ILE A 1 144 ? 4.401   4.284   -5.267  1.00 7.71  ? 142 ILE A N   1 
ATOM   1079 C  CA  . ILE A 1 144 ? 5.342   4.809   -4.279  1.00 8.35  ? 142 ILE A CA  1 
ATOM   1080 C  C   . ILE A 1 144 ? 4.747   6.002   -3.529  1.00 8.65  ? 142 ILE A C   1 
ATOM   1081 O  O   . ILE A 1 144 ? 4.871   6.097   -2.303  1.00 9.38  ? 142 ILE A O   1 
ATOM   1082 C  CB  . ILE A 1 144 ? 6.666   5.206   -4.934  1.00 9.53  ? 142 ILE A CB  1 
ATOM   1083 C  CG1 . ILE A 1 144 ? 7.440   3.959   -5.363  1.00 8.88  ? 142 ILE A CG1 1 
ATOM   1084 C  CG2 . ILE A 1 144 ? 7.516   6.029   -3.974  1.00 12.68 ? 142 ILE A CG2 1 
ATOM   1085 C  CD1 . ILE A 1 144 ? 8.567   4.256   -6.327  1.00 13.69 ? 142 ILE A CD1 1 
ATOM   1086 N  N   . MET A 1 145 ? 4.096   6.905   -4.256  1.00 9.04  ? 143 MET A N   1 
ATOM   1087 C  CA  . MET A 1 145 ? 3.491   8.077   -3.623  1.00 8.23  ? 143 MET A CA  1 
ATOM   1088 C  C   . MET A 1 145 ? 2.433   7.681   -2.610  1.00 10.25 ? 143 MET A C   1 
ATOM   1089 O  O   . MET A 1 145 ? 2.304   8.327   -1.573  1.00 10.48 ? 143 MET A O   1 
ATOM   1090 C  CB  . MET A 1 145 ? 2.909   9.011   -4.679  1.00 9.45  ? 143 MET A CB  1 
ATOM   1091 C  CG  . MET A 1 145 ? 3.976   9.629   -5.561  1.00 10.10 ? 143 MET A CG  1 
ATOM   1092 S  SD  . MET A 1 145 ? 3.214   10.658  -6.827  1.00 13.11 ? 143 MET A SD  1 
ATOM   1093 C  CE  . MET A 1 145 ? 2.613   12.029  -5.854  1.00 24.62 ? 143 MET A CE  1 
ATOM   1094 N  N   . VAL A 1 146 ? 1.679   6.623   -2.902  1.00 8.46  ? 144 VAL A N   1 
ATOM   1095 C  CA  . VAL A 1 146 ? 0.644   6.171   -1.984  1.00 8.67  ? 144 VAL A CA  1 
ATOM   1096 C  C   . VAL A 1 146 ? 1.285   5.665   -0.689  1.00 9.42  ? 144 VAL A C   1 
ATOM   1097 O  O   . VAL A 1 146 ? 0.835   6.000   0.409   1.00 9.88  ? 144 VAL A O   1 
ATOM   1098 C  CB  . VAL A 1 146 ? -0.267  5.093   -2.615  1.00 9.41  ? 144 VAL A CB  1 
ATOM   1099 C  CG1 . VAL A 1 146 ? -1.250  4.579   -1.587  1.00 11.00 ? 144 VAL A CG1 1 
ATOM   1100 C  CG2 . VAL A 1 146 ? -1.033  5.666   -3.820  1.00 10.26 ? 144 VAL A CG2 1 
ATOM   1101 N  N   . VAL A 1 147 ? 2.339   4.861   -0.812  1.00 8.97  ? 145 VAL A N   1 
ATOM   1102 C  CA  . VAL A 1 147 ? 3.019   4.345   0.369   1.00 9.06  ? 145 VAL A CA  1 
ATOM   1103 C  C   . VAL A 1 147 ? 3.729   5.455   1.155   1.00 9.52  ? 145 VAL A C   1 
ATOM   1104 O  O   . VAL A 1 147 ? 3.688   5.461   2.383   1.00 9.27  ? 145 VAL A O   1 
ATOM   1105 C  CB  . VAL A 1 147 ? 3.974   3.206   0.002   1.00 9.27  ? 145 VAL A CB  1 
ATOM   1106 C  CG1 . VAL A 1 147 ? 4.788   2.791   1.203   1.00 11.46 ? 145 VAL A CG1 1 
ATOM   1107 C  CG2 . VAL A 1 147 ? 3.161   2.032   -0.552  1.00 10.08 ? 145 VAL A CG2 1 
ATOM   1108 N  N   . GLN A 1 148 ? 4.349   6.404   0.460   1.00 8.80  ? 146 GLN A N   1 
ATOM   1109 C  CA  . GLN A 1 148 ? 4.949   7.547   1.143   1.00 9.79  ? 146 GLN A CA  1 
ATOM   1110 C  C   . GLN A 1 148 ? 3.893   8.328   1.920   1.00 9.73  ? 146 GLN A C   1 
ATOM   1111 O  O   . GLN A 1 148 ? 4.130   8.747   3.052   1.00 11.79 ? 146 GLN A O   1 
ATOM   1112 C  CB  . GLN A 1 148 ? 5.662   8.472   0.153   1.00 11.06 ? 146 GLN A CB  1 
ATOM   1113 C  CG  . GLN A 1 148 ? 6.894   7.835   -0.486  1.00 13.61 ? 146 GLN A CG  1 
ATOM   1114 C  CD  . GLN A 1 148 ? 7.495   8.669   -1.598  1.00 15.99 ? 146 GLN A CD  1 
ATOM   1115 O  OE1 . GLN A 1 148 ? 6.787   9.338   -2.347  1.00 16.17 ? 146 GLN A OE1 1 
ATOM   1116 N  NE2 . GLN A 1 148 ? 8.817   8.609   -1.726  1.00 20.63 ? 146 GLN A NE2 1 
ATOM   1117 N  N   . GLU A 1 149 ? 2.720   8.523   1.333   1.00 8.92  ? 147 GLU A N   1 
ATOM   1118 C  CA  . GLU A 1 149 ? 1.685   9.237   2.071   1.00 10.89 ? 147 GLU A CA  1 
ATOM   1119 C  C   . GLU A 1 149 ? 1.231   8.443   3.289   1.00 10.64 ? 147 GLU A C   1 
ATOM   1120 O  O   . GLU A 1 149 ? 1.041   9.006   4.368   1.00 11.56 ? 147 GLU A O   1 
ATOM   1121 C  CB  . GLU A 1 149 ? 0.492   9.579   1.193   1.00 12.80 ? 147 GLU A CB  1 
ATOM   1122 C  CG  . GLU A 1 149 ? -0.563  10.352  1.982   1.00 14.80 ? 147 GLU A CG  1 
ATOM   1123 C  CD  . GLU A 1 149 ? -1.449  11.178  1.105   1.00 18.28 ? 147 GLU A CD  1 
ATOM   1124 O  OE1 . GLU A 1 149 ? -2.667  10.948  1.128   1.00 22.39 ? 147 GLU A OE1 1 
ATOM   1125 O  OE2 . GLU A 1 149 ? -0.921  12.032  0.369   1.00 24.88 ? 147 GLU A OE2 1 
ATOM   1126 N  N   . LEU A 1 150 ? 1.065   7.138   3.120   1.00 9.63  ? 148 LEU A N   1 
ATOM   1127 C  CA  . LEU A 1 150 ? 0.656   6.274   4.225   1.00 10.12 ? 148 LEU A CA  1 
ATOM   1128 C  C   . LEU A 1 150 ? 1.622   6.423   5.391   1.00 11.89 ? 148 LEU A C   1 
ATOM   1129 O  O   . LEU A 1 150 ? 1.211   6.566   6.546   1.00 12.94 ? 148 LEU A O   1 
ATOM   1130 C  CB  . LEU A 1 150 ? 0.601   4.823   3.758   1.00 12.71 ? 148 LEU A CB  1 
ATOM   1131 C  CG  . LEU A 1 150 ? 0.126   3.798   4.786   1.00 16.28 ? 148 LEU A CG  1 
ATOM   1132 C  CD1 . LEU A 1 150 ? -1.242  4.184   5.316   1.00 21.84 ? 148 LEU A CD1 1 
ATOM   1133 C  CD2 . LEU A 1 150 ? 0.089   2.418   4.147   1.00 21.41 ? 148 LEU A CD2 1 
ATOM   1134 N  N   . MET A 1 151 ? 2.910   6.403   5.091   1.00 10.57 ? 149 MET A N   1 
ATOM   1135 C  CA  . MET A 1 151 ? 3.920   6.568   6.124   1.00 12.04 ? 149 MET A CA  1 
ATOM   1136 C  C   . MET A 1 151 ? 3.775   7.898   6.846   1.00 12.03 ? 149 MET A C   1 
ATOM   1137 O  O   . MET A 1 151 ? 3.980   7.972   8.068   1.00 13.58 ? 149 MET A O   1 
ATOM   1138 C  CB  . MET A 1 151 ? 5.320   6.453   5.528   1.00 11.93 ? 149 MET A CB  1 
ATOM   1139 C  CG  . MET A 1 151 ? 5.664   5.038   5.105   1.00 13.61 ? 149 MET A CG  1 
ATOM   1140 S  SD  . MET A 1 151 ? 7.122   5.012   4.047   1.00 16.87 ? 149 MET A SD  1 
ATOM   1141 C  CE  . MET A 1 151 ? 8.380   5.560   5.177   1.00 16.82 ? 149 MET A CE  1 
ATOM   1142 N  N   . SER A 1 152 ? 3.427   8.950   6.114   1.00 12.16 ? 150 SER A N   1 
ATOM   1143 C  CA  A SER A 1 152 ? 3.283   10.262  6.727   0.42 15.80 ? 150 SER A CA  1 
ATOM   1144 C  CA  B SER A 1 152 ? 3.279   10.265  6.726   0.58 15.80 ? 150 SER A CA  1 
ATOM   1145 C  C   . SER A 1 152 ? 2.036   10.313  7.610   1.00 14.85 ? 150 SER A C   1 
ATOM   1146 O  O   . SER A 1 152 ? 2.007   11.022  8.628   1.00 16.21 ? 150 SER A O   1 
ATOM   1147 C  CB  A SER A 1 152 ? 3.245   11.356  5.657   0.42 15.22 ? 150 SER A CB  1 
ATOM   1148 C  CB  B SER A 1 152 ? 3.206   11.355  5.657   0.58 15.21 ? 150 SER A CB  1 
ATOM   1149 O  OG  A SER A 1 152 ? 3.383   12.641  6.236   0.42 18.53 ? 150 SER A OG  1 
ATOM   1150 O  OG  B SER A 1 152 ? 1.896   11.447  5.125   0.58 16.74 ? 150 SER A OG  1 
ATOM   1151 N  N   . LEU A 1 153 ? 1.012   9.551   7.240   1.00 15.47 ? 151 LEU A N   1 
ATOM   1152 C  CA  . LEU A 1 153 ? -0.251  9.569   7.985   1.00 21.89 ? 151 LEU A CA  1 
ATOM   1153 C  C   . LEU A 1 153 ? -0.280  8.649   9.212   1.00 16.83 ? 151 LEU A C   1 
ATOM   1154 O  O   . LEU A 1 153 ? -1.321  8.478   9.859   1.00 22.14 ? 151 LEU A O   1 
ATOM   1155 C  CB  . LEU A 1 153 ? -1.423  9.284   7.041   1.00 27.75 ? 151 LEU A CB  1 
ATOM   1156 C  CG  . LEU A 1 153 ? -1.955  10.516  6.302   1.00 20.71 ? 151 LEU A CG  1 
ATOM   1157 C  CD1 . LEU A 1 153 ? -0.852  11.497  5.946   1.00 23.33 ? 151 LEU A CD1 1 
ATOM   1158 C  CD2 . LEU A 1 153 ? -2.696  10.101  5.057   1.00 28.91 ? 151 LEU A CD2 1 
ATOM   1159 N  N   . LEU A 1 154 ? 0.866   8.077   9.556   1.00 16.57 ? 152 LEU A N   1 
ATOM   1160 C  CA  . LEU A 1 154 ? 1.008   7.374   10.828  1.00 17.52 ? 152 LEU A CA  1 
ATOM   1161 C  C   . LEU A 1 154 ? 1.321   8.398   11.906  1.00 18.03 ? 152 LEU A C   1 
ATOM   1162 O  O   . LEU A 1 154 ? 1.593   8.054   13.063  1.00 16.46 ? 152 LEU A O   1 
ATOM   1163 C  CB  . LEU A 1 154 ? 2.122   6.321   10.765  1.00 15.87 ? 152 LEU A CB  1 
ATOM   1164 C  CG  . LEU A 1 154 ? 1.925   5.162   9.783   1.00 15.93 ? 152 LEU A CG  1 
ATOM   1165 C  CD1 . LEU A 1 154 ? 3.083   4.191   9.885   1.00 17.31 ? 152 LEU A CD1 1 
ATOM   1166 C  CD2 . LEU A 1 154 ? 0.603   4.453   10.029  1.00 21.70 ? 152 LEU A CD2 1 
ATOM   1167 N  N   . HIS A 1 155 ? 1.284   9.670   11.522  1.00 13.84 ? 153 HIS A N   1 
ATOM   1168 C  CA  . HIS A 1 155 ? 1.595   10.737  12.461  1.00 10.99 ? 153 HIS A CA  1 
ATOM   1169 C  C   . HIS A 1 155 ? 0.570   11.853  12.391  1.00 11.46 ? 153 HIS A C   1 
ATOM   1170 O  O   . HIS A 1 155 ? 0.074   12.187  11.314  1.00 13.23 ? 153 HIS A O   1 
ATOM   1171 C  CB  . HIS A 1 155 ? 2.982   11.289  12.167  1.00 10.66 ? 153 HIS A CB  1 
ATOM   1172 C  CG  . HIS A 1 155 ? 4.015   10.217  12.032  1.00 12.57 ? 153 HIS A CG  1 
ATOM   1173 N  ND1 . HIS A 1 155 ? 4.781   9.786   13.093  1.00 12.12 ? 153 HIS A ND1 1 
ATOM   1174 C  CD2 . HIS A 1 155 ? 4.372   9.453   10.972  1.00 17.12 ? 153 HIS A CD2 1 
ATOM   1175 C  CE1 . HIS A 1 155 ? 5.582   8.814   12.686  1.00 15.02 ? 153 HIS A CE1 1 
ATOM   1176 N  NE2 . HIS A 1 155 ? 5.350   8.592   11.406  1.00 17.24 ? 153 HIS A NE2 1 
ATOM   1177 N  N   . GLU A 1 156 ? 0.241   12.428  13.541  1.00 9.52  ? 154 GLU A N   1 
ATOM   1178 C  CA  . GLU A 1 156 ? -0.608  13.611  13.533  1.00 10.06 ? 154 GLU A CA  1 
ATOM   1179 C  C   . GLU A 1 156 ? 0.171   14.786  12.952  1.00 11.07 ? 154 GLU A C   1 
ATOM   1180 O  O   . GLU A 1 156 ? 1.397   14.833  13.039  1.00 11.54 ? 154 GLU A O   1 
ATOM   1181 C  CB  . GLU A 1 156 ? -1.087  13.956  14.945  1.00 11.50 ? 154 GLU A CB  1 
ATOM   1182 C  CG  . GLU A 1 156 ? -2.001  12.915  15.569  1.00 10.78 ? 154 GLU A CG  1 
ATOM   1183 C  CD  . GLU A 1 156 ? -3.439  12.963  15.063  1.00 10.32 ? 154 GLU A CD  1 
ATOM   1184 O  OE1 . GLU A 1 156 ? -3.743  13.678  14.083  1.00 10.69 ? 154 GLU A OE1 1 
ATOM   1185 O  OE2 . GLU A 1 156 ? -4.271  12.259  15.668  1.00 10.47 ? 154 GLU A OE2 1 
ATOM   1186 N  N   . PRO A 1 157 ? -0.541  15.748  12.346  1.00 10.77 ? 155 PRO A N   1 
ATOM   1187 C  CA  . PRO A 1 157 ? 0.111   16.928  11.772  1.00 9.72  ? 155 PRO A CA  1 
ATOM   1188 C  C   . PRO A 1 157 ? 0.809   17.748  12.846  1.00 10.40 ? 155 PRO A C   1 
ATOM   1189 O  O   . PRO A 1 157 ? 0.459   17.648  14.027  1.00 10.08 ? 155 PRO A O   1 
ATOM   1190 C  CB  . PRO A 1 157 ? -1.063  17.751  11.210  1.00 12.99 ? 155 PRO A CB  1 
ATOM   1191 C  CG  . PRO A 1 157 ? -2.208  16.813  11.128  1.00 11.42 ? 155 PRO A CG  1 
ATOM   1192 C  CD  . PRO A 1 157 ? -2.005  15.795  12.211  1.00 10.20 ? 155 PRO A CD  1 
ATOM   1193 N  N   . PRO A 1 158 ? 1.779   18.571  12.444  1.00 11.20 ? 156 PRO A N   1 
ATOM   1194 C  CA  . PRO A 1 158 ? 2.318   19.550  13.387  1.00 12.10 ? 156 PRO A CA  1 
ATOM   1195 C  C   . PRO A 1 158 ? 1.221   20.562  13.680  1.00 13.36 ? 156 PRO A C   1 
ATOM   1196 O  O   . PRO A 1 158 ? 0.441   20.885  12.789  1.00 15.30 ? 156 PRO A O   1 
ATOM   1197 C  CB  . PRO A 1 158 ? 3.466   20.199  12.610  1.00 14.07 ? 156 PRO A CB  1 
ATOM   1198 C  CG  . PRO A 1 158 ? 3.115   19.998  11.172  1.00 18.64 ? 156 PRO A CG  1 
ATOM   1199 C  CD  . PRO A 1 158 ? 2.292   18.752  11.073  1.00 12.99 ? 156 PRO A CD  1 
ATOM   1200 N  N   . GLN A 1 159 ? 1.144   21.038  14.916  1.00 12.22 ? 157 GLN A N   1 
ATOM   1201 C  CA  . GLN A 1 159 ? 0.086   21.968  15.279  1.00 11.12 ? 157 GLN A CA  1 
ATOM   1202 C  C   . GLN A 1 159 ? 0.593   23.394  15.379  1.00 11.50 ? 157 GLN A C   1 
ATOM   1203 O  O   . GLN A 1 159 ? 1.780   23.643  15.539  1.00 12.89 ? 157 GLN A O   1 
ATOM   1204 C  CB  . GLN A 1 159 ? -0.534  21.559  16.618  1.00 11.22 ? 157 GLN A CB  1 
ATOM   1205 C  CG  . GLN A 1 159 ? -1.002  20.115  16.661  1.00 11.91 ? 157 GLN A CG  1 
ATOM   1206 C  CD  . GLN A 1 159 ? -2.213  19.888  15.792  1.00 9.34  ? 157 GLN A CD  1 
ATOM   1207 O  OE1 . GLN A 1 159 ? -3.181  20.636  15.865  1.00 10.98 ? 157 GLN A OE1 1 
ATOM   1208 N  NE2 . GLN A 1 159 ? -2.163  18.855  14.955  1.00 10.06 ? 157 GLN A NE2 1 
ATOM   1209 N  N   . ASP A 1 160 ? -0.335  24.329  15.265  1.00 12.80 ? 158 ASP A N   1 
ATOM   1210 C  CA  . ASP A 1 160 ? -0.073  25.715  15.601  1.00 12.04 ? 158 ASP A CA  1 
ATOM   1211 C  C   . ASP A 1 160 ? 0.310   25.730  17.073  1.00 17.83 ? 158 ASP A C   1 
ATOM   1212 O  O   . ASP A 1 160 ? -0.453  25.271  17.922  1.00 18.56 ? 158 ASP A O   1 
ATOM   1213 C  CB  . ASP A 1 160 ? -1.362  26.492  15.383  1.00 16.34 ? 158 ASP A CB  1 
ATOM   1214 C  CG  . ASP A 1 160 ? -1.170  27.980  15.445  1.00 17.91 ? 158 ASP A CG  1 
ATOM   1215 O  OD1 . ASP A 1 160 ? -0.263  28.454  16.160  1.00 17.28 ? 158 ASP A OD1 1 
ATOM   1216 O  OD2 . ASP A 1 160 ? -1.955  28.673  14.774  1.00 15.29 ? 158 ASP A OD2 1 
ATOM   1217 N  N   A GLN A 1 161 ? 1.480   26.251  17.402  0.57 14.16 ? 159 GLN A N   1 
ATOM   1218 N  N   B GLN A 1 161 ? 1.498   26.257  17.357  0.43 14.18 ? 159 GLN A N   1 
ATOM   1219 C  CA  A GLN A 1 161 ? 1.908   26.177  18.795  0.57 15.45 ? 159 GLN A CA  1 
ATOM   1220 C  CA  B GLN A 1 161 ? 2.066   26.244  18.704  0.43 15.68 ? 159 GLN A CA  1 
ATOM   1221 C  C   A GLN A 1 161 ? 1.775   27.489  19.567  0.57 17.81 ? 159 GLN A C   1 
ATOM   1222 C  C   B GLN A 1 161 ? 1.661   27.464  19.526  0.43 17.82 ? 159 GLN A C   1 
ATOM   1223 O  O   A GLN A 1 161 ? 2.278   27.620  20.684  0.57 15.92 ? 159 GLN A O   1 
ATOM   1224 O  O   B GLN A 1 161 ? 1.822   27.479  20.749  0.43 15.29 ? 159 GLN A O   1 
ATOM   1225 C  CB  A GLN A 1 161 ? 3.308   25.568  18.897  0.57 15.57 ? 159 GLN A CB  1 
ATOM   1226 C  CB  B GLN A 1 161 ? 3.595   26.163  18.630  0.43 16.71 ? 159 GLN A CB  1 
ATOM   1227 C  CG  A GLN A 1 161 ? 3.322   24.087  18.530  0.57 16.67 ? 159 GLN A CG  1 
ATOM   1228 C  CG  B GLN A 1 161 ? 4.122   24.980  17.839  0.43 15.91 ? 159 GLN A CG  1 
ATOM   1229 C  CD  A GLN A 1 161 ? 4.682   23.461  18.685  0.57 17.07 ? 159 GLN A CD  1 
ATOM   1230 C  CD  B GLN A 1 161 ? 5.631   24.867  17.884  0.43 18.96 ? 159 GLN A CD  1 
ATOM   1231 O  OE1 A GLN A 1 161 ? 5.701   24.112  18.470  0.57 17.64 ? 159 GLN A OE1 1 
ATOM   1232 O  OE1 B GLN A 1 161 ? 6.348   25.871  17.861  0.43 20.74 ? 159 GLN A OE1 1 
ATOM   1233 N  NE2 A GLN A 1 161 ? 4.707   22.184  19.052  0.57 14.92 ? 159 GLN A NE2 1 
ATOM   1234 N  NE2 B GLN A 1 161 ? 6.126   23.636  17.943  0.43 21.63 ? 159 GLN A NE2 1 
ATOM   1235 N  N   A ALA A 1 162 ? 1.059   28.443  18.977  0.57 15.73 ? 160 ALA A N   1 
ATOM   1236 N  N   B ALA A 1 162 ? 1.140   28.483  18.849  0.43 15.80 ? 160 ALA A N   1 
ATOM   1237 C  CA  A ALA A 1 162 ? 0.703   29.679  19.664  0.57 18.57 ? 160 ALA A CA  1 
ATOM   1238 C  CA  B ALA A 1 162 ? 0.724   29.717  19.510  0.43 18.64 ? 160 ALA A CA  1 
ATOM   1239 C  C   A ALA A 1 162 ? -0.591  29.486  20.454  0.57 17.58 ? 160 ALA A C   1 
ATOM   1240 C  C   B ALA A 1 162 ? -0.381  29.462  20.529  0.43 17.61 ? 160 ALA A C   1 
ATOM   1241 O  O   A ALA A 1 162 ? -1.189  28.405  20.427  0.57 15.83 ? 160 ALA A O   1 
ATOM   1242 O  O   B ALA A 1 162 ? -0.803  30.374  21.238  0.43 12.35 ? 160 ALA A O   1 
ATOM   1243 C  CB  A ALA A 1 162 ? 0.551   30.811  18.664  0.57 18.45 ? 160 ALA A CB  1 
ATOM   1244 C  CB  B ALA A 1 162 ? 0.269   30.738  18.478  0.43 18.02 ? 160 ALA A CB  1 
HETATM 1245 ZN ZN  . ZN  B 2 .   ? -1.965  30.603  14.945  0.92 15.63 ? 161 ZN  A ZN  1 
HETATM 1246 ZN ZN  . ZN  C 2 .   ? 15.682  -9.741  -16.785 1.00 8.14  ? 162 ZN  A ZN  1 
HETATM 1247 ZN ZN  . ZN  D 2 .   ? 11.636  3.059   -13.186 1.00 8.44  ? 163 ZN  A ZN  1 
HETATM 1248 ZN ZN  . ZN  E 2 .   ? 15.756  4.837   17.929  0.99 13.28 ? 164 ZN  A ZN  1 
HETATM 1249 ZN ZN  . ZN  F 2 .   ? -6.172  12.223  15.020  1.00 11.53 ? 165 ZN  A ZN  1 
HETATM 1250 ZN ZN  . ZN  G 2 .   ? 4.986   4.661   18.834  1.00 10.91 ? 166 ZN  A ZN  1 
HETATM 1251 ZN ZN  . ZN  H 2 .   ? 4.574   10.282  15.110  1.00 11.62 ? 167 ZN  A ZN  1 
HETATM 1252 ZN ZN  . ZN  I 2 .   ? 0.430   3.437   -19.100 0.88 14.53 ? 168 ZN  A ZN  1 
HETATM 1253 ZN ZN  . ZN  J 2 .   ? 14.969  0.561   -8.906  0.39 16.82 ? 169 ZN  A ZN  1 
HETATM 1254 CL CL  . CL  K 3 .   ? 3.437   3.333   17.930  0.93 14.64 ? 170 CL  A CL  1 
HETATM 1255 N  N1  . IMD L 4 .   ? 12.200  1.708   -11.766 1.00 10.23 ? 171 IMD A N1  1 
HETATM 1256 C  C2  . IMD L 4 .   ? 13.248  1.803   -10.923 0.99 14.86 ? 171 IMD A C2  1 
HETATM 1257 N  N3  . IMD L 4 .   ? 13.259  0.690   -10.162 1.00 12.52 ? 171 IMD A N3  1 
HETATM 1258 C  C4  . IMD L 4 .   ? 12.242  -0.114  -10.526 0.93 11.95 ? 171 IMD A C4  1 
HETATM 1259 C  C5  . IMD L 4 .   ? 11.572  0.530   -11.553 0.97 10.43 ? 171 IMD A C5  1 
HETATM 1260 N  N1  . IMD M 4 .   ? 17.721  5.107   17.838  1.00 11.51 ? 172 IMD A N1  1 
HETATM 1261 C  C2  . IMD M 4 .   ? 18.408  5.078   16.679  0.87 15.52 ? 172 IMD A C2  1 
HETATM 1262 N  N3  . IMD M 4 .   ? 19.702  5.340   16.963  0.69 13.90 ? 172 IMD A N3  1 
HETATM 1263 C  C4  . IMD M 4 .   ? 19.814  5.542   18.292  0.95 13.09 ? 172 IMD A C4  1 
HETATM 1264 C  C5  . IMD M 4 .   ? 18.559  5.390   18.853  1.00 13.74 ? 172 IMD A C5  1 
HETATM 1265 N  N1  . IMD N 4 .   ? 3.382   8.304   20.155  0.79 14.68 ? 173 IMD A N1  1 
HETATM 1266 C  C2  . IMD N 4 .   ? 3.737   7.021   20.392  1.00 13.83 ? 173 IMD A C2  1 
HETATM 1267 N  N3  . IMD N 4 .   ? 4.244   6.510   19.244  1.00 11.83 ? 173 IMD A N3  1 
HETATM 1268 C  C4  . IMD N 4 .   ? 4.210   7.460   18.291  0.96 12.27 ? 173 IMD A C4  1 
HETATM 1269 C  C5  . IMD N 4 .   ? 3.663   8.594   18.868  1.00 11.01 ? 173 IMD A C5  1 
HETATM 1270 N  N1  . IMD O 4 .   ? 15.957  -7.879  -16.017 1.00 8.09  ? 174 IMD A N1  1 
HETATM 1271 C  C2  . IMD O 4 .   ? 15.938  -7.616  -14.691 1.00 8.86  ? 174 IMD A C2  1 
HETATM 1272 N  N3  . IMD O 4 .   ? 16.145  -6.284  -14.528 0.86 11.50 ? 174 IMD A N3  1 
HETATM 1273 C  C4  . IMD O 4 .   ? 16.287  -5.727  -15.751 1.00 7.62  ? 174 IMD A C4  1 
HETATM 1274 C  C5  . IMD O 4 .   ? 16.173  -6.734  -16.690 1.00 8.82  ? 174 IMD A C5  1 
HETATM 1275 N  N1  . IMD P 4 .   ? 6.173   9.488   16.095  1.00 10.65 ? 175 IMD A N1  1 
HETATM 1276 C  C2  . IMD P 4 .   ? 6.509   10.329  17.098  0.58 11.91 ? 175 IMD A C2  1 
HETATM 1277 N  N3  . IMD P 4 .   ? 7.784   10.067  17.460  1.00 12.77 ? 175 IMD A N3  1 
HETATM 1278 C  C4  . IMD P 4 .   ? 8.251   9.070   16.677  0.74 13.61 ? 175 IMD A C4  1 
HETATM 1279 C  C5  . IMD P 4 .   ? 7.233   8.705   15.809  0.85 14.24 ? 175 IMD A C5  1 
HETATM 1280 C  C   . ACT Q 5 .   ? 2.433   11.148  16.586  0.86 13.49 ? 176 ACT A C   1 
HETATM 1281 O  O   . ACT Q 5 .   ? 2.364   11.281  15.358  0.90 12.90 ? 176 ACT A O   1 
HETATM 1282 O  OXT . ACT Q 5 .   ? 3.497   10.653  16.998  0.86 12.19 ? 176 ACT A OXT 1 
HETATM 1283 C  CH3 . ACT Q 5 .   ? 1.318   11.556  17.503  1.00 15.15 ? 176 ACT A CH3 1 
HETATM 1284 C  C   . ACT R 5 .   ? 2.278   2.970   -21.228 0.83 17.44 ? 177 ACT A C   1 
HETATM 1285 O  O   . ACT R 5 .   ? 1.999   3.518   -20.149 0.88 16.03 ? 177 ACT A O   1 
HETATM 1286 O  OXT . ACT R 5 .   ? 1.415   2.188   -21.694 0.52 19.82 ? 177 ACT A OXT 1 
HETATM 1287 C  CH3 . ACT R 5 .   ? 3.574   3.228   -21.916 1.00 12.03 ? 177 ACT A CH3 1 
HETATM 1288 C  C   . ACT S 5 .   ? 11.586  5.541   -12.064 0.85 11.25 ? 178 ACT A C   1 
HETATM 1289 O  O   . ACT S 5 .   ? 10.847  4.825   -11.360 0.86 13.65 ? 178 ACT A O   1 
HETATM 1290 O  OXT . ACT S 5 .   ? 12.160  4.986   -13.015 1.00 12.60 ? 178 ACT A OXT 1 
HETATM 1291 C  CH3 . ACT S 5 .   ? 11.772  7.005   -11.790 1.00 16.45 ? 178 ACT A CH3 1 
HETATM 1292 N  N1  . IMD T 4 .   ? -3.599  31.007  13.378  0.99 20.12 ? 179 IMD A N1  1 
HETATM 1293 C  C2  . IMD T 4 .   ? -4.570  30.154  13.780  0.62 18.51 ? 179 IMD A C2  1 
HETATM 1294 N  N3  . IMD T 4 .   ? -5.709  30.450  13.111  0.51 17.54 ? 179 IMD A N3  1 
HETATM 1295 C  C4  . IMD T 4 .   ? -5.453  31.486  12.290  0.65 18.91 ? 179 IMD A C4  1 
HETATM 1296 C  C5  . IMD T 4 .   ? -4.122  31.837  12.455  0.36 20.41 ? 179 IMD A C5  1 
HETATM 1297 N  N1  . IMD U 4 .   ? 0.085   5.384   -18.148 1.00 17.06 ? 180 IMD A N1  1 
HETATM 1298 C  C2  . IMD U 4 .   ? -0.754  6.424   -17.938 0.45 20.90 ? 180 IMD A C2  1 
HETATM 1299 N  N3  . IMD U 4 .   ? -0.066  7.574   -18.118 0.25 20.51 ? 180 IMD A N3  1 
HETATM 1300 C  C4  . IMD U 4 .   ? 1.207   7.264   -18.442 0.81 19.52 ? 180 IMD A C4  1 
HETATM 1301 C  C5  . IMD U 4 .   ? 1.303   5.879   -18.463 0.49 18.39 ? 180 IMD A C5  1 
HETATM 1302 C  C   . ACT V 5 .   ? -8.753  16.891  -0.461  0.70 24.03 ? 181 ACT A C   1 
HETATM 1303 O  O   . ACT V 5 .   ? -9.268  18.015  -0.284  0.57 21.94 ? 181 ACT A O   1 
HETATM 1304 O  OXT . ACT V 5 .   ? -8.843  16.412  -1.613  0.48 23.02 ? 181 ACT A OXT 1 
HETATM 1305 C  CH3 . ACT V 5 .   ? -8.063  16.161  0.650   0.98 20.67 ? 181 ACT A CH3 1 
HETATM 1306 O  O   . HOH W 6 .   ? -10.192 -1.997  -12.027 1.00 13.79 ? 182 HOH A O   1 
HETATM 1307 O  O   . HOH W 6 .   ? -9.662  -4.379  -10.132 1.00 12.21 ? 183 HOH A O   1 
HETATM 1308 O  O   . HOH W 6 .   ? -3.858  -1.673  -15.633 1.00 11.57 ? 184 HOH A O   1 
HETATM 1309 O  O   . HOH W 6 .   ? 8.221   2.010   4.884   1.00 15.54 ? 185 HOH A O   1 
HETATM 1310 O  O   . HOH W 6 .   ? 10.930  -5.480  -2.303  1.00 12.89 ? 186 HOH A O   1 
HETATM 1311 O  O   . HOH W 6 .   ? 11.281  2.515   23.004  0.93 16.70 ? 187 HOH A O   1 
HETATM 1312 O  O   . HOH W 6 .   ? -0.544  13.948  9.260   0.96 21.19 ? 188 HOH A O   1 
HETATM 1313 O  O   . HOH W 6 .   ? -2.935  -10.201 -0.649  1.00 13.36 ? 189 HOH A O   1 
HETATM 1314 O  O   . HOH W 6 .   ? -7.829  1.719   0.277   0.98 14.15 ? 190 HOH A O   1 
HETATM 1315 O  O   . HOH W 6 .   ? -4.442  15.928  -7.668  1.00 10.22 ? 191 HOH A O   1 
HETATM 1316 O  O   . HOH W 6 .   ? 3.135   9.305   -12.643 0.79 12.76 ? 192 HOH A O   1 
HETATM 1317 O  O   . HOH W 6 .   ? 5.422   8.128   -11.801 1.00 13.23 ? 193 HOH A O   1 
HETATM 1318 O  O   . HOH W 6 .   ? 5.145   3.156   -8.220  1.00 6.96  ? 194 HOH A O   1 
HETATM 1319 O  O   . HOH W 6 .   ? 6.622   4.356   -10.335 1.00 7.08  ? 195 HOH A O   1 
HETATM 1320 O  O   . HOH W 6 .   ? -12.360 5.871   10.399  0.77 16.33 ? 196 HOH A O   1 
HETATM 1321 O  O   . HOH W 6 .   ? -6.478  -7.070  2.191   1.00 12.87 ? 197 HOH A O   1 
HETATM 1322 O  O   . HOH W 6 .   ? 12.940  -16.050 -14.794 1.00 9.01  ? 198 HOH A O   1 
HETATM 1323 O  O   . HOH W 6 .   ? -8.054  2.767   -2.264  0.98 15.44 ? 199 HOH A O   1 
HETATM 1324 O  O   . HOH W 6 .   ? 0.570   -1.514  -21.367 0.91 21.95 ? 200 HOH A O   1 
HETATM 1325 O  O   . HOH W 6 .   ? -11.590 -2.491  -9.331  1.00 18.65 ? 201 HOH A O   1 
HETATM 1326 O  O   . HOH W 6 .   ? 5.960   6.648   9.384   0.93 14.74 ? 202 HOH A O   1 
HETATM 1327 O  O   . HOH W 6 .   ? 7.684   -4.977  12.869  0.98 16.38 ? 203 HOH A O   1 
HETATM 1328 O  O   . HOH W 6 .   ? 12.136  -3.324  25.887  0.58 13.52 ? 204 HOH A O   1 
HETATM 1329 O  O   . HOH W 6 .   ? 7.688   -3.255  20.231  0.98 17.13 ? 205 HOH A O   1 
HETATM 1330 O  O   . HOH W 6 .   ? -4.450  11.945  -14.643 1.00 13.43 ? 206 HOH A O   1 
HETATM 1331 O  O   . HOH W 6 .   ? -2.174  -13.785 -14.793 1.00 21.11 ? 207 HOH A O   1 
HETATM 1332 O  O   . HOH W 6 .   ? 16.176  -15.059 -9.419  1.00 15.29 ? 208 HOH A O   1 
HETATM 1333 O  O   . HOH W 6 .   ? 8.849   1.577   23.586  0.85 14.58 ? 209 HOH A O   1 
HETATM 1334 O  O   . HOH W 6 .   ? 1.180   -7.939  5.380   0.89 14.40 ? 210 HOH A O   1 
HETATM 1335 O  O   . HOH W 6 .   ? 1.656   -4.765  13.981  0.89 14.01 ? 211 HOH A O   1 
HETATM 1336 O  O   . HOH W 6 .   ? 7.250   -3.499  14.891  0.95 15.45 ? 212 HOH A O   1 
HETATM 1337 O  O   . HOH W 6 .   ? -8.197  -10.939 -13.299 1.00 12.08 ? 213 HOH A O   1 
HETATM 1338 O  O   . HOH W 6 .   ? -5.627  1.617   -17.356 0.82 16.15 ? 214 HOH A O   1 
HETATM 1339 O  O   . HOH W 6 .   ? 7.705   10.215  -4.929  0.78 23.89 ? 215 HOH A O   1 
HETATM 1340 O  O   . HOH W 6 .   ? 5.274   11.751  -2.109  0.52 18.29 ? 216 HOH A O   1 
HETATM 1341 O  O   . HOH W 6 .   ? 7.499   8.960   -7.277  0.73 22.29 ? 217 HOH A O   1 
HETATM 1342 O  O   . HOH W 6 .   ? 4.944   6.112   15.015  0.85 15.67 ? 218 HOH A O   1 
HETATM 1343 O  O   . HOH W 6 .   ? -1.625  -6.191  -19.903 0.59 17.37 ? 219 HOH A O   1 
HETATM 1344 O  O   . HOH W 6 .   ? -2.755  3.245   22.953  0.92 22.28 ? 220 HOH A O   1 
HETATM 1345 O  O   . HOH W 6 .   ? 2.375   13.708  8.571   0.72 17.39 ? 221 HOH A O   1 
HETATM 1346 O  O   . HOH W 6 .   ? 6.718   9.548   3.843   0.66 20.20 ? 222 HOH A O   1 
HETATM 1347 O  O   . HOH W 6 .   ? 2.790   11.152  -1.467  0.70 16.44 ? 223 HOH A O   1 
HETATM 1348 O  O   . HOH W 6 .   ? 8.196   -7.245  5.343   0.77 14.62 ? 224 HOH A O   1 
HETATM 1349 O  O   . HOH W 6 .   ? 10.793  -1.154  2.969   0.76 16.39 ? 225 HOH A O   1 
HETATM 1350 O  O   . HOH W 6 .   ? -2.631  -16.998 -6.963  0.76 18.00 ? 226 HOH A O   1 
HETATM 1351 O  O   . HOH W 6 .   ? 8.905   5.793   -9.835  1.00 16.67 ? 227 HOH A O   1 
HETATM 1352 O  O   . HOH W 6 .   ? -10.231 -4.088  -16.119 0.69 19.38 ? 228 HOH A O   1 
HETATM 1353 O  O   . HOH W 6 .   ? -9.923  11.303  -6.238  0.70 16.47 ? 229 HOH A O   1 
HETATM 1354 O  O   . HOH W 6 .   ? -9.037  -6.545  3.308   0.71 15.07 ? 230 HOH A O   1 
HETATM 1355 O  O   . HOH W 6 .   ? -3.128  23.287  15.350  0.58 15.81 ? 231 HOH A O   1 
HETATM 1356 O  O   . HOH W 6 .   ? 3.296   27.208  15.322  0.74 19.99 ? 232 HOH A O   1 
HETATM 1357 O  O   . HOH W 6 .   ? 4.289   22.579  15.214  0.68 20.35 ? 233 HOH A O   1 
HETATM 1358 O  O   . HOH W 6 .   ? 1.617   -13.376 -19.684 0.86 24.26 ? 234 HOH A O   1 
HETATM 1359 O  O   . HOH W 6 .   ? 4.301   -4.136  14.286  0.66 14.19 ? 235 HOH A O   1 
HETATM 1360 O  O   . HOH W 6 .   ? 7.947   -0.416  3.272   0.54 16.65 ? 236 HOH A O   1 
HETATM 1361 O  O   . HOH W 6 .   ? 14.940  6.450   16.977  1.00 15.02 ? 237 HOH A O   1 
HETATM 1362 O  O   . HOH W 6 .   ? -10.237 6.732   -10.490 0.53 14.90 ? 238 HOH A O   1 
HETATM 1363 O  O   . HOH W 6 .   ? -12.575 7.372   7.886   0.87 15.78 ? 239 HOH A O   1 
HETATM 1364 O  O   . HOH W 6 .   ? -3.746  3.665   -18.262 0.77 18.26 ? 240 HOH A O   1 
HETATM 1365 O  O   . HOH W 6 .   ? 16.738  -0.115  16.518  0.64 18.26 ? 241 HOH A O   1 
HETATM 1366 O  O   . HOH W 6 .   ? -8.603  -8.498  -14.617 0.71 14.65 ? 242 HOH A O   1 
HETATM 1367 O  O   . HOH W 6 .   ? 13.805  -9.810  -17.647 1.00 11.24 ? 243 HOH A O   1 
HETATM 1368 O  O   . HOH W 6 .   ? -4.887  -14.152 -15.435 0.81 22.57 ? 244 HOH A O   1 
HETATM 1369 O  O   . HOH W 6 .   ? 15.349  -4.240  -9.157  0.68 22.86 ? 245 HOH A O   1 
HETATM 1370 O  O   . HOH W 6 .   ? 6.317   -8.874  6.478   0.57 19.58 ? 246 HOH A O   1 
HETATM 1371 O  O   . HOH W 6 .   ? 17.243  -2.547  17.629  0.64 19.93 ? 247 HOH A O   1 
HETATM 1372 O  O   . HOH W 6 .   ? 10.783  2.497   4.724   0.65 26.89 ? 248 HOH A O   1 
HETATM 1373 O  O   . HOH W 6 .   ? 10.534  2.642   11.587  0.60 13.38 ? 249 HOH A O   1 
HETATM 1374 O  O   . HOH W 6 .   ? 16.978  0.810   -9.934  0.54 21.30 ? 250 HOH A O   1 
HETATM 1375 O  O   . HOH W 6 .   ? -0.059  -1.482  26.428  0.55 18.45 ? 251 HOH A O   1 
HETATM 1376 O  O   . HOH W 6 .   ? -0.683  -6.377  19.991  0.67 21.09 ? 252 HOH A O   1 
HETATM 1377 O  O   . HOH W 6 .   ? 9.852   -8.217  1.465   0.82 19.25 ? 253 HOH A O   1 
HETATM 1378 O  O   . HOH W 6 .   ? 13.885  -0.483  1.383   1.00 24.80 ? 254 HOH A O   1 
HETATM 1379 O  O   . HOH W 6 .   ? 16.245  -1.198  -4.047  1.00 29.51 ? 255 HOH A O   1 
HETATM 1380 O  O   . HOH W 6 .   ? -9.180  7.403   -5.696  0.83 16.98 ? 256 HOH A O   1 
HETATM 1381 O  O   . HOH W 6 .   ? 16.224  -17.078 -11.448 0.45 14.98 ? 257 HOH A O   1 
HETATM 1382 O  O   . HOH W 6 .   ? -11.903 10.240  -7.878  0.73 24.10 ? 258 HOH A O   1 
HETATM 1383 O  O   . HOH W 6 .   ? -1.591  -5.369  -22.283 0.64 17.34 ? 259 HOH A O   1 
HETATM 1384 O  O   . HOH W 6 .   ? 9.356   -4.563  9.110   0.70 21.43 ? 260 HOH A O   1 
HETATM 1385 O  O   . HOH W 6 .   ? 8.482   7.764   9.063   0.68 25.82 ? 261 HOH A O   1 
HETATM 1386 O  O   . HOH W 6 .   ? -11.369 -13.913 -2.440  0.52 15.57 ? 262 HOH A O   1 
HETATM 1387 O  O   . HOH W 6 .   ? 8.220   8.367   -11.867 0.61 15.38 ? 263 HOH A O   1 
HETATM 1388 O  O   . HOH W 6 .   ? -4.312  9.679   17.018  0.68 17.88 ? 264 HOH A O   1 
HETATM 1389 O  O   . HOH W 6 .   ? 17.961  0.923   14.307  0.94 32.57 ? 265 HOH A O   1 
HETATM 1390 O  O   . HOH W 6 .   ? -22.652 -9.178  -2.456  0.80 30.57 ? 266 HOH A O   1 
HETATM 1391 O  O   . HOH W 6 .   ? 13.573  -2.689  4.439   0.92 36.42 ? 267 HOH A O   1 
HETATM 1392 O  O   . HOH W 6 .   ? -3.150  3.108   16.100  0.82 27.82 ? 268 HOH A O   1 
HETATM 1393 O  O   . HOH W 6 .   ? 19.726  -3.517  16.007  1.00 26.12 ? 269 HOH A O   1 
HETATM 1394 O  O   . HOH W 6 .   ? 20.217  -1.467  14.765  0.91 27.26 ? 270 HOH A O   1 
HETATM 1395 O  O   . HOH W 6 .   ? -9.025  0.821   -5.940  0.64 20.88 ? 271 HOH A O   1 
HETATM 1396 O  O   . HOH W 6 .   ? -3.248  17.291  2.284   0.95 25.78 ? 272 HOH A O   1 
HETATM 1397 O  O   . HOH W 6 .   ? -3.727  25.086  17.832  0.77 23.39 ? 273 HOH A O   1 
HETATM 1398 O  O   . HOH W 6 .   ? 15.413  2.332   -7.345  0.99 35.79 ? 274 HOH A O   1 
HETATM 1399 O  O   . HOH W 6 .   ? -0.058  31.613  14.356  1.00 25.47 ? 275 HOH A O   1 
HETATM 1400 O  O   . HOH W 6 .   ? -7.181  10.552  16.158  1.00 15.30 ? 276 HOH A O   1 
HETATM 1401 O  O   . HOH W 6 .   ? -0.874  14.037  1.204   1.00 25.83 ? 277 HOH A O   1 
HETATM 1402 O  O   . HOH W 6 .   ? 9.027   -16.337 -15.893 0.74 18.79 ? 278 HOH A O   1 
HETATM 1403 O  O   . HOH W 6 .   ? -2.057  14.097  -1.071  1.00 30.37 ? 279 HOH A O   1 
HETATM 1404 O  O   . HOH W 6 .   ? -3.432  16.054  0.130   1.00 35.85 ? 280 HOH A O   1 
HETATM 1405 O  O   . HOH W 6 .   ? 12.398  4.361   -8.587  0.93 31.08 ? 281 HOH A O   1 
HETATM 1406 O  O   . HOH W 6 .   ? 1.345   14.105  3.667   0.98 47.12 ? 282 HOH A O   1 
HETATM 1407 O  O   . HOH W 6 .   ? -16.891 0.885   7.827   0.96 28.42 ? 283 HOH A O   1 
HETATM 1408 O  O   . HOH W 6 .   ? 11.905  -4.781  6.865   0.76 27.54 ? 284 HOH A O   1 
HETATM 1409 O  O   . HOH W 6 .   ? 10.466  9.507   13.367  0.85 30.56 ? 285 HOH A O   1 
HETATM 1410 O  O   . HOH W 6 .   ? -9.130  -6.081  5.938   0.74 23.24 ? 286 HOH A O   1 
HETATM 1411 O  O   . HOH W 6 .   ? -2.099  21.599  11.956  0.82 27.35 ? 287 HOH A O   1 
HETATM 1412 O  O   . HOH W 6 .   ? 22.087  3.326   15.951  0.85 34.28 ? 288 HOH A O   1 
HETATM 1413 O  O   . HOH W 6 .   ? 21.423  5.626   14.949  0.93 36.80 ? 289 HOH A O   1 
HETATM 1414 O  O   . HOH W 6 .   ? -0.187  -15.581 -19.913 0.89 38.62 ? 290 HOH A O   1 
HETATM 1415 O  O   . HOH W 6 .   ? -1.311  25.516  20.265  0.66 20.73 ? 291 HOH A O   1 
HETATM 1416 O  O   . HOH W 6 .   ? 12.150  5.000   18.554  1.00 15.84 ? 292 HOH A O   1 
HETATM 1417 O  O   . HOH W 6 .   ? 10.458  -8.410  -4.274  0.95 30.09 ? 293 HOH A O   1 
HETATM 1418 O  O   . HOH W 6 .   ? 10.077  5.520   20.283  0.75 18.67 ? 294 HOH A O   1 
HETATM 1419 O  O   . HOH W 6 .   ? -9.279  -4.298  4.154   0.50 16.55 ? 295 HOH A O   1 
HETATM 1420 O  O   . HOH W 6 .   ? 12.206  -7.407  -2.828  0.91 34.40 ? 296 HOH A O   1 
HETATM 1421 O  O   . HOH W 6 .   ? -5.420  4.745   15.689  0.90 26.45 ? 297 HOH A O   1 
HETATM 1422 O  O   . HOH W 6 .   ? 11.280  -2.516  28.148  0.92 32.18 ? 298 HOH A O   1 
HETATM 1423 O  O   . HOH W 6 .   ? 16.401  7.734   15.248  0.99 40.35 ? 299 HOH A O   1 
HETATM 1424 O  O   . HOH W 6 .   ? -7.297  -13.040 -14.907 1.00 22.88 ? 300 HOH A O   1 
HETATM 1425 O  O   . HOH W 6 .   ? 22.850  7.217   16.464  0.93 32.80 ? 301 HOH A O   1 
HETATM 1426 O  O   . HOH W 6 .   ? -6.514  8.204   17.200  1.00 39.80 ? 302 HOH A O   1 
HETATM 1427 O  O   . HOH W 6 .   ? 6.935   -1.991  -23.777 0.93 36.38 ? 303 HOH A O   1 
# 
loop_
_pdbx_poly_seq_scheme.asym_id 
_pdbx_poly_seq_scheme.entity_id 
_pdbx_poly_seq_scheme.seq_id 
_pdbx_poly_seq_scheme.mon_id 
_pdbx_poly_seq_scheme.ndb_seq_num 
_pdbx_poly_seq_scheme.pdb_seq_num 
_pdbx_poly_seq_scheme.auth_seq_num 
_pdbx_poly_seq_scheme.pdb_mon_id 
_pdbx_poly_seq_scheme.auth_mon_id 
_pdbx_poly_seq_scheme.pdb_strand_id 
_pdbx_poly_seq_scheme.pdb_ins_code 
_pdbx_poly_seq_scheme.hetero 
A 1 1   GLY 1   -1  ?   ?   ?   A . n 
A 1 2   ALA 2   0   ?   ?   ?   A . n 
A 1 3   MET 3   1   ?   ?   ?   A . n 
A 1 4   SER 4   2   ?   ?   ?   A . n 
A 1 5   ALA 5   3   ?   ?   ?   A . n 
A 1 6   ASN 6   4   ?   ?   ?   A . n 
A 1 7   GLY 7   5   ?   ?   ?   A . n 
A 1 8   LYS 8   6   ?   ?   ?   A . n 
A 1 9   ILE 9   7   ?   ?   ?   A . n 
A 1 10  SER 10  8   8   SER SER A . n 
A 1 11  VAL 11  9   9   VAL VAL A . n 
A 1 12  PRO 12  10  10  PRO PRO A . n 
A 1 13  GLU 13  11  11  GLU GLU A . n 
A 1 14  ALA 14  12  12  ALA ALA A . n 
A 1 15  VAL 15  13  13  VAL VAL A . n 
A 1 16  VAL 16  14  14  VAL VAL A . n 
A 1 17  ASN 17  15  15  ASN ASN A . n 
A 1 18  TRP 18  16  16  TRP TRP A . n 
A 1 19  LEU 19  17  17  LEU LEU A . n 
A 1 20  PHE 20  18  18  PHE PHE A . n 
A 1 21  LYS 21  19  19  LYS LYS A . n 
A 1 22  VAL 22  20  20  VAL VAL A . n 
A 1 23  ILE 23  21  21  ILE ILE A . n 
A 1 24  GLN 24  22  22  GLN GLN A . n 
A 1 25  PRO 25  23  23  PRO PRO A . n 
A 1 26  ILE 26  24  24  ILE ILE A . n 
A 1 27  TYR 27  25  25  TYR TYR A . n 
A 1 28  ASN 28  26  26  ASN ASN A . n 
A 1 29  ASP 29  27  27  ASP ASP A . n 
A 1 30  GLY 30  28  28  GLY GLY A . n 
A 1 31  ARG 31  29  29  ARG ARG A . n 
A 1 32  THR 32  30  30  THR THR A . n 
A 1 33  THR 33  31  31  THR THR A . n 
A 1 34  PHE 34  32  32  PHE PHE A . n 
A 1 35  HIS 35  33  33  HIS HIS A . n 
A 1 36  ASP 36  34  34  ASP ASP A . n 
A 1 37  SER 37  35  35  SER SER A . n 
A 1 38  LEU 38  36  36  LEU LEU A . n 
A 1 39  ALA 39  37  37  ALA ALA A . n 
A 1 40  LEU 40  38  38  LEU LEU A . n 
A 1 41  LEU 41  39  39  LEU LEU A . n 
A 1 42  ASP 42  40  40  ASP ASP A . n 
A 1 43  ASN 43  41  41  ASN ASN A . n 
A 1 44  PHE 44  42  42  PHE PHE A . n 
A 1 45  HIS 45  43  43  HIS HIS A . n 
A 1 46  SER 46  44  44  SER SER A . n 
A 1 47  LEU 47  45  45  LEU LEU A . n 
A 1 48  ARG 48  46  46  ARG ARG A . n 
A 1 49  PRO 49  47  47  PRO PRO A . n 
A 1 50  ARG 50  48  48  ARG ARG A . n 
A 1 51  THR 51  49  49  THR THR A . n 
A 1 52  ARG 52  50  50  ARG ARG A . n 
A 1 53  VAL 53  51  51  VAL VAL A . n 
A 1 54  PHE 54  52  52  PHE PHE A . n 
A 1 55  THR 55  53  53  THR THR A . n 
A 1 56  HIS 56  54  54  HIS HIS A . n 
A 1 57  SER 57  55  55  SER SER A . n 
A 1 58  ASP 58  56  56  ASP ASP A . n 
A 1 59  GLY 59  57  57  GLY GLY A . n 
A 1 60  THR 60  58  58  THR THR A . n 
A 1 61  PRO 61  59  59  PRO PRO A . n 
A 1 62  GLN 62  60  60  GLN GLN A . n 
A 1 63  LEU 63  61  61  LEU LEU A . n 
A 1 64  LEU 64  62  62  LEU LEU A . n 
A 1 65  LEU 65  63  63  LEU LEU A . n 
A 1 66  SER 66  64  64  SER SER A . n 
A 1 67  ILE 67  65  65  ILE ILE A . n 
A 1 68  TYR 68  66  66  TYR TYR A . n 
A 1 69  GLY 69  67  67  GLY GLY A . n 
A 1 70  THR 70  68  68  THR THR A . n 
A 1 71  ILE 71  69  69  ILE ILE A . n 
A 1 72  SER 72  70  70  SER SER A . n 
A 1 73  THR 73  71  71  THR THR A . n 
A 1 74  GLY 74  72  72  GLY GLY A . n 
A 1 75  GLU 75  73  73  GLU GLU A . n 
A 1 76  ASP 76  74  74  ASP ASP A . n 
A 1 77  GLY 77  75  75  GLY GLY A . n 
A 1 78  SER 78  76  76  SER SER A . n 
A 1 79  SER 79  77  77  SER SER A . n 
A 1 80  PRO 80  78  78  PRO PRO A . n 
A 1 81  HIS 81  79  79  HIS HIS A . n 
A 1 82  SER 82  80  80  SER SER A . n 
A 1 83  ILE 83  81  81  ILE ILE A . n 
A 1 84  PRO 84  82  82  PRO PRO A . n 
A 1 85  VAL 85  83  83  VAL VAL A . n 
A 1 86  ILE 86  84  84  ILE ILE A . n 
A 1 87  MET 87  85  85  MET MET A . n 
A 1 88  TRP 88  86  86  TRP TRP A . n 
A 1 89  VAL 89  87  87  VAL VAL A . n 
A 1 90  PRO 90  88  88  PRO PRO A . n 
A 1 91  SER 91  89  89  SER SER A . n 
A 1 92  MET 92  90  90  MET MET A . n 
A 1 93  TYR 93  91  91  TYR TYR A . n 
A 1 94  PRO 94  92  92  PRO PRO A . n 
A 1 95  VAL 95  93  93  VAL VAL A . n 
A 1 96  LYS 96  94  94  LYS LYS A . n 
A 1 97  PRO 97  95  95  PRO PRO A . n 
A 1 98  PRO 98  96  96  PRO PRO A . n 
A 1 99  PHE 99  97  97  PHE PHE A . n 
A 1 100 ILE 100 98  98  ILE ILE A . n 
A 1 101 SER 101 99  99  SER SER A . n 
A 1 102 ILE 102 100 100 ILE ILE A . n 
A 1 103 ASN 103 101 101 ASN ASN A . n 
A 1 104 LEU 104 102 102 LEU LEU A . n 
A 1 105 GLU 105 103 103 GLU GLU A . n 
A 1 106 ASN 106 104 104 ASN ASN A . n 
A 1 107 PHE 107 105 105 PHE PHE A . n 
A 1 108 ASP 108 106 106 ASP ASP A . n 
A 1 109 MET 109 107 107 MET MET A . n 
A 1 110 ASN 110 108 108 ASN ASN A . n 
A 1 111 THR 111 109 109 THR THR A . n 
A 1 112 ILE 112 110 110 ILE ILE A . n 
A 1 113 SER 113 111 111 SER SER A . n 
A 1 114 SER 114 112 112 SER SER A . n 
A 1 115 SER 115 113 113 SER SER A . n 
A 1 116 LEU 116 114 114 LEU LEU A . n 
A 1 117 PRO 117 115 115 PRO PRO A . n 
A 1 118 ILE 118 116 116 ILE ILE A . n 
A 1 119 GLN 119 117 117 GLN GLN A . n 
A 1 120 GLU 120 118 118 GLU GLU A . n 
A 1 121 TYR 121 119 119 TYR TYR A . n 
A 1 122 ILE 122 120 120 ILE ILE A . n 
A 1 123 ASP 123 121 121 ASP ASP A . n 
A 1 124 SER 124 122 122 SER SER A . n 
A 1 125 ASN 125 123 123 ASN ASN A . n 
A 1 126 GLY 126 124 124 GLY GLY A . n 
A 1 127 TRP 127 125 125 TRP TRP A . n 
A 1 128 ILE 128 126 126 ILE ILE A . n 
A 1 129 ALA 129 127 127 ALA ALA A . n 
A 1 130 LEU 130 128 128 LEU LEU A . n 
A 1 131 PRO 131 129 129 PRO PRO A . n 
A 1 132 ILE 132 130 130 ILE ILE A . n 
A 1 133 LEU 133 131 131 LEU LEU A . n 
A 1 134 HIS 134 132 132 HIS HIS A . n 
A 1 135 ALA 135 133 133 ALA ALA A . n 
A 1 136 TRP 136 134 134 TRP TRP A . n 
A 1 137 ASP 137 135 135 ASP ASP A . n 
A 1 138 PRO 138 136 136 PRO PRO A . n 
A 1 139 ALA 139 137 137 ALA ALA A . n 
A 1 140 ALA 140 138 138 ALA ALA A . n 
A 1 141 MET 141 139 139 MET MET A . n 
A 1 142 ASN 142 140 140 ASN ASN A . n 
A 1 143 LEU 143 141 141 LEU LEU A . n 
A 1 144 ILE 144 142 142 ILE ILE A . n 
A 1 145 MET 145 143 143 MET MET A . n 
A 1 146 VAL 146 144 144 VAL VAL A . n 
A 1 147 VAL 147 145 145 VAL VAL A . n 
A 1 148 GLN 148 146 146 GLN GLN A . n 
A 1 149 GLU 149 147 147 GLU GLU A . n 
A 1 150 LEU 150 148 148 LEU LEU A . n 
A 1 151 MET 151 149 149 MET MET A . n 
A 1 152 SER 152 150 150 SER SER A . n 
A 1 153 LEU 153 151 151 LEU LEU A . n 
A 1 154 LEU 154 152 152 LEU LEU A . n 
A 1 155 HIS 155 153 153 HIS HIS A . n 
A 1 156 GLU 156 154 154 GLU GLU A . n 
A 1 157 PRO 157 155 155 PRO PRO A . n 
A 1 158 PRO 158 156 156 PRO PRO A . n 
A 1 159 GLN 159 157 157 GLN GLN A . n 
A 1 160 ASP 160 158 158 ASP ASP A . n 
A 1 161 GLN 161 159 159 GLN GLN A . n 
A 1 162 ALA 162 160 160 ALA ALA A . n 
# 
loop_
_pdbx_nonpoly_scheme.asym_id 
_pdbx_nonpoly_scheme.entity_id 
_pdbx_nonpoly_scheme.mon_id 
_pdbx_nonpoly_scheme.ndb_seq_num 
_pdbx_nonpoly_scheme.pdb_seq_num 
_pdbx_nonpoly_scheme.auth_seq_num 
_pdbx_nonpoly_scheme.pdb_mon_id 
_pdbx_nonpoly_scheme.auth_mon_id 
_pdbx_nonpoly_scheme.pdb_strand_id 
_pdbx_nonpoly_scheme.pdb_ins_code 
B 2 ZN  1   161 1   ZN  ZN  A . 
C 2 ZN  1   162 2   ZN  ZN  A . 
D 2 ZN  1   163 3   ZN  ZN  A . 
E 2 ZN  1   164 4   ZN  ZN  A . 
F 2 ZN  1   165 5   ZN  ZN  A . 
G 2 ZN  1   166 6   ZN  ZN  A . 
H 2 ZN  1   167 7   ZN  ZN  A . 
I 2 ZN  1   168 8   ZN  ZN  A . 
J 2 ZN  1   169 9   ZN  ZN  A . 
K 3 CL  1   170 10  CL  CL  A . 
L 4 IMD 1   171 11  IMD IMD A . 
M 4 IMD 1   172 12  IMD IMD A . 
N 4 IMD 1   173 13  IMD IMD A . 
O 4 IMD 1   174 14  IMD IMD A . 
P 4 IMD 1   175 15  IMD IMD A . 
Q 5 ACT 1   176 20  ACT ACT A . 
R 5 ACT 1   177 21  ACT ACT A . 
S 5 ACT 1   178 18  ACT ACT A . 
T 4 IMD 1   179 16  IMD IMD A . 
U 4 IMD 1   180 17  IMD IMD A . 
V 5 ACT 1   181 19  ACT ACT A . 
W 6 HOH 1   182 1   HOH HOH A . 
W 6 HOH 2   183 2   HOH HOH A . 
W 6 HOH 3   184 3   HOH HOH A . 
W 6 HOH 4   185 4   HOH HOH A . 
W 6 HOH 5   186 5   HOH HOH A . 
W 6 HOH 6   187 6   HOH HOH A . 
W 6 HOH 7   188 7   HOH HOH A . 
W 6 HOH 8   189 8   HOH HOH A . 
W 6 HOH 9   190 9   HOH HOH A . 
W 6 HOH 10  191 10  HOH HOH A . 
W 6 HOH 11  192 11  HOH HOH A . 
W 6 HOH 12  193 12  HOH HOH A . 
W 6 HOH 13  194 13  HOH HOH A . 
W 6 HOH 14  195 14  HOH HOH A . 
W 6 HOH 15  196 15  HOH HOH A . 
W 6 HOH 16  197 16  HOH HOH A . 
W 6 HOH 17  198 17  HOH HOH A . 
W 6 HOH 18  199 18  HOH HOH A . 
W 6 HOH 19  200 19  HOH HOH A . 
W 6 HOH 20  201 20  HOH HOH A . 
W 6 HOH 21  202 21  HOH HOH A . 
W 6 HOH 22  203 22  HOH HOH A . 
W 6 HOH 23  204 23  HOH HOH A . 
W 6 HOH 24  205 24  HOH HOH A . 
W 6 HOH 25  206 25  HOH HOH A . 
W 6 HOH 26  207 26  HOH HOH A . 
W 6 HOH 27  208 27  HOH HOH A . 
W 6 HOH 28  209 28  HOH HOH A . 
W 6 HOH 29  210 29  HOH HOH A . 
W 6 HOH 30  211 30  HOH HOH A . 
W 6 HOH 31  212 31  HOH HOH A . 
W 6 HOH 32  213 32  HOH HOH A . 
W 6 HOH 33  214 33  HOH HOH A . 
W 6 HOH 34  215 34  HOH HOH A . 
W 6 HOH 35  216 35  HOH HOH A . 
W 6 HOH 36  217 36  HOH HOH A . 
W 6 HOH 37  218 37  HOH HOH A . 
W 6 HOH 38  219 38  HOH HOH A . 
W 6 HOH 39  220 39  HOH HOH A . 
W 6 HOH 40  221 40  HOH HOH A . 
W 6 HOH 41  222 41  HOH HOH A . 
W 6 HOH 42  223 42  HOH HOH A . 
W 6 HOH 43  224 43  HOH HOH A . 
W 6 HOH 44  225 44  HOH HOH A . 
W 6 HOH 45  226 45  HOH HOH A . 
W 6 HOH 46  227 46  HOH HOH A . 
W 6 HOH 47  228 47  HOH HOH A . 
W 6 HOH 48  229 48  HOH HOH A . 
W 6 HOH 49  230 49  HOH HOH A . 
W 6 HOH 50  231 50  HOH HOH A . 
W 6 HOH 51  232 51  HOH HOH A . 
W 6 HOH 52  233 52  HOH HOH A . 
W 6 HOH 53  234 53  HOH HOH A . 
W 6 HOH 54  235 54  HOH HOH A . 
W 6 HOH 55  236 55  HOH HOH A . 
W 6 HOH 56  237 56  HOH HOH A . 
W 6 HOH 57  238 57  HOH HOH A . 
W 6 HOH 58  239 58  HOH HOH A . 
W 6 HOH 59  240 59  HOH HOH A . 
W 6 HOH 60  241 60  HOH HOH A . 
W 6 HOH 61  242 61  HOH HOH A . 
W 6 HOH 62  243 62  HOH HOH A . 
W 6 HOH 63  244 63  HOH HOH A . 
W 6 HOH 64  245 64  HOH HOH A . 
W 6 HOH 65  246 65  HOH HOH A . 
W 6 HOH 66  247 66  HOH HOH A . 
W 6 HOH 67  248 67  HOH HOH A . 
W 6 HOH 68  249 68  HOH HOH A . 
W 6 HOH 69  250 69  HOH HOH A . 
W 6 HOH 70  251 70  HOH HOH A . 
W 6 HOH 71  252 71  HOH HOH A . 
W 6 HOH 72  253 72  HOH HOH A . 
W 6 HOH 73  254 73  HOH HOH A . 
W 6 HOH 74  255 74  HOH HOH A . 
W 6 HOH 75  256 75  HOH HOH A . 
W 6 HOH 76  257 76  HOH HOH A . 
W 6 HOH 77  258 77  HOH HOH A . 
W 6 HOH 78  259 78  HOH HOH A . 
W 6 HOH 79  260 79  HOH HOH A . 
W 6 HOH 80  261 80  HOH HOH A . 
W 6 HOH 81  262 81  HOH HOH A . 
W 6 HOH 82  263 82  HOH HOH A . 
W 6 HOH 83  264 83  HOH HOH A . 
W 6 HOH 84  265 84  HOH HOH A . 
W 6 HOH 85  266 85  HOH HOH A . 
W 6 HOH 86  267 86  HOH HOH A . 
W 6 HOH 87  268 87  HOH HOH A . 
W 6 HOH 88  269 88  HOH HOH A . 
W 6 HOH 89  270 89  HOH HOH A . 
W 6 HOH 90  271 90  HOH HOH A . 
W 6 HOH 91  272 91  HOH HOH A . 
W 6 HOH 92  273 92  HOH HOH A . 
W 6 HOH 93  274 93  HOH HOH A . 
W 6 HOH 94  275 94  HOH HOH A . 
W 6 HOH 95  276 95  HOH HOH A . 
W 6 HOH 96  277 96  HOH HOH A . 
W 6 HOH 97  278 97  HOH HOH A . 
W 6 HOH 98  279 98  HOH HOH A . 
W 6 HOH 99  280 99  HOH HOH A . 
W 6 HOH 100 281 100 HOH HOH A . 
W 6 HOH 101 282 101 HOH HOH A . 
W 6 HOH 102 283 102 HOH HOH A . 
W 6 HOH 103 284 103 HOH HOH A . 
W 6 HOH 104 285 104 HOH HOH A . 
W 6 HOH 105 286 105 HOH HOH A . 
W 6 HOH 106 287 106 HOH HOH A . 
W 6 HOH 107 288 107 HOH HOH A . 
W 6 HOH 108 289 108 HOH HOH A . 
W 6 HOH 109 290 109 HOH HOH A . 
W 6 HOH 110 291 110 HOH HOH A . 
W 6 HOH 111 292 111 HOH HOH A . 
W 6 HOH 112 293 112 HOH HOH A . 
W 6 HOH 113 294 113 HOH HOH A . 
W 6 HOH 114 295 114 HOH HOH A . 
W 6 HOH 115 296 115 HOH HOH A . 
W 6 HOH 116 297 116 HOH HOH A . 
W 6 HOH 117 298 117 HOH HOH A . 
W 6 HOH 118 299 118 HOH HOH A . 
W 6 HOH 119 300 119 HOH HOH A . 
W 6 HOH 120 301 120 HOH HOH A . 
W 6 HOH 121 302 121 HOH HOH A . 
W 6 HOH 122 303 122 HOH HOH A . 
# 
_pdbx_struct_assembly.id                   1 
_pdbx_struct_assembly.details              author_and_software_defined_assembly 
_pdbx_struct_assembly.method_details       PISA 
_pdbx_struct_assembly.oligomeric_details   monomeric 
_pdbx_struct_assembly.oligomeric_count     1 
# 
_pdbx_struct_assembly_gen.assembly_id       1 
_pdbx_struct_assembly_gen.oper_expression   1 
_pdbx_struct_assembly_gen.asym_id_list      A,B,C,D,E,F,G,H,I,J,K,L,M,N,O,P,Q,R,S,T,U,V,W 
# 
_pdbx_struct_oper_list.id                   1 
_pdbx_struct_oper_list.type                 'identity operation' 
_pdbx_struct_oper_list.name                 1_555 
_pdbx_struct_oper_list.symmetry_operation   x,y,z 
_pdbx_struct_oper_list.matrix[1][1]         1.0000000000 
_pdbx_struct_oper_list.matrix[1][2]         0.0000000000 
_pdbx_struct_oper_list.matrix[1][3]         0.0000000000 
_pdbx_struct_oper_list.vector[1]            0.0000000000 
_pdbx_struct_oper_list.matrix[2][1]         0.0000000000 
_pdbx_struct_oper_list.matrix[2][2]         1.0000000000 
_pdbx_struct_oper_list.matrix[2][3]         0.0000000000 
_pdbx_struct_oper_list.vector[2]            0.0000000000 
_pdbx_struct_oper_list.matrix[3][1]         0.0000000000 
_pdbx_struct_oper_list.matrix[3][2]         0.0000000000 
_pdbx_struct_oper_list.matrix[3][3]         1.0000000000 
_pdbx_struct_oper_list.vector[3]            0.0000000000 
# 
loop_
_pdbx_struct_conn_angle.id 
_pdbx_struct_conn_angle.ptnr1_label_atom_id 
_pdbx_struct_conn_angle.ptnr1_label_alt_id 
_pdbx_struct_conn_angle.ptnr1_label_asym_id 
_pdbx_struct_conn_angle.ptnr1_label_comp_id 
_pdbx_struct_conn_angle.ptnr1_label_seq_id 
_pdbx_struct_conn_angle.ptnr1_auth_atom_id 
_pdbx_struct_conn_angle.ptnr1_auth_asym_id 
_pdbx_struct_conn_angle.ptnr1_auth_comp_id 
_pdbx_struct_conn_angle.ptnr1_auth_seq_id 
_pdbx_struct_conn_angle.ptnr1_PDB_ins_code 
_pdbx_struct_conn_angle.ptnr1_symmetry 
_pdbx_struct_conn_angle.ptnr2_label_atom_id 
_pdbx_struct_conn_angle.ptnr2_label_alt_id 
_pdbx_struct_conn_angle.ptnr2_label_asym_id 
_pdbx_struct_conn_angle.ptnr2_label_comp_id 
_pdbx_struct_conn_angle.ptnr2_label_seq_id 
_pdbx_struct_conn_angle.ptnr2_auth_atom_id 
_pdbx_struct_conn_angle.ptnr2_auth_asym_id 
_pdbx_struct_conn_angle.ptnr2_auth_comp_id 
_pdbx_struct_conn_angle.ptnr2_auth_seq_id 
_pdbx_struct_conn_angle.ptnr2_PDB_ins_code 
_pdbx_struct_conn_angle.ptnr2_symmetry 
_pdbx_struct_conn_angle.ptnr3_label_atom_id 
_pdbx_struct_conn_angle.ptnr3_label_alt_id 
_pdbx_struct_conn_angle.ptnr3_label_asym_id 
_pdbx_struct_conn_angle.ptnr3_label_comp_id 
_pdbx_struct_conn_angle.ptnr3_label_seq_id 
_pdbx_struct_conn_angle.ptnr3_auth_atom_id 
_pdbx_struct_conn_angle.ptnr3_auth_asym_id 
_pdbx_struct_conn_angle.ptnr3_auth_comp_id 
_pdbx_struct_conn_angle.ptnr3_auth_seq_id 
_pdbx_struct_conn_angle.ptnr3_PDB_ins_code 
_pdbx_struct_conn_angle.ptnr3_symmetry 
_pdbx_struct_conn_angle.value 
_pdbx_struct_conn_angle.value_esd 
1  OE2 ? A GLU 13  ? A GLU 11  ? 1_555 ZN ? C ZN . ? A ZN 162 ? 1_555 N1  ? O IMD .   ? A IMD 174 ? 1_555 124.0 ? 
2  OE2 ? A GLU 13  ? A GLU 11  ? 1_555 ZN ? C ZN . ? A ZN 162 ? 1_555 O   ? W HOH .   ? A HOH 243 ? 1_555 99.3  ? 
3  N1  ? O IMD .   ? A IMD 174 ? 1_555 ZN ? C ZN . ? A ZN 162 ? 1_555 O   ? W HOH .   ? A HOH 243 ? 1_555 108.1 ? 
4  OD2 ? A ASP 29  ? A ASP 27  ? 1_555 ZN ? I ZN . ? A ZN 168 ? 1_555 OG1 ? A THR 32  ? A THR 30  ? 1_555 94.0  ? 
5  OD2 ? A ASP 29  ? A ASP 27  ? 1_555 ZN ? I ZN . ? A ZN 168 ? 1_555 O   ? R ACT .   ? A ACT 177 ? 1_555 148.9 ? 
6  OG1 ? A THR 32  ? A THR 30  ? 1_555 ZN ? I ZN . ? A ZN 168 ? 1_555 O   ? R ACT .   ? A ACT 177 ? 1_555 87.7  ? 
7  OD2 ? A ASP 29  ? A ASP 27  ? 1_555 ZN ? I ZN . ? A ZN 168 ? 1_555 N1  ? U IMD .   ? A IMD 180 ? 1_555 101.5 ? 
8  OG1 ? A THR 32  ? A THR 30  ? 1_555 ZN ? I ZN . ? A ZN 168 ? 1_555 N1  ? U IMD .   ? A IMD 180 ? 1_555 91.4  ? 
9  O   ? R ACT .   ? A ACT 177 ? 1_555 ZN ? I ZN . ? A ZN 168 ? 1_555 N1  ? U IMD .   ? A IMD 180 ? 1_555 109.5 ? 
10 NE2 ? A HIS 35  ? A HIS 33  ? 1_555 ZN ? D ZN . ? A ZN 163 ? 1_555 N1  ? L IMD .   ? A IMD 171 ? 1_555 107.0 ? 
11 NE2 ? A HIS 35  ? A HIS 33  ? 1_555 ZN ? D ZN . ? A ZN 163 ? 1_555 OXT ? S ACT .   ? A ACT 178 ? 1_555 115.5 ? 
12 N1  ? L IMD .   ? A IMD 171 ? 1_555 ZN ? D ZN . ? A ZN 163 ? 1_555 OXT ? S ACT .   ? A ACT 178 ? 1_555 120.4 ? 
13 NE2 ? A HIS 35  ? A HIS 33  ? 1_555 ZN ? D ZN . ? A ZN 163 ? 1_555 O   ? S ACT .   ? A ACT 178 ? 1_555 87.7  ? 
14 N1  ? L IMD .   ? A IMD 171 ? 1_555 ZN ? D ZN . ? A ZN 163 ? 1_555 O   ? S ACT .   ? A ACT 178 ? 1_555 92.5  ? 
15 OXT ? S ACT .   ? A ACT 178 ? 1_555 ZN ? D ZN . ? A ZN 163 ? 1_555 O   ? S ACT .   ? A ACT 178 ? 1_555 51.7  ? 
16 OD2 ? A ASP 42  ? A ASP 40  ? 1_555 ZN ? J ZN . ? A ZN 169 ? 1_555 N3  ? L IMD .   ? A IMD 171 ? 1_555 94.5  ? 
17 OD2 ? A ASP 42  ? A ASP 40  ? 1_555 ZN ? J ZN . ? A ZN 169 ? 1_555 O   ? W HOH .   ? A HOH 250 ? 1_555 107.9 ? 
18 N3  ? L IMD .   ? A IMD 171 ? 1_555 ZN ? J ZN . ? A ZN 169 ? 1_555 O   ? W HOH .   ? A HOH 250 ? 1_555 115.9 ? 
19 OD2 ? A ASP 42  ? A ASP 40  ? 1_555 ZN ? J ZN . ? A ZN 169 ? 1_555 O   ? W HOH .   ? A HOH 274 ? 1_555 127.5 ? 
20 N3  ? L IMD .   ? A IMD 171 ? 1_555 ZN ? J ZN . ? A ZN 169 ? 1_555 O   ? W HOH .   ? A HOH 274 ? 1_555 119.2 ? 
21 O   ? W HOH .   ? A HOH 250 ? 1_555 ZN ? J ZN . ? A ZN 169 ? 1_555 O   ? W HOH .   ? A HOH 274 ? 1_555 92.9  ? 
22 OE1 ? A GLU 75  ? A GLU 73  ? 1_555 ZN ? G ZN . ? A ZN 166 ? 1_555 N3  ? N IMD .   ? A IMD 173 ? 1_555 103.8 ? 
23 OD1 ? A ASP 76  ? A ASP 74  ? 1_555 ZN ? E ZN . ? A ZN 164 ? 1_555 N1  ? M IMD .   ? A IMD 172 ? 1_555 126.6 ? 
24 OD1 ? A ASP 76  ? A ASP 74  ? 1_555 ZN ? E ZN . ? A ZN 164 ? 1_555 O   ? W HOH .   ? A HOH 237 ? 1_555 103.4 ? 
25 N1  ? M IMD .   ? A IMD 172 ? 1_555 ZN ? E ZN . ? A ZN 164 ? 1_555 O   ? W HOH .   ? A HOH 237 ? 1_555 105.4 ? 
26 OE2 ? A GLU 120 ? A GLU 118 ? 1_555 ZN ? F ZN . ? A ZN 165 ? 1_555 OE2 ? A GLU 156 ? A GLU 154 ? 1_555 109.7 ? 
27 OE2 ? A GLU 120 ? A GLU 118 ? 1_555 ZN ? F ZN . ? A ZN 165 ? 1_555 O   ? W HOH .   ? A HOH 276 ? 1_555 112.7 ? 
28 OE2 ? A GLU 156 ? A GLU 154 ? 1_555 ZN ? F ZN . ? A ZN 165 ? 1_555 O   ? W HOH .   ? A HOH 276 ? 1_555 105.9 ? 
29 ND1 ? A HIS 155 ? A HIS 153 ? 1_555 ZN ? H ZN . ? A ZN 167 ? 1_555 N1  ? P IMD .   ? A IMD 175 ? 1_555 107.2 ? 
30 ND1 ? A HIS 155 ? A HIS 153 ? 1_555 ZN ? H ZN . ? A ZN 167 ? 1_555 OXT ? Q ACT .   ? A ACT 176 ? 1_555 156.3 ? 
31 N1  ? P IMD .   ? A IMD 175 ? 1_555 ZN ? H ZN . ? A ZN 167 ? 1_555 OXT ? Q ACT .   ? A ACT 176 ? 1_555 92.0  ? 
32 ND1 ? A HIS 155 ? A HIS 153 ? 1_555 ZN ? H ZN . ? A ZN 167 ? 1_555 O   ? Q ACT .   ? A ACT 176 ? 1_555 106.6 ? 
33 N1  ? P IMD .   ? A IMD 175 ? 1_555 ZN ? H ZN . ? A ZN 167 ? 1_555 O   ? Q ACT .   ? A ACT 176 ? 1_555 145.2 ? 
34 OXT ? Q ACT .   ? A ACT 176 ? 1_555 ZN ? H ZN . ? A ZN 167 ? 1_555 O   ? Q ACT .   ? A ACT 176 ? 1_555 53.2  ? 
35 OD2 ? A ASP 160 ? A ASP 158 ? 1_555 ZN ? B ZN . ? A ZN 161 ? 1_555 N1  ? T IMD .   ? A IMD 179 ? 1_555 96.8  ? 
36 OD2 ? A ASP 160 ? A ASP 158 ? 1_555 ZN ? B ZN . ? A ZN 161 ? 1_555 O   ? W HOH .   ? A HOH 275 ? 1_555 115.0 ? 
37 N1  ? T IMD .   ? A IMD 179 ? 1_555 ZN ? B ZN . ? A ZN 161 ? 1_555 O   ? W HOH .   ? A HOH 275 ? 1_555 110.3 ? 
# 
loop_
_pdbx_audit_revision_history.ordinal 
_pdbx_audit_revision_history.data_content_type 
_pdbx_audit_revision_history.major_revision 
_pdbx_audit_revision_history.minor_revision 
_pdbx_audit_revision_history.revision_date 
1 'Structure model' 1 0 2011-05-04 
2 'Structure model' 1 1 2011-07-13 
3 'Structure model' 1 2 2023-09-13 
# 
_pdbx_audit_revision_details.ordinal             1 
_pdbx_audit_revision_details.revision_ordinal    1 
_pdbx_audit_revision_details.data_content_type   'Structure model' 
_pdbx_audit_revision_details.provider            repository 
_pdbx_audit_revision_details.type                'Initial release' 
_pdbx_audit_revision_details.description         ? 
_pdbx_audit_revision_details.details             ? 
# 
loop_
_pdbx_audit_revision_group.ordinal 
_pdbx_audit_revision_group.revision_ordinal 
_pdbx_audit_revision_group.data_content_type 
_pdbx_audit_revision_group.group 
1 2 'Structure model' 'Version format compliance' 
2 3 'Structure model' 'Data collection'           
3 3 'Structure model' 'Database references'       
4 3 'Structure model' 'Derived calculations'      
5 3 'Structure model' 'Refinement description'    
# 
loop_
_pdbx_audit_revision_category.ordinal 
_pdbx_audit_revision_category.revision_ordinal 
_pdbx_audit_revision_category.data_content_type 
_pdbx_audit_revision_category.category 
1 3 'Structure model' chem_comp_atom                
2 3 'Structure model' chem_comp_bond                
3 3 'Structure model' database_2                    
4 3 'Structure model' pdbx_initial_refinement_model 
5 3 'Structure model' pdbx_struct_conn_angle        
6 3 'Structure model' struct_conn                   
7 3 'Structure model' struct_ref_seq_dif            
8 3 'Structure model' struct_site                   
# 
loop_
_pdbx_audit_revision_item.ordinal 
_pdbx_audit_revision_item.revision_ordinal 
_pdbx_audit_revision_item.data_content_type 
_pdbx_audit_revision_item.item 
1  3 'Structure model' '_database_2.pdbx_DOI'                        
2  3 'Structure model' '_database_2.pdbx_database_accession'         
3  3 'Structure model' '_pdbx_struct_conn_angle.ptnr1_auth_comp_id'  
4  3 'Structure model' '_pdbx_struct_conn_angle.ptnr1_auth_seq_id'   
5  3 'Structure model' '_pdbx_struct_conn_angle.ptnr1_label_asym_id' 
6  3 'Structure model' '_pdbx_struct_conn_angle.ptnr1_label_atom_id' 
7  3 'Structure model' '_pdbx_struct_conn_angle.ptnr1_label_comp_id' 
8  3 'Structure model' '_pdbx_struct_conn_angle.ptnr1_label_seq_id'  
9  3 'Structure model' '_pdbx_struct_conn_angle.ptnr2_auth_seq_id'   
10 3 'Structure model' '_pdbx_struct_conn_angle.ptnr2_label_asym_id' 
11 3 'Structure model' '_pdbx_struct_conn_angle.ptnr3_auth_comp_id'  
12 3 'Structure model' '_pdbx_struct_conn_angle.ptnr3_auth_seq_id'   
13 3 'Structure model' '_pdbx_struct_conn_angle.ptnr3_label_asym_id' 
14 3 'Structure model' '_pdbx_struct_conn_angle.ptnr3_label_atom_id' 
15 3 'Structure model' '_pdbx_struct_conn_angle.ptnr3_label_comp_id' 
16 3 'Structure model' '_pdbx_struct_conn_angle.ptnr3_label_seq_id'  
17 3 'Structure model' '_pdbx_struct_conn_angle.value'               
18 3 'Structure model' '_struct_conn.pdbx_dist_value'                
19 3 'Structure model' '_struct_conn.ptnr1_auth_comp_id'             
20 3 'Structure model' '_struct_conn.ptnr1_auth_seq_id'              
21 3 'Structure model' '_struct_conn.ptnr1_label_asym_id'            
22 3 'Structure model' '_struct_conn.ptnr1_label_atom_id'            
23 3 'Structure model' '_struct_conn.ptnr1_label_comp_id'            
24 3 'Structure model' '_struct_conn.ptnr1_label_seq_id'             
25 3 'Structure model' '_struct_conn.ptnr2_auth_comp_id'             
26 3 'Structure model' '_struct_conn.ptnr2_auth_seq_id'              
27 3 'Structure model' '_struct_conn.ptnr2_label_asym_id'            
28 3 'Structure model' '_struct_conn.ptnr2_label_atom_id'            
29 3 'Structure model' '_struct_conn.ptnr2_label_comp_id'            
30 3 'Structure model' '_struct_ref_seq_dif.details'                 
31 3 'Structure model' '_struct_site.pdbx_auth_asym_id'              
32 3 'Structure model' '_struct_site.pdbx_auth_comp_id'              
33 3 'Structure model' '_struct_site.pdbx_auth_seq_id'               
# 
loop_
_software.name 
_software.classification 
_software.version 
_software.citation_id 
_software.pdbx_ordinal 
HKL-2000 'data collection' .                          ? 1 
PHASER   phasing           .                          ? 2 
PHENIX   refinement        '(phenix.refine: 1.6_289)' ? 3 
HKL-2000 'data reduction'  .                          ? 4 
HKL-2000 'data scaling'    .                          ? 5 
# 
_pdbx_validate_close_contact.id               1 
_pdbx_validate_close_contact.PDB_model_num    1 
_pdbx_validate_close_contact.auth_atom_id_1   OE2 
_pdbx_validate_close_contact.auth_asym_id_1   A 
_pdbx_validate_close_contact.auth_comp_id_1   GLU 
_pdbx_validate_close_contact.auth_seq_id_1    147 
_pdbx_validate_close_contact.PDB_ins_code_1   ? 
_pdbx_validate_close_contact.label_alt_id_1   ? 
_pdbx_validate_close_contact.auth_atom_id_2   O 
_pdbx_validate_close_contact.auth_asym_id_2   A 
_pdbx_validate_close_contact.auth_comp_id_2   HOH 
_pdbx_validate_close_contact.auth_seq_id_2    277 
_pdbx_validate_close_contact.PDB_ins_code_2   ? 
_pdbx_validate_close_contact.label_alt_id_2   ? 
_pdbx_validate_close_contact.dist             2.17 
# 
_pdbx_validate_torsion.id              1 
_pdbx_validate_torsion.PDB_model_num   1 
_pdbx_validate_torsion.auth_comp_id    PRO 
_pdbx_validate_torsion.auth_asym_id    A 
_pdbx_validate_torsion.auth_seq_id     115 
_pdbx_validate_torsion.PDB_ins_code    ? 
_pdbx_validate_torsion.label_alt_id    ? 
_pdbx_validate_torsion.phi             -72.55 
_pdbx_validate_torsion.psi             26.05 
# 
loop_
_pdbx_unobs_or_zero_occ_residues.id 
_pdbx_unobs_or_zero_occ_residues.PDB_model_num 
_pdbx_unobs_or_zero_occ_residues.polymer_flag 
_pdbx_unobs_or_zero_occ_residues.occupancy_flag 
_pdbx_unobs_or_zero_occ_residues.auth_asym_id 
_pdbx_unobs_or_zero_occ_residues.auth_comp_id 
_pdbx_unobs_or_zero_occ_residues.auth_seq_id 
_pdbx_unobs_or_zero_occ_residues.PDB_ins_code 
_pdbx_unobs_or_zero_occ_residues.label_asym_id 
_pdbx_unobs_or_zero_occ_residues.label_comp_id 
_pdbx_unobs_or_zero_occ_residues.label_seq_id 
1 1 Y 1 A GLY -1 ? A GLY 1 
2 1 Y 1 A ALA 0  ? A ALA 2 
3 1 Y 1 A MET 1  ? A MET 3 
4 1 Y 1 A SER 2  ? A SER 4 
5 1 Y 1 A ALA 3  ? A ALA 5 
6 1 Y 1 A ASN 4  ? A ASN 6 
7 1 Y 1 A GLY 5  ? A GLY 7 
8 1 Y 1 A LYS 6  ? A LYS 8 
9 1 Y 1 A ILE 7  ? A ILE 9 
# 
loop_
_chem_comp_atom.comp_id 
_chem_comp_atom.atom_id 
_chem_comp_atom.type_symbol 
_chem_comp_atom.pdbx_aromatic_flag 
_chem_comp_atom.pdbx_stereo_config 
_chem_comp_atom.pdbx_ordinal 
ACT C    C  N N 1   
ACT O    O  N N 2   
ACT OXT  O  N N 3   
ACT CH3  C  N N 4   
ACT H1   H  N N 5   
ACT H2   H  N N 6   
ACT H3   H  N N 7   
ALA N    N  N N 8   
ALA CA   C  N S 9   
ALA C    C  N N 10  
ALA O    O  N N 11  
ALA CB   C  N N 12  
ALA OXT  O  N N 13  
ALA H    H  N N 14  
ALA H2   H  N N 15  
ALA HA   H  N N 16  
ALA HB1  H  N N 17  
ALA HB2  H  N N 18  
ALA HB3  H  N N 19  
ALA HXT  H  N N 20  
ARG N    N  N N 21  
ARG CA   C  N S 22  
ARG C    C  N N 23  
ARG O    O  N N 24  
ARG CB   C  N N 25  
ARG CG   C  N N 26  
ARG CD   C  N N 27  
ARG NE   N  N N 28  
ARG CZ   C  N N 29  
ARG NH1  N  N N 30  
ARG NH2  N  N N 31  
ARG OXT  O  N N 32  
ARG H    H  N N 33  
ARG H2   H  N N 34  
ARG HA   H  N N 35  
ARG HB2  H  N N 36  
ARG HB3  H  N N 37  
ARG HG2  H  N N 38  
ARG HG3  H  N N 39  
ARG HD2  H  N N 40  
ARG HD3  H  N N 41  
ARG HE   H  N N 42  
ARG HH11 H  N N 43  
ARG HH12 H  N N 44  
ARG HH21 H  N N 45  
ARG HH22 H  N N 46  
ARG HXT  H  N N 47  
ASN N    N  N N 48  
ASN CA   C  N S 49  
ASN C    C  N N 50  
ASN O    O  N N 51  
ASN CB   C  N N 52  
ASN CG   C  N N 53  
ASN OD1  O  N N 54  
ASN ND2  N  N N 55  
ASN OXT  O  N N 56  
ASN H    H  N N 57  
ASN H2   H  N N 58  
ASN HA   H  N N 59  
ASN HB2  H  N N 60  
ASN HB3  H  N N 61  
ASN HD21 H  N N 62  
ASN HD22 H  N N 63  
ASN HXT  H  N N 64  
ASP N    N  N N 65  
ASP CA   C  N S 66  
ASP C    C  N N 67  
ASP O    O  N N 68  
ASP CB   C  N N 69  
ASP CG   C  N N 70  
ASP OD1  O  N N 71  
ASP OD2  O  N N 72  
ASP OXT  O  N N 73  
ASP H    H  N N 74  
ASP H2   H  N N 75  
ASP HA   H  N N 76  
ASP HB2  H  N N 77  
ASP HB3  H  N N 78  
ASP HD2  H  N N 79  
ASP HXT  H  N N 80  
CL  CL   CL N N 81  
CYS N    N  N N 82  
CYS CA   C  N R 83  
CYS C    C  N N 84  
CYS O    O  N N 85  
CYS CB   C  N N 86  
CYS SG   S  N N 87  
CYS OXT  O  N N 88  
CYS H    H  N N 89  
CYS H2   H  N N 90  
CYS HA   H  N N 91  
CYS HB2  H  N N 92  
CYS HB3  H  N N 93  
CYS HG   H  N N 94  
CYS HXT  H  N N 95  
GLN N    N  N N 96  
GLN CA   C  N S 97  
GLN C    C  N N 98  
GLN O    O  N N 99  
GLN CB   C  N N 100 
GLN CG   C  N N 101 
GLN CD   C  N N 102 
GLN OE1  O  N N 103 
GLN NE2  N  N N 104 
GLN OXT  O  N N 105 
GLN H    H  N N 106 
GLN H2   H  N N 107 
GLN HA   H  N N 108 
GLN HB2  H  N N 109 
GLN HB3  H  N N 110 
GLN HG2  H  N N 111 
GLN HG3  H  N N 112 
GLN HE21 H  N N 113 
GLN HE22 H  N N 114 
GLN HXT  H  N N 115 
GLU N    N  N N 116 
GLU CA   C  N S 117 
GLU C    C  N N 118 
GLU O    O  N N 119 
GLU CB   C  N N 120 
GLU CG   C  N N 121 
GLU CD   C  N N 122 
GLU OE1  O  N N 123 
GLU OE2  O  N N 124 
GLU OXT  O  N N 125 
GLU H    H  N N 126 
GLU H2   H  N N 127 
GLU HA   H  N N 128 
GLU HB2  H  N N 129 
GLU HB3  H  N N 130 
GLU HG2  H  N N 131 
GLU HG3  H  N N 132 
GLU HE2  H  N N 133 
GLU HXT  H  N N 134 
GLY N    N  N N 135 
GLY CA   C  N N 136 
GLY C    C  N N 137 
GLY O    O  N N 138 
GLY OXT  O  N N 139 
GLY H    H  N N 140 
GLY H2   H  N N 141 
GLY HA2  H  N N 142 
GLY HA3  H  N N 143 
GLY HXT  H  N N 144 
HIS N    N  N N 145 
HIS CA   C  N S 146 
HIS C    C  N N 147 
HIS O    O  N N 148 
HIS CB   C  N N 149 
HIS CG   C  Y N 150 
HIS ND1  N  Y N 151 
HIS CD2  C  Y N 152 
HIS CE1  C  Y N 153 
HIS NE2  N  Y N 154 
HIS OXT  O  N N 155 
HIS H    H  N N 156 
HIS H2   H  N N 157 
HIS HA   H  N N 158 
HIS HB2  H  N N 159 
HIS HB3  H  N N 160 
HIS HD1  H  N N 161 
HIS HD2  H  N N 162 
HIS HE1  H  N N 163 
HIS HE2  H  N N 164 
HIS HXT  H  N N 165 
HOH O    O  N N 166 
HOH H1   H  N N 167 
HOH H2   H  N N 168 
ILE N    N  N N 169 
ILE CA   C  N S 170 
ILE C    C  N N 171 
ILE O    O  N N 172 
ILE CB   C  N S 173 
ILE CG1  C  N N 174 
ILE CG2  C  N N 175 
ILE CD1  C  N N 176 
ILE OXT  O  N N 177 
ILE H    H  N N 178 
ILE H2   H  N N 179 
ILE HA   H  N N 180 
ILE HB   H  N N 181 
ILE HG12 H  N N 182 
ILE HG13 H  N N 183 
ILE HG21 H  N N 184 
ILE HG22 H  N N 185 
ILE HG23 H  N N 186 
ILE HD11 H  N N 187 
ILE HD12 H  N N 188 
ILE HD13 H  N N 189 
ILE HXT  H  N N 190 
IMD N1   N  Y N 191 
IMD C2   C  Y N 192 
IMD N3   N  Y N 193 
IMD C4   C  Y N 194 
IMD C5   C  Y N 195 
IMD HN1  H  N N 196 
IMD H2   H  N N 197 
IMD HN3  H  N N 198 
IMD H4   H  N N 199 
IMD H5   H  N N 200 
LEU N    N  N N 201 
LEU CA   C  N S 202 
LEU C    C  N N 203 
LEU O    O  N N 204 
LEU CB   C  N N 205 
LEU CG   C  N N 206 
LEU CD1  C  N N 207 
LEU CD2  C  N N 208 
LEU OXT  O  N N 209 
LEU H    H  N N 210 
LEU H2   H  N N 211 
LEU HA   H  N N 212 
LEU HB2  H  N N 213 
LEU HB3  H  N N 214 
LEU HG   H  N N 215 
LEU HD11 H  N N 216 
LEU HD12 H  N N 217 
LEU HD13 H  N N 218 
LEU HD21 H  N N 219 
LEU HD22 H  N N 220 
LEU HD23 H  N N 221 
LEU HXT  H  N N 222 
LYS N    N  N N 223 
LYS CA   C  N S 224 
LYS C    C  N N 225 
LYS O    O  N N 226 
LYS CB   C  N N 227 
LYS CG   C  N N 228 
LYS CD   C  N N 229 
LYS CE   C  N N 230 
LYS NZ   N  N N 231 
LYS OXT  O  N N 232 
LYS H    H  N N 233 
LYS H2   H  N N 234 
LYS HA   H  N N 235 
LYS HB2  H  N N 236 
LYS HB3  H  N N 237 
LYS HG2  H  N N 238 
LYS HG3  H  N N 239 
LYS HD2  H  N N 240 
LYS HD3  H  N N 241 
LYS HE2  H  N N 242 
LYS HE3  H  N N 243 
LYS HZ1  H  N N 244 
LYS HZ2  H  N N 245 
LYS HZ3  H  N N 246 
LYS HXT  H  N N 247 
MET N    N  N N 248 
MET CA   C  N S 249 
MET C    C  N N 250 
MET O    O  N N 251 
MET CB   C  N N 252 
MET CG   C  N N 253 
MET SD   S  N N 254 
MET CE   C  N N 255 
MET OXT  O  N N 256 
MET H    H  N N 257 
MET H2   H  N N 258 
MET HA   H  N N 259 
MET HB2  H  N N 260 
MET HB3  H  N N 261 
MET HG2  H  N N 262 
MET HG3  H  N N 263 
MET HE1  H  N N 264 
MET HE2  H  N N 265 
MET HE3  H  N N 266 
MET HXT  H  N N 267 
PHE N    N  N N 268 
PHE CA   C  N S 269 
PHE C    C  N N 270 
PHE O    O  N N 271 
PHE CB   C  N N 272 
PHE CG   C  Y N 273 
PHE CD1  C  Y N 274 
PHE CD2  C  Y N 275 
PHE CE1  C  Y N 276 
PHE CE2  C  Y N 277 
PHE CZ   C  Y N 278 
PHE OXT  O  N N 279 
PHE H    H  N N 280 
PHE H2   H  N N 281 
PHE HA   H  N N 282 
PHE HB2  H  N N 283 
PHE HB3  H  N N 284 
PHE HD1  H  N N 285 
PHE HD2  H  N N 286 
PHE HE1  H  N N 287 
PHE HE2  H  N N 288 
PHE HZ   H  N N 289 
PHE HXT  H  N N 290 
PRO N    N  N N 291 
PRO CA   C  N S 292 
PRO C    C  N N 293 
PRO O    O  N N 294 
PRO CB   C  N N 295 
PRO CG   C  N N 296 
PRO CD   C  N N 297 
PRO OXT  O  N N 298 
PRO H    H  N N 299 
PRO HA   H  N N 300 
PRO HB2  H  N N 301 
PRO HB3  H  N N 302 
PRO HG2  H  N N 303 
PRO HG3  H  N N 304 
PRO HD2  H  N N 305 
PRO HD3  H  N N 306 
PRO HXT  H  N N 307 
SER N    N  N N 308 
SER CA   C  N S 309 
SER C    C  N N 310 
SER O    O  N N 311 
SER CB   C  N N 312 
SER OG   O  N N 313 
SER OXT  O  N N 314 
SER H    H  N N 315 
SER H2   H  N N 316 
SER HA   H  N N 317 
SER HB2  H  N N 318 
SER HB3  H  N N 319 
SER HG   H  N N 320 
SER HXT  H  N N 321 
THR N    N  N N 322 
THR CA   C  N S 323 
THR C    C  N N 324 
THR O    O  N N 325 
THR CB   C  N R 326 
THR OG1  O  N N 327 
THR CG2  C  N N 328 
THR OXT  O  N N 329 
THR H    H  N N 330 
THR H2   H  N N 331 
THR HA   H  N N 332 
THR HB   H  N N 333 
THR HG1  H  N N 334 
THR HG21 H  N N 335 
THR HG22 H  N N 336 
THR HG23 H  N N 337 
THR HXT  H  N N 338 
TRP N    N  N N 339 
TRP CA   C  N S 340 
TRP C    C  N N 341 
TRP O    O  N N 342 
TRP CB   C  N N 343 
TRP CG   C  Y N 344 
TRP CD1  C  Y N 345 
TRP CD2  C  Y N 346 
TRP NE1  N  Y N 347 
TRP CE2  C  Y N 348 
TRP CE3  C  Y N 349 
TRP CZ2  C  Y N 350 
TRP CZ3  C  Y N 351 
TRP CH2  C  Y N 352 
TRP OXT  O  N N 353 
TRP H    H  N N 354 
TRP H2   H  N N 355 
TRP HA   H  N N 356 
TRP HB2  H  N N 357 
TRP HB3  H  N N 358 
TRP HD1  H  N N 359 
TRP HE1  H  N N 360 
TRP HE3  H  N N 361 
TRP HZ2  H  N N 362 
TRP HZ3  H  N N 363 
TRP HH2  H  N N 364 
TRP HXT  H  N N 365 
TYR N    N  N N 366 
TYR CA   C  N S 367 
TYR C    C  N N 368 
TYR O    O  N N 369 
TYR CB   C  N N 370 
TYR CG   C  Y N 371 
TYR CD1  C  Y N 372 
TYR CD2  C  Y N 373 
TYR CE1  C  Y N 374 
TYR CE2  C  Y N 375 
TYR CZ   C  Y N 376 
TYR OH   O  N N 377 
TYR OXT  O  N N 378 
TYR H    H  N N 379 
TYR H2   H  N N 380 
TYR HA   H  N N 381 
TYR HB2  H  N N 382 
TYR HB3  H  N N 383 
TYR HD1  H  N N 384 
TYR HD2  H  N N 385 
TYR HE1  H  N N 386 
TYR HE2  H  N N 387 
TYR HH   H  N N 388 
TYR HXT  H  N N 389 
VAL N    N  N N 390 
VAL CA   C  N S 391 
VAL C    C  N N 392 
VAL O    O  N N 393 
VAL CB   C  N N 394 
VAL CG1  C  N N 395 
VAL CG2  C  N N 396 
VAL OXT  O  N N 397 
VAL H    H  N N 398 
VAL H2   H  N N 399 
VAL HA   H  N N 400 
VAL HB   H  N N 401 
VAL HG11 H  N N 402 
VAL HG12 H  N N 403 
VAL HG13 H  N N 404 
VAL HG21 H  N N 405 
VAL HG22 H  N N 406 
VAL HG23 H  N N 407 
VAL HXT  H  N N 408 
ZN  ZN   ZN N N 409 
# 
loop_
_chem_comp_bond.comp_id 
_chem_comp_bond.atom_id_1 
_chem_comp_bond.atom_id_2 
_chem_comp_bond.value_order 
_chem_comp_bond.pdbx_aromatic_flag 
_chem_comp_bond.pdbx_stereo_config 
_chem_comp_bond.pdbx_ordinal 
ACT C   O    doub N N 1   
ACT C   OXT  sing N N 2   
ACT C   CH3  sing N N 3   
ACT CH3 H1   sing N N 4   
ACT CH3 H2   sing N N 5   
ACT CH3 H3   sing N N 6   
ALA N   CA   sing N N 7   
ALA N   H    sing N N 8   
ALA N   H2   sing N N 9   
ALA CA  C    sing N N 10  
ALA CA  CB   sing N N 11  
ALA CA  HA   sing N N 12  
ALA C   O    doub N N 13  
ALA C   OXT  sing N N 14  
ALA CB  HB1  sing N N 15  
ALA CB  HB2  sing N N 16  
ALA CB  HB3  sing N N 17  
ALA OXT HXT  sing N N 18  
ARG N   CA   sing N N 19  
ARG N   H    sing N N 20  
ARG N   H2   sing N N 21  
ARG CA  C    sing N N 22  
ARG CA  CB   sing N N 23  
ARG CA  HA   sing N N 24  
ARG C   O    doub N N 25  
ARG C   OXT  sing N N 26  
ARG CB  CG   sing N N 27  
ARG CB  HB2  sing N N 28  
ARG CB  HB3  sing N N 29  
ARG CG  CD   sing N N 30  
ARG CG  HG2  sing N N 31  
ARG CG  HG3  sing N N 32  
ARG CD  NE   sing N N 33  
ARG CD  HD2  sing N N 34  
ARG CD  HD3  sing N N 35  
ARG NE  CZ   sing N N 36  
ARG NE  HE   sing N N 37  
ARG CZ  NH1  sing N N 38  
ARG CZ  NH2  doub N N 39  
ARG NH1 HH11 sing N N 40  
ARG NH1 HH12 sing N N 41  
ARG NH2 HH21 sing N N 42  
ARG NH2 HH22 sing N N 43  
ARG OXT HXT  sing N N 44  
ASN N   CA   sing N N 45  
ASN N   H    sing N N 46  
ASN N   H2   sing N N 47  
ASN CA  C    sing N N 48  
ASN CA  CB   sing N N 49  
ASN CA  HA   sing N N 50  
ASN C   O    doub N N 51  
ASN C   OXT  sing N N 52  
ASN CB  CG   sing N N 53  
ASN CB  HB2  sing N N 54  
ASN CB  HB3  sing N N 55  
ASN CG  OD1  doub N N 56  
ASN CG  ND2  sing N N 57  
ASN ND2 HD21 sing N N 58  
ASN ND2 HD22 sing N N 59  
ASN OXT HXT  sing N N 60  
ASP N   CA   sing N N 61  
ASP N   H    sing N N 62  
ASP N   H2   sing N N 63  
ASP CA  C    sing N N 64  
ASP CA  CB   sing N N 65  
ASP CA  HA   sing N N 66  
ASP C   O    doub N N 67  
ASP C   OXT  sing N N 68  
ASP CB  CG   sing N N 69  
ASP CB  HB2  sing N N 70  
ASP CB  HB3  sing N N 71  
ASP CG  OD1  doub N N 72  
ASP CG  OD2  sing N N 73  
ASP OD2 HD2  sing N N 74  
ASP OXT HXT  sing N N 75  
CYS N   CA   sing N N 76  
CYS N   H    sing N N 77  
CYS N   H2   sing N N 78  
CYS CA  C    sing N N 79  
CYS CA  CB   sing N N 80  
CYS CA  HA   sing N N 81  
CYS C   O    doub N N 82  
CYS C   OXT  sing N N 83  
CYS CB  SG   sing N N 84  
CYS CB  HB2  sing N N 85  
CYS CB  HB3  sing N N 86  
CYS SG  HG   sing N N 87  
CYS OXT HXT  sing N N 88  
GLN N   CA   sing N N 89  
GLN N   H    sing N N 90  
GLN N   H2   sing N N 91  
GLN CA  C    sing N N 92  
GLN CA  CB   sing N N 93  
GLN CA  HA   sing N N 94  
GLN C   O    doub N N 95  
GLN C   OXT  sing N N 96  
GLN CB  CG   sing N N 97  
GLN CB  HB2  sing N N 98  
GLN CB  HB3  sing N N 99  
GLN CG  CD   sing N N 100 
GLN CG  HG2  sing N N 101 
GLN CG  HG3  sing N N 102 
GLN CD  OE1  doub N N 103 
GLN CD  NE2  sing N N 104 
GLN NE2 HE21 sing N N 105 
GLN NE2 HE22 sing N N 106 
GLN OXT HXT  sing N N 107 
GLU N   CA   sing N N 108 
GLU N   H    sing N N 109 
GLU N   H2   sing N N 110 
GLU CA  C    sing N N 111 
GLU CA  CB   sing N N 112 
GLU CA  HA   sing N N 113 
GLU C   O    doub N N 114 
GLU C   OXT  sing N N 115 
GLU CB  CG   sing N N 116 
GLU CB  HB2  sing N N 117 
GLU CB  HB3  sing N N 118 
GLU CG  CD   sing N N 119 
GLU CG  HG2  sing N N 120 
GLU CG  HG3  sing N N 121 
GLU CD  OE1  doub N N 122 
GLU CD  OE2  sing N N 123 
GLU OE2 HE2  sing N N 124 
GLU OXT HXT  sing N N 125 
GLY N   CA   sing N N 126 
GLY N   H    sing N N 127 
GLY N   H2   sing N N 128 
GLY CA  C    sing N N 129 
GLY CA  HA2  sing N N 130 
GLY CA  HA3  sing N N 131 
GLY C   O    doub N N 132 
GLY C   OXT  sing N N 133 
GLY OXT HXT  sing N N 134 
HIS N   CA   sing N N 135 
HIS N   H    sing N N 136 
HIS N   H2   sing N N 137 
HIS CA  C    sing N N 138 
HIS CA  CB   sing N N 139 
HIS CA  HA   sing N N 140 
HIS C   O    doub N N 141 
HIS C   OXT  sing N N 142 
HIS CB  CG   sing N N 143 
HIS CB  HB2  sing N N 144 
HIS CB  HB3  sing N N 145 
HIS CG  ND1  sing Y N 146 
HIS CG  CD2  doub Y N 147 
HIS ND1 CE1  doub Y N 148 
HIS ND1 HD1  sing N N 149 
HIS CD2 NE2  sing Y N 150 
HIS CD2 HD2  sing N N 151 
HIS CE1 NE2  sing Y N 152 
HIS CE1 HE1  sing N N 153 
HIS NE2 HE2  sing N N 154 
HIS OXT HXT  sing N N 155 
HOH O   H1   sing N N 156 
HOH O   H2   sing N N 157 
ILE N   CA   sing N N 158 
ILE N   H    sing N N 159 
ILE N   H2   sing N N 160 
ILE CA  C    sing N N 161 
ILE CA  CB   sing N N 162 
ILE CA  HA   sing N N 163 
ILE C   O    doub N N 164 
ILE C   OXT  sing N N 165 
ILE CB  CG1  sing N N 166 
ILE CB  CG2  sing N N 167 
ILE CB  HB   sing N N 168 
ILE CG1 CD1  sing N N 169 
ILE CG1 HG12 sing N N 170 
ILE CG1 HG13 sing N N 171 
ILE CG2 HG21 sing N N 172 
ILE CG2 HG22 sing N N 173 
ILE CG2 HG23 sing N N 174 
ILE CD1 HD11 sing N N 175 
ILE CD1 HD12 sing N N 176 
ILE CD1 HD13 sing N N 177 
ILE OXT HXT  sing N N 178 
IMD N1  C2   sing Y N 179 
IMD N1  C5   sing Y N 180 
IMD N1  HN1  sing N N 181 
IMD C2  N3   doub Y N 182 
IMD C2  H2   sing N N 183 
IMD N3  C4   sing Y N 184 
IMD N3  HN3  sing N N 185 
IMD C4  C5   doub Y N 186 
IMD C4  H4   sing N N 187 
IMD C5  H5   sing N N 188 
LEU N   CA   sing N N 189 
LEU N   H    sing N N 190 
LEU N   H2   sing N N 191 
LEU CA  C    sing N N 192 
LEU CA  CB   sing N N 193 
LEU CA  HA   sing N N 194 
LEU C   O    doub N N 195 
LEU C   OXT  sing N N 196 
LEU CB  CG   sing N N 197 
LEU CB  HB2  sing N N 198 
LEU CB  HB3  sing N N 199 
LEU CG  CD1  sing N N 200 
LEU CG  CD2  sing N N 201 
LEU CG  HG   sing N N 202 
LEU CD1 HD11 sing N N 203 
LEU CD1 HD12 sing N N 204 
LEU CD1 HD13 sing N N 205 
LEU CD2 HD21 sing N N 206 
LEU CD2 HD22 sing N N 207 
LEU CD2 HD23 sing N N 208 
LEU OXT HXT  sing N N 209 
LYS N   CA   sing N N 210 
LYS N   H    sing N N 211 
LYS N   H2   sing N N 212 
LYS CA  C    sing N N 213 
LYS CA  CB   sing N N 214 
LYS CA  HA   sing N N 215 
LYS C   O    doub N N 216 
LYS C   OXT  sing N N 217 
LYS CB  CG   sing N N 218 
LYS CB  HB2  sing N N 219 
LYS CB  HB3  sing N N 220 
LYS CG  CD   sing N N 221 
LYS CG  HG2  sing N N 222 
LYS CG  HG3  sing N N 223 
LYS CD  CE   sing N N 224 
LYS CD  HD2  sing N N 225 
LYS CD  HD3  sing N N 226 
LYS CE  NZ   sing N N 227 
LYS CE  HE2  sing N N 228 
LYS CE  HE3  sing N N 229 
LYS NZ  HZ1  sing N N 230 
LYS NZ  HZ2  sing N N 231 
LYS NZ  HZ3  sing N N 232 
LYS OXT HXT  sing N N 233 
MET N   CA   sing N N 234 
MET N   H    sing N N 235 
MET N   H2   sing N N 236 
MET CA  C    sing N N 237 
MET CA  CB   sing N N 238 
MET CA  HA   sing N N 239 
MET C   O    doub N N 240 
MET C   OXT  sing N N 241 
MET CB  CG   sing N N 242 
MET CB  HB2  sing N N 243 
MET CB  HB3  sing N N 244 
MET CG  SD   sing N N 245 
MET CG  HG2  sing N N 246 
MET CG  HG3  sing N N 247 
MET SD  CE   sing N N 248 
MET CE  HE1  sing N N 249 
MET CE  HE2  sing N N 250 
MET CE  HE3  sing N N 251 
MET OXT HXT  sing N N 252 
PHE N   CA   sing N N 253 
PHE N   H    sing N N 254 
PHE N   H2   sing N N 255 
PHE CA  C    sing N N 256 
PHE CA  CB   sing N N 257 
PHE CA  HA   sing N N 258 
PHE C   O    doub N N 259 
PHE C   OXT  sing N N 260 
PHE CB  CG   sing N N 261 
PHE CB  HB2  sing N N 262 
PHE CB  HB3  sing N N 263 
PHE CG  CD1  doub Y N 264 
PHE CG  CD2  sing Y N 265 
PHE CD1 CE1  sing Y N 266 
PHE CD1 HD1  sing N N 267 
PHE CD2 CE2  doub Y N 268 
PHE CD2 HD2  sing N N 269 
PHE CE1 CZ   doub Y N 270 
PHE CE1 HE1  sing N N 271 
PHE CE2 CZ   sing Y N 272 
PHE CE2 HE2  sing N N 273 
PHE CZ  HZ   sing N N 274 
PHE OXT HXT  sing N N 275 
PRO N   CA   sing N N 276 
PRO N   CD   sing N N 277 
PRO N   H    sing N N 278 
PRO CA  C    sing N N 279 
PRO CA  CB   sing N N 280 
PRO CA  HA   sing N N 281 
PRO C   O    doub N N 282 
PRO C   OXT  sing N N 283 
PRO CB  CG   sing N N 284 
PRO CB  HB2  sing N N 285 
PRO CB  HB3  sing N N 286 
PRO CG  CD   sing N N 287 
PRO CG  HG2  sing N N 288 
PRO CG  HG3  sing N N 289 
PRO CD  HD2  sing N N 290 
PRO CD  HD3  sing N N 291 
PRO OXT HXT  sing N N 292 
SER N   CA   sing N N 293 
SER N   H    sing N N 294 
SER N   H2   sing N N 295 
SER CA  C    sing N N 296 
SER CA  CB   sing N N 297 
SER CA  HA   sing N N 298 
SER C   O    doub N N 299 
SER C   OXT  sing N N 300 
SER CB  OG   sing N N 301 
SER CB  HB2  sing N N 302 
SER CB  HB3  sing N N 303 
SER OG  HG   sing N N 304 
SER OXT HXT  sing N N 305 
THR N   CA   sing N N 306 
THR N   H    sing N N 307 
THR N   H2   sing N N 308 
THR CA  C    sing N N 309 
THR CA  CB   sing N N 310 
THR CA  HA   sing N N 311 
THR C   O    doub N N 312 
THR C   OXT  sing N N 313 
THR CB  OG1  sing N N 314 
THR CB  CG2  sing N N 315 
THR CB  HB   sing N N 316 
THR OG1 HG1  sing N N 317 
THR CG2 HG21 sing N N 318 
THR CG2 HG22 sing N N 319 
THR CG2 HG23 sing N N 320 
THR OXT HXT  sing N N 321 
TRP N   CA   sing N N 322 
TRP N   H    sing N N 323 
TRP N   H2   sing N N 324 
TRP CA  C    sing N N 325 
TRP CA  CB   sing N N 326 
TRP CA  HA   sing N N 327 
TRP C   O    doub N N 328 
TRP C   OXT  sing N N 329 
TRP CB  CG   sing N N 330 
TRP CB  HB2  sing N N 331 
TRP CB  HB3  sing N N 332 
TRP CG  CD1  doub Y N 333 
TRP CG  CD2  sing Y N 334 
TRP CD1 NE1  sing Y N 335 
TRP CD1 HD1  sing N N 336 
TRP CD2 CE2  doub Y N 337 
TRP CD2 CE3  sing Y N 338 
TRP NE1 CE2  sing Y N 339 
TRP NE1 HE1  sing N N 340 
TRP CE2 CZ2  sing Y N 341 
TRP CE3 CZ3  doub Y N 342 
TRP CE3 HE3  sing N N 343 
TRP CZ2 CH2  doub Y N 344 
TRP CZ2 HZ2  sing N N 345 
TRP CZ3 CH2  sing Y N 346 
TRP CZ3 HZ3  sing N N 347 
TRP CH2 HH2  sing N N 348 
TRP OXT HXT  sing N N 349 
TYR N   CA   sing N N 350 
TYR N   H    sing N N 351 
TYR N   H2   sing N N 352 
TYR CA  C    sing N N 353 
TYR CA  CB   sing N N 354 
TYR CA  HA   sing N N 355 
TYR C   O    doub N N 356 
TYR C   OXT  sing N N 357 
TYR CB  CG   sing N N 358 
TYR CB  HB2  sing N N 359 
TYR CB  HB3  sing N N 360 
TYR CG  CD1  doub Y N 361 
TYR CG  CD2  sing Y N 362 
TYR CD1 CE1  sing Y N 363 
TYR CD1 HD1  sing N N 364 
TYR CD2 CE2  doub Y N 365 
TYR CD2 HD2  sing N N 366 
TYR CE1 CZ   doub Y N 367 
TYR CE1 HE1  sing N N 368 
TYR CE2 CZ   sing Y N 369 
TYR CE2 HE2  sing N N 370 
TYR CZ  OH   sing N N 371 
TYR OH  HH   sing N N 372 
TYR OXT HXT  sing N N 373 
VAL N   CA   sing N N 374 
VAL N   H    sing N N 375 
VAL N   H2   sing N N 376 
VAL CA  C    sing N N 377 
VAL CA  CB   sing N N 378 
VAL CA  HA   sing N N 379 
VAL C   O    doub N N 380 
VAL C   OXT  sing N N 381 
VAL CB  CG1  sing N N 382 
VAL CB  CG2  sing N N 383 
VAL CB  HB   sing N N 384 
VAL CG1 HG11 sing N N 385 
VAL CG1 HG12 sing N N 386 
VAL CG1 HG13 sing N N 387 
VAL CG2 HG21 sing N N 388 
VAL CG2 HG22 sing N N 389 
VAL CG2 HG23 sing N N 390 
VAL OXT HXT  sing N N 391 
# 
loop_
_pdbx_entity_nonpoly.entity_id 
_pdbx_entity_nonpoly.name 
_pdbx_entity_nonpoly.comp_id 
2 'ZINC ION'     ZN  
3 'CHLORIDE ION' CL  
4 IMIDAZOLE      IMD 
5 'ACETATE ION'  ACT 
6 water          HOH 
# 
_pdbx_initial_refinement_model.id               1 
_pdbx_initial_refinement_model.entity_id_list   ? 
_pdbx_initial_refinement_model.type             'experimental model' 
_pdbx_initial_refinement_model.source_name      PDB 
_pdbx_initial_refinement_model.accession_code   1UZX 
_pdbx_initial_refinement_model.details          'PDB ENTRY 1UZX' 
# 
